data_6UT9
# 
_entry.id   6UT9 
# 
_audit_conform.dict_name       mmcif_pdbx.dic 
_audit_conform.dict_version    5.380 
_audit_conform.dict_location   http://mmcif.pdb.org/dictionaries/ascii/mmcif_pdbx.dic 
# 
loop_
_database_2.database_id 
_database_2.database_code 
_database_2.pdbx_database_accession 
_database_2.pdbx_DOI 
PDB   6UT9         pdb_00006ut9 10.2210/pdb6ut9/pdb 
WWPDB D_1000245189 ?            ?                   
# 
_pdbx_database_status.status_code                     REL 
_pdbx_database_status.status_code_sf                  REL 
_pdbx_database_status.status_code_mr                  ? 
_pdbx_database_status.entry_id                        6UT9 
_pdbx_database_status.recvd_initial_deposition_date   2019-10-29 
_pdbx_database_status.SG_entry                        N 
_pdbx_database_status.deposit_site                    RCSB 
_pdbx_database_status.process_site                    RCSB 
_pdbx_database_status.status_code_cs                  ? 
_pdbx_database_status.methods_development_category    ? 
_pdbx_database_status.pdb_format_compatible           Y 
_pdbx_database_status.status_code_nmr_data            ? 
# 
loop_
_audit_author.name 
_audit_author.pdbx_ordinal 
_audit_author.identifier_ORCID 
'Xu, S.'        1 0000-0002-9903-1944 
'Stuckert, M.'  2 ?                   
'Burnside, R.'  3 ?                   
'McGinnis, K.'  4 ?                   
'Jiang, X.'     5 ?                   
'Kennedy, M.A.' 6 ?                   
# 
_citation.abstract                  ? 
_citation.abstract_id_CAS           ? 
_citation.book_id_ISBN              ? 
_citation.book_publisher            ? 
_citation.book_publisher_city       ? 
_citation.book_title                ? 
_citation.coordinate_linkage        ? 
_citation.country                   US 
_citation.database_id_Medline       ? 
_citation.details                   ? 
_citation.id                        primary 
_citation.journal_abbrev            Proc.Natl.Acad.Sci.USA 
_citation.journal_id_ASTM           PNASA6 
_citation.journal_id_CSD            0040 
_citation.journal_id_ISSN           1091-6490 
_citation.journal_full              ? 
_citation.journal_issue             ? 
_citation.journal_volume            118 
_citation.language                  ? 
_citation.page_first                ? 
_citation.page_last                 ? 
_citation.title                     
'Structural basis of P[II] rotavirus evolution and host ranges under selection of histo-blood group antigens.' 
_citation.year                      2021 
_citation.database_id_CSD           ? 
_citation.pdbx_database_id_DOI      10.1073/pnas.2107963118 
_citation.pdbx_database_id_PubMed   34475219 
_citation.unpublished_flag          ? 
# 
loop_
_citation_author.citation_id 
_citation_author.name 
_citation_author.ordinal 
_citation_author.identifier_ORCID 
primary 'Xu, S.'         1  0000-0002-9903-1944 
primary 'McGinnis, K.R.' 2  ?                   
primary 'Liu, Y.'        3  ?                   
primary 'Huang, P.'      4  0000-0002-8439-3088 
primary 'Tan, M.'        5  0000-0002-6489-5507 
primary 'Stuckert, M.R.' 6  ?                   
primary 'Burnside, R.E.' 7  ?                   
primary 'Jacob, E.G.'    8  ?                   
primary 'Ni, S.'         9  ?                   
primary 'Jiang, X.'      10 ?                   
primary 'Kennedy, M.A.'  11 0000-0001-6462-665X 
# 
_cell.angle_alpha                  90.000 
_cell.angle_alpha_esd              ? 
_cell.angle_beta                   94.640 
_cell.angle_beta_esd               ? 
_cell.angle_gamma                  90.000 
_cell.angle_gamma_esd              ? 
_cell.entry_id                     6UT9 
_cell.details                      ? 
_cell.formula_units_Z              ? 
_cell.length_a                     47.040 
_cell.length_a_esd                 ? 
_cell.length_b                     32.448 
_cell.length_b_esd                 ? 
_cell.length_c                     50.997 
_cell.length_c_esd                 ? 
_cell.volume                       ? 
_cell.volume_esd                   ? 
_cell.Z_PDB                        2 
_cell.reciprocal_angle_alpha       ? 
_cell.reciprocal_angle_beta        ? 
_cell.reciprocal_angle_gamma       ? 
_cell.reciprocal_angle_alpha_esd   ? 
_cell.reciprocal_angle_beta_esd    ? 
_cell.reciprocal_angle_gamma_esd   ? 
_cell.reciprocal_length_a          ? 
_cell.reciprocal_length_b          ? 
_cell.reciprocal_length_c          ? 
_cell.reciprocal_length_a_esd      ? 
_cell.reciprocal_length_b_esd      ? 
_cell.reciprocal_length_c_esd      ? 
_cell.pdbx_unique_axis             ? 
# 
_symmetry.entry_id                         6UT9 
_symmetry.cell_setting                     ? 
_symmetry.Int_Tables_number                4 
_symmetry.space_group_name_Hall            ? 
_symmetry.space_group_name_H-M             'P 1 21 1' 
_symmetry.pdbx_full_space_group_name_H-M   ? 
# 
loop_
_entity.id 
_entity.type 
_entity.src_method 
_entity.pdbx_description 
_entity.formula_weight 
_entity.pdbx_number_of_molecules 
_entity.pdbx_ec 
_entity.pdbx_mutation 
_entity.pdbx_fragment 
_entity.details 
1 polymer man 'Outer capsid protein VP4' 18481.270 1   ? ? ? ? 
2 water   nat water                      18.015    136 ? ? ? ? 
# 
_entity_poly.entity_id                      1 
_entity_poly.type                           'polypeptide(L)' 
_entity_poly.nstd_linkage                   no 
_entity_poly.nstd_monomer                   no 
_entity_poly.pdbx_seq_one_letter_code       
;GSVLDGPYQPTTFKPPNDYWLLISSNTDGVVYESTNNSDFWTAVIAVEPHVSQTNRQYVLFGENKQFNVENNSDKWKFFE
MFKGSGQSDFSNRRTLTSNNRLVGMLKYGGRVWTFHGETPRATTDSSNTADLNNISIIIHSEFYIIPRSQESKCNEYINN
GL
;
_entity_poly.pdbx_seq_one_letter_code_can   
;GSVLDGPYQPTTFKPPNDYWLLISSNTDGVVYESTNNSDFWTAVIAVEPHVSQTNRQYVLFGENKQFNVENNSDKWKFFE
MFKGSGQSDFSNRRTLTSNNRLVGMLKYGGRVWTFHGETPRATTDSSNTADLNNISIIIHSEFYIIPRSQESKCNEYINN
GL
;
_entity_poly.pdbx_strand_id                 A 
_entity_poly.pdbx_target_identifier         ? 
# 
loop_
_entity_poly_seq.entity_id 
_entity_poly_seq.num 
_entity_poly_seq.mon_id 
_entity_poly_seq.hetero 
1 1   GLY n 
1 2   SER n 
1 3   VAL n 
1 4   LEU n 
1 5   ASP n 
1 6   GLY n 
1 7   PRO n 
1 8   TYR n 
1 9   GLN n 
1 10  PRO n 
1 11  THR n 
1 12  THR n 
1 13  PHE n 
1 14  LYS n 
1 15  PRO n 
1 16  PRO n 
1 17  ASN n 
1 18  ASP n 
1 19  TYR n 
1 20  TRP n 
1 21  LEU n 
1 22  LEU n 
1 23  ILE n 
1 24  SER n 
1 25  SER n 
1 26  ASN n 
1 27  THR n 
1 28  ASP n 
1 29  GLY n 
1 30  VAL n 
1 31  VAL n 
1 32  TYR n 
1 33  GLU n 
1 34  SER n 
1 35  THR n 
1 36  ASN n 
1 37  ASN n 
1 38  SER n 
1 39  ASP n 
1 40  PHE n 
1 41  TRP n 
1 42  THR n 
1 43  ALA n 
1 44  VAL n 
1 45  ILE n 
1 46  ALA n 
1 47  VAL n 
1 48  GLU n 
1 49  PRO n 
1 50  HIS n 
1 51  VAL n 
1 52  SER n 
1 53  GLN n 
1 54  THR n 
1 55  ASN n 
1 56  ARG n 
1 57  GLN n 
1 58  TYR n 
1 59  VAL n 
1 60  LEU n 
1 61  PHE n 
1 62  GLY n 
1 63  GLU n 
1 64  ASN n 
1 65  LYS n 
1 66  GLN n 
1 67  PHE n 
1 68  ASN n 
1 69  VAL n 
1 70  GLU n 
1 71  ASN n 
1 72  ASN n 
1 73  SER n 
1 74  ASP n 
1 75  LYS n 
1 76  TRP n 
1 77  LYS n 
1 78  PHE n 
1 79  PHE n 
1 80  GLU n 
1 81  MET n 
1 82  PHE n 
1 83  LYS n 
1 84  GLY n 
1 85  SER n 
1 86  GLY n 
1 87  GLN n 
1 88  SER n 
1 89  ASP n 
1 90  PHE n 
1 91  SER n 
1 92  ASN n 
1 93  ARG n 
1 94  ARG n 
1 95  THR n 
1 96  LEU n 
1 97  THR n 
1 98  SER n 
1 99  ASN n 
1 100 ASN n 
1 101 ARG n 
1 102 LEU n 
1 103 VAL n 
1 104 GLY n 
1 105 MET n 
1 106 LEU n 
1 107 LYS n 
1 108 TYR n 
1 109 GLY n 
1 110 GLY n 
1 111 ARG n 
1 112 VAL n 
1 113 TRP n 
1 114 THR n 
1 115 PHE n 
1 116 HIS n 
1 117 GLY n 
1 118 GLU n 
1 119 THR n 
1 120 PRO n 
1 121 ARG n 
1 122 ALA n 
1 123 THR n 
1 124 THR n 
1 125 ASP n 
1 126 SER n 
1 127 SER n 
1 128 ASN n 
1 129 THR n 
1 130 ALA n 
1 131 ASP n 
1 132 LEU n 
1 133 ASN n 
1 134 ASN n 
1 135 ILE n 
1 136 SER n 
1 137 ILE n 
1 138 ILE n 
1 139 ILE n 
1 140 HIS n 
1 141 SER n 
1 142 GLU n 
1 143 PHE n 
1 144 TYR n 
1 145 ILE n 
1 146 ILE n 
1 147 PRO n 
1 148 ARG n 
1 149 SER n 
1 150 GLN n 
1 151 GLU n 
1 152 SER n 
1 153 LYS n 
1 154 CYS n 
1 155 ASN n 
1 156 GLU n 
1 157 TYR n 
1 158 ILE n 
1 159 ASN n 
1 160 ASN n 
1 161 GLY n 
1 162 LEU n 
# 
_entity_src_gen.entity_id                          1 
_entity_src_gen.pdbx_src_id                        1 
_entity_src_gen.pdbx_alt_source_flag               sample 
_entity_src_gen.pdbx_seq_type                      'Biological sequence' 
_entity_src_gen.pdbx_beg_seq_num                   1 
_entity_src_gen.pdbx_end_seq_num                   162 
_entity_src_gen.gene_src_common_name               ? 
_entity_src_gen.gene_src_genus                     ? 
_entity_src_gen.pdbx_gene_src_gene                 VP4 
_entity_src_gen.gene_src_species                   ? 
_entity_src_gen.gene_src_strain                    ? 
_entity_src_gen.gene_src_tissue                    ? 
_entity_src_gen.gene_src_tissue_fraction           ? 
_entity_src_gen.gene_src_details                   ? 
_entity_src_gen.pdbx_gene_src_fragment             ? 
_entity_src_gen.pdbx_gene_src_scientific_name      'Human rotavirus A' 
_entity_src_gen.pdbx_gene_src_ncbi_taxonomy_id     10941 
_entity_src_gen.pdbx_gene_src_variant              ? 
_entity_src_gen.pdbx_gene_src_cell_line            ? 
_entity_src_gen.pdbx_gene_src_atcc                 ? 
_entity_src_gen.pdbx_gene_src_organ                ? 
_entity_src_gen.pdbx_gene_src_organelle            ? 
_entity_src_gen.pdbx_gene_src_cell                 ? 
_entity_src_gen.pdbx_gene_src_cellular_location    ? 
_entity_src_gen.host_org_common_name               ? 
_entity_src_gen.pdbx_host_org_scientific_name      'Escherichia coli' 
_entity_src_gen.pdbx_host_org_ncbi_taxonomy_id     562 
_entity_src_gen.host_org_genus                     ? 
_entity_src_gen.pdbx_host_org_gene                 ? 
_entity_src_gen.pdbx_host_org_organ                ? 
_entity_src_gen.host_org_species                   ? 
_entity_src_gen.pdbx_host_org_tissue               ? 
_entity_src_gen.pdbx_host_org_tissue_fraction      ? 
_entity_src_gen.pdbx_host_org_strain               ? 
_entity_src_gen.pdbx_host_org_variant              ? 
_entity_src_gen.pdbx_host_org_cell_line            ? 
_entity_src_gen.pdbx_host_org_atcc                 ? 
_entity_src_gen.pdbx_host_org_culture_collection   ? 
_entity_src_gen.pdbx_host_org_cell                 ? 
_entity_src_gen.pdbx_host_org_organelle            ? 
_entity_src_gen.pdbx_host_org_cellular_location    ? 
_entity_src_gen.pdbx_host_org_vector_type          ? 
_entity_src_gen.pdbx_host_org_vector               ? 
_entity_src_gen.host_org_details                   ? 
_entity_src_gen.expression_system_id               ? 
_entity_src_gen.plasmid_name                       ? 
_entity_src_gen.plasmid_details                    ? 
_entity_src_gen.pdbx_description                   ? 
# 
_struct_ref.id                         1 
_struct_ref.db_name                    UNP 
_struct_ref.db_code                    E9BVI9_9REOV 
_struct_ref.pdbx_db_accession          E9BVI9 
_struct_ref.pdbx_db_isoform            ? 
_struct_ref.entity_id                  1 
_struct_ref.pdbx_seq_one_letter_code   
;VLDGPYQPTTFKPPNDYWLLISSNTDGVVYESTNNSDFWTAVIAVEPHVSQTNRQYVLFGENKQFNVENSSDKWKFFEMF
KGSSQSDFSNRRTLTSNNRLVGMLKYGGRVWTFHGETPRATTDSSNTADLNNISIIIHSEFYIIPRSQESKCNEYINNGL

;
_struct_ref.pdbx_align_begin           15 
# 
_struct_ref_seq.align_id                      1 
_struct_ref_seq.ref_id                        1 
_struct_ref_seq.pdbx_PDB_id_code              6UT9 
_struct_ref_seq.pdbx_strand_id                A 
_struct_ref_seq.seq_align_beg                 3 
_struct_ref_seq.pdbx_seq_align_beg_ins_code   ? 
_struct_ref_seq.seq_align_end                 162 
_struct_ref_seq.pdbx_seq_align_end_ins_code   ? 
_struct_ref_seq.pdbx_db_accession             E9BVI9 
_struct_ref_seq.db_align_beg                  15 
_struct_ref_seq.pdbx_db_align_beg_ins_code    ? 
_struct_ref_seq.db_align_end                  174 
_struct_ref_seq.pdbx_db_align_end_ins_code    ? 
_struct_ref_seq.pdbx_auth_seq_align_beg       1 
_struct_ref_seq.pdbx_auth_seq_align_end       160 
# 
loop_
_struct_ref_seq_dif.align_id 
_struct_ref_seq_dif.pdbx_pdb_id_code 
_struct_ref_seq_dif.mon_id 
_struct_ref_seq_dif.pdbx_pdb_strand_id 
_struct_ref_seq_dif.seq_num 
_struct_ref_seq_dif.pdbx_pdb_ins_code 
_struct_ref_seq_dif.pdbx_seq_db_name 
_struct_ref_seq_dif.pdbx_seq_db_accession_code 
_struct_ref_seq_dif.db_mon_id 
_struct_ref_seq_dif.pdbx_seq_db_seq_num 
_struct_ref_seq_dif.details 
_struct_ref_seq_dif.pdbx_auth_seq_num 
_struct_ref_seq_dif.pdbx_ordinal 
1 6UT9 GLY A 1  ? UNP E9BVI9 ?   ?  'expression tag' -1 1 
1 6UT9 SER A 2  ? UNP E9BVI9 ?   ?  'expression tag' 0  2 
1 6UT9 ASN A 72 ? UNP E9BVI9 SER 84 conflict         70 3 
1 6UT9 GLY A 86 ? UNP E9BVI9 SER 98 conflict         84 4 
# 
loop_
_chem_comp.id 
_chem_comp.type 
_chem_comp.mon_nstd_flag 
_chem_comp.name 
_chem_comp.pdbx_synonyms 
_chem_comp.formula 
_chem_comp.formula_weight 
ALA 'L-peptide linking' y ALANINE         ? 'C3 H7 N O2'     89.093  
ARG 'L-peptide linking' y ARGININE        ? 'C6 H15 N4 O2 1' 175.209 
ASN 'L-peptide linking' y ASPARAGINE      ? 'C4 H8 N2 O3'    132.118 
ASP 'L-peptide linking' y 'ASPARTIC ACID' ? 'C4 H7 N O4'     133.103 
CYS 'L-peptide linking' y CYSTEINE        ? 'C3 H7 N O2 S'   121.158 
GLN 'L-peptide linking' y GLUTAMINE       ? 'C5 H10 N2 O3'   146.144 
GLU 'L-peptide linking' y 'GLUTAMIC ACID' ? 'C5 H9 N O4'     147.129 
GLY 'peptide linking'   y GLYCINE         ? 'C2 H5 N O2'     75.067  
HIS 'L-peptide linking' y HISTIDINE       ? 'C6 H10 N3 O2 1' 156.162 
HOH non-polymer         . WATER           ? 'H2 O'           18.015  
ILE 'L-peptide linking' y ISOLEUCINE      ? 'C6 H13 N O2'    131.173 
LEU 'L-peptide linking' y LEUCINE         ? 'C6 H13 N O2'    131.173 
LYS 'L-peptide linking' y LYSINE          ? 'C6 H15 N2 O2 1' 147.195 
MET 'L-peptide linking' y METHIONINE      ? 'C5 H11 N O2 S'  149.211 
PHE 'L-peptide linking' y PHENYLALANINE   ? 'C9 H11 N O2'    165.189 
PRO 'L-peptide linking' y PROLINE         ? 'C5 H9 N O2'     115.130 
SER 'L-peptide linking' y SERINE          ? 'C3 H7 N O3'     105.093 
THR 'L-peptide linking' y THREONINE       ? 'C4 H9 N O3'     119.119 
TRP 'L-peptide linking' y TRYPTOPHAN      ? 'C11 H12 N2 O2'  204.225 
TYR 'L-peptide linking' y TYROSINE        ? 'C9 H11 N O3'    181.189 
VAL 'L-peptide linking' y VALINE          ? 'C5 H11 N O2'    117.146 
# 
_exptl.absorpt_coefficient_mu     ? 
_exptl.absorpt_correction_T_max   ? 
_exptl.absorpt_correction_T_min   ? 
_exptl.absorpt_correction_type    ? 
_exptl.absorpt_process_details    ? 
_exptl.entry_id                   6UT9 
_exptl.crystals_number            1 
_exptl.details                    ? 
_exptl.method                     'X-RAY DIFFRACTION' 
_exptl.method_details             ? 
# 
_exptl_crystal.colour                      ? 
_exptl_crystal.density_diffrn              ? 
_exptl_crystal.density_Matthews            2.12 
_exptl_crystal.density_method              ? 
_exptl_crystal.density_percent_sol         42.07 
_exptl_crystal.description                 ? 
_exptl_crystal.F_000                       ? 
_exptl_crystal.id                          1 
_exptl_crystal.preparation                 ? 
_exptl_crystal.size_max                    ? 
_exptl_crystal.size_mid                    ? 
_exptl_crystal.size_min                    ? 
_exptl_crystal.size_rad                    ? 
_exptl_crystal.colour_lustre               ? 
_exptl_crystal.colour_modifier             ? 
_exptl_crystal.colour_primary              ? 
_exptl_crystal.density_meas                ? 
_exptl_crystal.density_meas_esd            ? 
_exptl_crystal.density_meas_gt             ? 
_exptl_crystal.density_meas_lt             ? 
_exptl_crystal.density_meas_temp           ? 
_exptl_crystal.density_meas_temp_esd       ? 
_exptl_crystal.density_meas_temp_gt        ? 
_exptl_crystal.density_meas_temp_lt        ? 
_exptl_crystal.pdbx_crystal_image_url      ? 
_exptl_crystal.pdbx_crystal_image_format   ? 
_exptl_crystal.pdbx_mosaicity              ? 
_exptl_crystal.pdbx_mosaicity_esd          ? 
# 
_exptl_crystal_grow.apparatus       ? 
_exptl_crystal_grow.atmosphere      ? 
_exptl_crystal_grow.crystal_id      1 
_exptl_crystal_grow.details         ? 
_exptl_crystal_grow.method          'VAPOR DIFFUSION, HANGING DROP' 
_exptl_crystal_grow.method_ref      ? 
_exptl_crystal_grow.pH              7.8 
_exptl_crystal_grow.pressure        ? 
_exptl_crystal_grow.pressure_esd    ? 
_exptl_crystal_grow.seeding         ? 
_exptl_crystal_grow.seeding_ref     ? 
_exptl_crystal_grow.temp            298.0 
_exptl_crystal_grow.temp_details    ? 
_exptl_crystal_grow.temp_esd        ? 
_exptl_crystal_grow.time            ? 
_exptl_crystal_grow.pdbx_details    
;0.1 M BIS-TRIS pH 5.5,
25% w/v Polyethylene glycol 3,350
;
_exptl_crystal_grow.pdbx_pH_range   7.4-7.8 
# 
_diffrn.ambient_environment              ? 
_diffrn.ambient_temp                     100 
_diffrn.ambient_temp_details             ? 
_diffrn.ambient_temp_esd                 ? 
_diffrn.crystal_id                       1 
_diffrn.crystal_support                  ? 
_diffrn.crystal_treatment                ? 
_diffrn.details                          ? 
_diffrn.id                               1 
_diffrn.ambient_pressure                 ? 
_diffrn.ambient_pressure_esd             ? 
_diffrn.ambient_pressure_gt              ? 
_diffrn.ambient_pressure_lt              ? 
_diffrn.ambient_temp_gt                  ? 
_diffrn.ambient_temp_lt                  ? 
_diffrn.pdbx_serial_crystal_experiment   N 
# 
_diffrn_detector.details                      ? 
_diffrn_detector.detector                     PIXEL 
_diffrn_detector.diffrn_id                    1 
_diffrn_detector.type                         'DECTRIS PILATUS3 S 6M' 
_diffrn_detector.area_resol_mean              ? 
_diffrn_detector.dtime                        ? 
_diffrn_detector.pdbx_frames_total            ? 
_diffrn_detector.pdbx_collection_time_total   ? 
_diffrn_detector.pdbx_collection_date         2019-07-06 
_diffrn_detector.pdbx_frequency               ? 
# 
_diffrn_radiation.collimation                      ? 
_diffrn_radiation.diffrn_id                        1 
_diffrn_radiation.filter_edge                      ? 
_diffrn_radiation.inhomogeneity                    ? 
_diffrn_radiation.monochromator                    'Kohzu HLD-4 Double Crystal' 
_diffrn_radiation.polarisn_norm                    ? 
_diffrn_radiation.polarisn_ratio                   ? 
_diffrn_radiation.probe                            ? 
_diffrn_radiation.type                             ? 
_diffrn_radiation.xray_symbol                      ? 
_diffrn_radiation.wavelength_id                    1 
_diffrn_radiation.pdbx_monochromatic_or_laue_m_l   M 
_diffrn_radiation.pdbx_wavelength_list             ? 
_diffrn_radiation.pdbx_wavelength                  ? 
_diffrn_radiation.pdbx_diffrn_protocol             'SINGLE WAVELENGTH' 
_diffrn_radiation.pdbx_analyzer                    ? 
_diffrn_radiation.pdbx_scattering_type             x-ray 
# 
_diffrn_radiation_wavelength.id           1 
_diffrn_radiation_wavelength.wavelength   0.97931 
_diffrn_radiation_wavelength.wt           1.0 
# 
_diffrn_source.current                     ? 
_diffrn_source.details                     ? 
_diffrn_source.diffrn_id                   1 
_diffrn_source.power                       ? 
_diffrn_source.size                        ? 
_diffrn_source.source                      SYNCHROTRON 
_diffrn_source.target                      ? 
_diffrn_source.type                        'APS BEAMLINE 31-ID' 
_diffrn_source.voltage                     ? 
_diffrn_source.take-off_angle              ? 
_diffrn_source.pdbx_wavelength_list        0.97931 
_diffrn_source.pdbx_wavelength             ? 
_diffrn_source.pdbx_synchrotron_beamline   31-ID 
_diffrn_source.pdbx_synchrotron_site       APS 
# 
_reflns.B_iso_Wilson_estimate            ? 
_reflns.entry_id                         6UT9 
_reflns.data_reduction_details           ? 
_reflns.data_reduction_method            ? 
_reflns.d_resolution_high                1.210 
_reflns.d_resolution_low                 50.830 
_reflns.details                          ? 
_reflns.limit_h_max                      ? 
_reflns.limit_h_min                      ? 
_reflns.limit_k_max                      ? 
_reflns.limit_k_min                      ? 
_reflns.limit_l_max                      ? 
_reflns.limit_l_min                      ? 
_reflns.number_all                       ? 
_reflns.number_obs                       44980 
_reflns.observed_criterion               ? 
_reflns.observed_criterion_F_max         ? 
_reflns.observed_criterion_F_min         ? 
_reflns.observed_criterion_I_max         ? 
_reflns.observed_criterion_I_min         ? 
_reflns.observed_criterion_sigma_F       ? 
_reflns.observed_criterion_sigma_I       ? 
_reflns.percent_possible_obs             95.100 
_reflns.R_free_details                   ? 
_reflns.Rmerge_F_all                     ? 
_reflns.Rmerge_F_obs                     ? 
_reflns.Friedel_coverage                 ? 
_reflns.number_gt                        ? 
_reflns.threshold_expression             ? 
_reflns.pdbx_redundancy                  3.300 
_reflns.pdbx_Rmerge_I_obs                0.053 
_reflns.pdbx_Rmerge_I_all                ? 
_reflns.pdbx_Rsym_value                  ? 
_reflns.pdbx_netI_over_av_sigmaI         ? 
_reflns.pdbx_netI_over_sigmaI            10.500 
_reflns.pdbx_res_netI_over_av_sigmaI_2   ? 
_reflns.pdbx_res_netI_over_sigmaI_2      ? 
_reflns.pdbx_chi_squared                 ? 
_reflns.pdbx_scaling_rejects             2 
_reflns.pdbx_d_res_high_opt              ? 
_reflns.pdbx_d_res_low_opt               ? 
_reflns.pdbx_d_res_opt_method            ? 
_reflns.phase_calculation_details        ? 
_reflns.pdbx_Rrim_I_all                  0.063 
_reflns.pdbx_Rpim_I_all                  0.034 
_reflns.pdbx_d_opt                       ? 
_reflns.pdbx_number_measured_all         148616 
_reflns.pdbx_diffrn_id                   1 
_reflns.pdbx_ordinal                     1 
_reflns.pdbx_CC_half                     0.998 
_reflns.pdbx_CC_star                     ? 
_reflns.pdbx_R_split                     ? 
# 
loop_
_reflns_shell.d_res_high 
_reflns_shell.d_res_low 
_reflns_shell.meanI_over_sigI_all 
_reflns_shell.meanI_over_sigI_obs 
_reflns_shell.number_measured_all 
_reflns_shell.number_measured_obs 
_reflns_shell.number_possible 
_reflns_shell.number_unique_all 
_reflns_shell.number_unique_obs 
_reflns_shell.percent_possible_all 
_reflns_shell.percent_possible_obs 
_reflns_shell.Rmerge_F_all 
_reflns_shell.Rmerge_F_obs 
_reflns_shell.Rmerge_I_all 
_reflns_shell.Rmerge_I_obs 
_reflns_shell.meanI_over_sigI_gt 
_reflns_shell.meanI_over_uI_all 
_reflns_shell.meanI_over_uI_gt 
_reflns_shell.number_measured_gt 
_reflns_shell.number_unique_gt 
_reflns_shell.percent_possible_gt 
_reflns_shell.Rmerge_F_gt 
_reflns_shell.Rmerge_I_gt 
_reflns_shell.pdbx_redundancy 
_reflns_shell.pdbx_Rsym_value 
_reflns_shell.pdbx_chi_squared 
_reflns_shell.pdbx_netI_over_sigmaI_all 
_reflns_shell.pdbx_netI_over_sigmaI_obs 
_reflns_shell.pdbx_Rrim_I_all 
_reflns_shell.pdbx_Rpim_I_all 
_reflns_shell.pdbx_rejects 
_reflns_shell.pdbx_ordinal 
_reflns_shell.pdbx_diffrn_id 
_reflns_shell.pdbx_CC_half 
_reflns_shell.pdbx_CC_star 
_reflns_shell.pdbx_R_split 
1.210 1.270  ? ? 21991 ? ? ? 6692 97.600 ? ? ? ? 0.434 ? ? ? ? ? ? ? ? 3.300 ? ? ? 2.500  0.521 0.282 ? 1 1 0.850 ? ? 
3.820 50.830 ? ? 4808  ? ? ? 1478 93.700 ? ? ? ? 0.034 ? ? ? ? ? ? ? ? 3.300 ? ? ? 27.100 0.040 0.022 ? 2 1 0.998 ? ? 
# 
_refine.aniso_B[1][1]                            0.7800 
_refine.aniso_B[1][2]                            -0.0000 
_refine.aniso_B[1][3]                            -0.5600 
_refine.aniso_B[2][2]                            -0.3400 
_refine.aniso_B[2][3]                            -0.0000 
_refine.aniso_B[3][3]                            -0.3400 
_refine.B_iso_max                                90.690 
_refine.B_iso_mean                               11.7460 
_refine.B_iso_min                                6.550 
_refine.correlation_coeff_Fo_to_Fc               0.9650 
_refine.correlation_coeff_Fo_to_Fc_free          0.9510 
_refine.details                                  
'HYDROGENS HAVE BEEN ADDED IN THE RIDING POSITIONS U VALUES      : REFINED INDIVIDUALLY' 
_refine.diff_density_max                         ? 
_refine.diff_density_max_esd                     ? 
_refine.diff_density_min                         ? 
_refine.diff_density_min_esd                     ? 
_refine.diff_density_rms                         ? 
_refine.diff_density_rms_esd                     ? 
_refine.entry_id                                 6UT9 
_refine.pdbx_refine_id                           'X-RAY DIFFRACTION' 
_refine.ls_abs_structure_details                 ? 
_refine.ls_abs_structure_Flack                   ? 
_refine.ls_abs_structure_Flack_esd               ? 
_refine.ls_abs_structure_Rogers                  ? 
_refine.ls_abs_structure_Rogers_esd              ? 
_refine.ls_d_res_high                            1.2100 
_refine.ls_d_res_low                             50.8300 
_refine.ls_extinction_coef                       ? 
_refine.ls_extinction_coef_esd                   ? 
_refine.ls_extinction_expression                 ? 
_refine.ls_extinction_method                     ? 
_refine.ls_goodness_of_fit_all                   ? 
_refine.ls_goodness_of_fit_all_esd               ? 
_refine.ls_goodness_of_fit_obs                   ? 
_refine.ls_goodness_of_fit_obs_esd               ? 
_refine.ls_hydrogen_treatment                    ? 
_refine.ls_matrix_type                           ? 
_refine.ls_number_constraints                    ? 
_refine.ls_number_parameters                     ? 
_refine.ls_number_reflns_all                     ? 
_refine.ls_number_reflns_obs                     42612 
_refine.ls_number_reflns_R_free                  2356 
_refine.ls_number_reflns_R_work                  ? 
_refine.ls_number_restraints                     ? 
_refine.ls_percent_reflns_obs                    94.7700 
_refine.ls_percent_reflns_R_free                 5.2000 
_refine.ls_R_factor_all                          ? 
_refine.ls_R_factor_obs                          0.1886 
_refine.ls_R_factor_R_free                       0.2113 
_refine.ls_R_factor_R_free_error                 ? 
_refine.ls_R_factor_R_free_error_details         ? 
_refine.ls_R_factor_R_work                       0.1873 
_refine.ls_R_Fsqd_factor_obs                     ? 
_refine.ls_R_I_factor_obs                        ? 
_refine.ls_redundancy_reflns_all                 ? 
_refine.ls_redundancy_reflns_obs                 ? 
_refine.ls_restrained_S_all                      ? 
_refine.ls_restrained_S_obs                      ? 
_refine.ls_shift_over_esd_max                    ? 
_refine.ls_shift_over_esd_mean                   ? 
_refine.ls_structure_factor_coef                 ? 
_refine.ls_weighting_details                     ? 
_refine.ls_weighting_scheme                      ? 
_refine.ls_wR_factor_all                         ? 
_refine.ls_wR_factor_obs                         ? 
_refine.ls_wR_factor_R_free                      ? 
_refine.ls_wR_factor_R_work                      ? 
_refine.occupancy_max                            ? 
_refine.occupancy_min                            ? 
_refine.solvent_model_details                    ? 
_refine.solvent_model_param_bsol                 ? 
_refine.solvent_model_param_ksol                 ? 
_refine.pdbx_R_complete                          ? 
_refine.ls_R_factor_gt                           ? 
_refine.ls_goodness_of_fit_gt                    ? 
_refine.ls_goodness_of_fit_ref                   ? 
_refine.ls_shift_over_su_max                     ? 
_refine.ls_shift_over_su_max_lt                  ? 
_refine.ls_shift_over_su_mean                    ? 
_refine.ls_shift_over_su_mean_lt                 ? 
_refine.pdbx_ls_sigma_I                          ? 
_refine.pdbx_ls_sigma_F                          0.000 
_refine.pdbx_ls_sigma_Fsqd                       ? 
_refine.pdbx_data_cutoff_high_absF               ? 
_refine.pdbx_data_cutoff_high_rms_absF           ? 
_refine.pdbx_data_cutoff_low_absF                ? 
_refine.pdbx_isotropic_thermal_model             ? 
_refine.pdbx_ls_cross_valid_method               THROUGHOUT 
_refine.pdbx_method_to_determine_struct          'MOLECULAR REPLACEMENT' 
_refine.pdbx_starting_model                      6NIW 
_refine.pdbx_stereochemistry_target_values       ? 
_refine.pdbx_R_Free_selection_details            RANDOM 
_refine.pdbx_stereochem_target_val_spec_case     ? 
_refine.pdbx_overall_ESU_R                       0.0460 
_refine.pdbx_overall_ESU_R_Free                  0.0490 
_refine.pdbx_solvent_vdw_probe_radii             1.2000 
_refine.pdbx_solvent_ion_probe_radii             0.8000 
_refine.pdbx_solvent_shrinkage_radii             0.8000 
_refine.pdbx_real_space_R                        ? 
_refine.pdbx_density_correlation                 ? 
_refine.pdbx_pd_number_of_powder_patterns        ? 
_refine.pdbx_pd_number_of_points                 ? 
_refine.pdbx_pd_meas_number_of_points            ? 
_refine.pdbx_pd_proc_ls_prof_R_factor            ? 
_refine.pdbx_pd_proc_ls_prof_wR_factor           ? 
_refine.pdbx_pd_Marquardt_correlation_coeff      ? 
_refine.pdbx_pd_Fsqrd_R_factor                   ? 
_refine.pdbx_pd_ls_matrix_band_width             ? 
_refine.pdbx_overall_phase_error                 ? 
_refine.pdbx_overall_SU_R_free_Cruickshank_DPI   ? 
_refine.pdbx_overall_SU_R_free_Blow_DPI          ? 
_refine.pdbx_overall_SU_R_Blow_DPI               ? 
_refine.pdbx_TLS_residual_ADP_flag               ? 
_refine.pdbx_diffrn_id                           1 
_refine.overall_SU_B                             0.7150 
_refine.overall_SU_ML                            0.0320 
_refine.overall_SU_R_Cruickshank_DPI             ? 
_refine.overall_SU_R_free                        ? 
_refine.overall_FOM_free_R_set                   ? 
_refine.overall_FOM_work_R_set                   ? 
_refine.pdbx_average_fsc_overall                 ? 
_refine.pdbx_average_fsc_work                    ? 
_refine.pdbx_average_fsc_free                    ? 
# 
_refine_hist.pdbx_refine_id                   'X-RAY DIFFRACTION' 
_refine_hist.cycle_id                         final 
_refine_hist.details                          ? 
_refine_hist.d_res_high                       1.2100 
_refine_hist.d_res_low                        50.8300 
_refine_hist.number_atoms_solvent             138 
_refine_hist.number_atoms_total               1435 
_refine_hist.number_reflns_all                ? 
_refine_hist.number_reflns_obs                ? 
_refine_hist.number_reflns_R_free             ? 
_refine_hist.number_reflns_R_work             ? 
_refine_hist.R_factor_all                     ? 
_refine_hist.R_factor_obs                     ? 
_refine_hist.R_factor_R_free                  ? 
_refine_hist.R_factor_R_work                  ? 
_refine_hist.pdbx_number_residues_total       161 
_refine_hist.pdbx_B_iso_mean_ligand           ? 
_refine_hist.pdbx_B_iso_mean_solvent          20.84 
_refine_hist.pdbx_number_atoms_protein        1297 
_refine_hist.pdbx_number_atoms_nucleic_acid   0 
_refine_hist.pdbx_number_atoms_ligand         0 
_refine_hist.pdbx_number_atoms_lipid          ? 
_refine_hist.pdbx_number_atoms_carb           ? 
_refine_hist.pdbx_pseudo_atom_details         ? 
# 
loop_
_refine_ls_restr.pdbx_refine_id 
_refine_ls_restr.criterion 
_refine_ls_restr.dev_ideal 
_refine_ls_restr.dev_ideal_target 
_refine_ls_restr.number 
_refine_ls_restr.rejects 
_refine_ls_restr.type 
_refine_ls_restr.weight 
_refine_ls_restr.pdbx_restraint_function 
'X-RAY DIFFRACTION' ? 0.016  0.013  1331 ? r_bond_refined_d       ? ? 
'X-RAY DIFFRACTION' ? 0.001  0.018  1129 ? r_bond_other_d         ? ? 
'X-RAY DIFFRACTION' ? 1.470  1.646  1809 ? r_angle_refined_deg    ? ? 
'X-RAY DIFFRACTION' ? 1.398  1.573  2634 ? r_angle_other_deg      ? ? 
'X-RAY DIFFRACTION' ? 8.326  5.000  160  ? r_dihedral_angle_1_deg ? ? 
'X-RAY DIFFRACTION' ? 34.572 23.418 79   ? r_dihedral_angle_2_deg ? ? 
'X-RAY DIFFRACTION' ? 11.316 15.000 210  ? r_dihedral_angle_3_deg ? ? 
'X-RAY DIFFRACTION' ? 15.205 15.000 7    ? r_dihedral_angle_4_deg ? ? 
'X-RAY DIFFRACTION' ? 0.084  0.200  172  ? r_chiral_restr         ? ? 
'X-RAY DIFFRACTION' ? 0.012  0.020  1517 ? r_gen_planes_refined   ? ? 
'X-RAY DIFFRACTION' ? 0.001  0.020  296  ? r_gen_planes_other     ? ? 
# 
_refine_ls_shell.pdbx_refine_id                   'X-RAY DIFFRACTION' 
_refine_ls_shell.d_res_high                       1.21 
_refine_ls_shell.d_res_low                        1.2390 
_refine_ls_shell.number_reflns_all                ? 
_refine_ls_shell.number_reflns_obs                ? 
_refine_ls_shell.number_reflns_R_free             146 
_refine_ls_shell.number_reflns_R_work             3229 
_refine_ls_shell.percent_reflns_obs               97.2300 
_refine_ls_shell.percent_reflns_R_free            ? 
_refine_ls_shell.R_factor_all                     ? 
_refine_ls_shell.R_factor_obs                     ? 
_refine_ls_shell.R_factor_R_free                  0.2590 
_refine_ls_shell.R_factor_R_free_error            0.0000 
_refine_ls_shell.R_factor_R_work                  0.2500 
_refine_ls_shell.redundancy_reflns_all            ? 
_refine_ls_shell.redundancy_reflns_obs            ? 
_refine_ls_shell.wR_factor_all                    ? 
_refine_ls_shell.wR_factor_obs                    ? 
_refine_ls_shell.wR_factor_R_free                 ? 
_refine_ls_shell.wR_factor_R_work                 ? 
_refine_ls_shell.pdbx_R_complete                  ? 
_refine_ls_shell.pdbx_total_number_of_bins_used   ? 
_refine_ls_shell.pdbx_phase_error                 ? 
_refine_ls_shell.pdbx_fsc_work                    ? 
_refine_ls_shell.pdbx_fsc_free                    ? 
# 
_struct.entry_id                     6UT9 
_struct.title                        
'Crystal structure of the carbohydrate-binding domain VP8* of human P[4] rotavirus strain BM5265' 
_struct.pdbx_model_details           ? 
_struct.pdbx_formula_weight          ? 
_struct.pdbx_formula_weight_method   ? 
_struct.pdbx_model_type_details      ? 
_struct.pdbx_CASP_flag               N 
# 
_struct_keywords.entry_id        6UT9 
_struct_keywords.text            'Rotavirus, host receptor interaction, VIRUS' 
_struct_keywords.pdbx_keywords   VIRUS 
# 
loop_
_struct_asym.id 
_struct_asym.pdbx_blank_PDB_chainid_flag 
_struct_asym.pdbx_modified 
_struct_asym.entity_id 
_struct_asym.details 
A N N 1 ? 
B N N 2 ? 
# 
loop_
_struct_conf.conf_type_id 
_struct_conf.id 
_struct_conf.pdbx_PDB_helix_id 
_struct_conf.beg_label_comp_id 
_struct_conf.beg_label_asym_id 
_struct_conf.beg_label_seq_id 
_struct_conf.pdbx_beg_PDB_ins_code 
_struct_conf.end_label_comp_id 
_struct_conf.end_label_asym_id 
_struct_conf.end_label_seq_id 
_struct_conf.pdbx_end_PDB_ins_code 
_struct_conf.beg_auth_comp_id 
_struct_conf.beg_auth_asym_id 
_struct_conf.beg_auth_seq_id 
_struct_conf.end_auth_comp_id 
_struct_conf.end_auth_asym_id 
_struct_conf.end_auth_seq_id 
_struct_conf.pdbx_PDB_helix_class 
_struct_conf.details 
_struct_conf.pdbx_PDB_helix_length 
HELX_P HELX_P1 AA1 ASP A 131 ? ILE A 135 ? ASP A 129 ILE A 133 5 ? 5  
HELX_P HELX_P2 AA2 GLN A 150 ? GLY A 161 ? GLN A 148 GLY A 159 1 ? 12 
# 
_struct_conf_type.id          HELX_P 
_struct_conf_type.criteria    ? 
_struct_conf_type.reference   ? 
# 
loop_
_struct_mon_prot_cis.pdbx_id 
_struct_mon_prot_cis.label_comp_id 
_struct_mon_prot_cis.label_seq_id 
_struct_mon_prot_cis.label_asym_id 
_struct_mon_prot_cis.label_alt_id 
_struct_mon_prot_cis.pdbx_PDB_ins_code 
_struct_mon_prot_cis.auth_comp_id 
_struct_mon_prot_cis.auth_seq_id 
_struct_mon_prot_cis.auth_asym_id 
_struct_mon_prot_cis.pdbx_label_comp_id_2 
_struct_mon_prot_cis.pdbx_label_seq_id_2 
_struct_mon_prot_cis.pdbx_label_asym_id_2 
_struct_mon_prot_cis.pdbx_PDB_ins_code_2 
_struct_mon_prot_cis.pdbx_auth_comp_id_2 
_struct_mon_prot_cis.pdbx_auth_seq_id_2 
_struct_mon_prot_cis.pdbx_auth_asym_id_2 
_struct_mon_prot_cis.pdbx_PDB_model_num 
_struct_mon_prot_cis.pdbx_omega_angle 
1 GLY 6   A . ? GLY 4   A PRO 7   A ? PRO 5   A 1 0.00 
2 THR 119 A . ? THR 117 A PRO 120 A ? PRO 118 A 1 7.85 
# 
loop_
_struct_sheet.id 
_struct_sheet.type 
_struct_sheet.number_strands 
_struct_sheet.details 
AA1 ? 11 ? 
AA2 ? 6  ? 
AA3 ? 2  ? 
# 
loop_
_struct_sheet_order.sheet_id 
_struct_sheet_order.range_id_1 
_struct_sheet_order.range_id_2 
_struct_sheet_order.offset 
_struct_sheet_order.sense 
AA1 1  2  ? anti-parallel 
AA1 2  3  ? anti-parallel 
AA1 3  4  ? anti-parallel 
AA1 4  5  ? anti-parallel 
AA1 5  6  ? parallel      
AA1 6  7  ? anti-parallel 
AA1 7  8  ? anti-parallel 
AA1 8  9  ? anti-parallel 
AA1 9  10 ? anti-parallel 
AA1 10 11 ? anti-parallel 
AA2 1  2  ? anti-parallel 
AA2 2  3  ? anti-parallel 
AA2 3  4  ? anti-parallel 
AA2 4  5  ? anti-parallel 
AA2 5  6  ? anti-parallel 
AA3 1  2  ? anti-parallel 
# 
loop_
_struct_sheet_range.sheet_id 
_struct_sheet_range.id 
_struct_sheet_range.beg_label_comp_id 
_struct_sheet_range.beg_label_asym_id 
_struct_sheet_range.beg_label_seq_id 
_struct_sheet_range.pdbx_beg_PDB_ins_code 
_struct_sheet_range.end_label_comp_id 
_struct_sheet_range.end_label_asym_id 
_struct_sheet_range.end_label_seq_id 
_struct_sheet_range.pdbx_end_PDB_ins_code 
_struct_sheet_range.beg_auth_comp_id 
_struct_sheet_range.beg_auth_asym_id 
_struct_sheet_range.beg_auth_seq_id 
_struct_sheet_range.end_auth_comp_id 
_struct_sheet_range.end_auth_asym_id 
_struct_sheet_range.end_auth_seq_id 
AA1 1  ASP A 5   ? TYR A 8   ? ASP A 3   TYR A 6   
AA1 2  GLU A 142 ? PRO A 147 ? GLU A 140 PRO A 145 
AA1 3  TYR A 19  ? SER A 24  ? TYR A 17  SER A 22  
AA1 4  LEU A 102 ? TYR A 108 ? LEU A 100 TYR A 106 
AA1 5  ARG A 111 ? GLU A 118 ? ARG A 109 GLU A 116 
AA1 6  SER A 91  ? THR A 97  ? SER A 89  THR A 95  
AA1 7  LYS A 77  ? LYS A 83  ? LYS A 75  LYS A 81  
AA1 8  TRP A 41  ? VAL A 47  ? TRP A 39  VAL A 45  
AA1 9  GLY A 29  ? THR A 35  ? GLY A 27  THR A 33  
AA1 10 SER A 136 ? ILE A 139 ? SER A 134 ILE A 137 
AA1 11 THR A 11  ? PHE A 13  ? THR A 9   PHE A 11  
AA2 1  ASP A 5   ? TYR A 8   ? ASP A 3   TYR A 6   
AA2 2  GLU A 142 ? PRO A 147 ? GLU A 140 PRO A 145 
AA2 3  TYR A 19  ? SER A 24  ? TYR A 17  SER A 22  
AA2 4  LEU A 102 ? TYR A 108 ? LEU A 100 TYR A 106 
AA2 5  ARG A 111 ? GLU A 118 ? ARG A 109 GLU A 116 
AA2 6  THR A 123 ? ASN A 128 ? THR A 121 ASN A 126 
AA3 1  VAL A 51  ? LEU A 60  ? VAL A 49  LEU A 58  
AA3 2  GLU A 63  ? ASN A 71  ? GLU A 61  ASN A 69  
# 
loop_
_pdbx_struct_sheet_hbond.sheet_id 
_pdbx_struct_sheet_hbond.range_id_1 
_pdbx_struct_sheet_hbond.range_id_2 
_pdbx_struct_sheet_hbond.range_1_label_atom_id 
_pdbx_struct_sheet_hbond.range_1_label_comp_id 
_pdbx_struct_sheet_hbond.range_1_label_asym_id 
_pdbx_struct_sheet_hbond.range_1_label_seq_id 
_pdbx_struct_sheet_hbond.range_1_PDB_ins_code 
_pdbx_struct_sheet_hbond.range_1_auth_atom_id 
_pdbx_struct_sheet_hbond.range_1_auth_comp_id 
_pdbx_struct_sheet_hbond.range_1_auth_asym_id 
_pdbx_struct_sheet_hbond.range_1_auth_seq_id 
_pdbx_struct_sheet_hbond.range_2_label_atom_id 
_pdbx_struct_sheet_hbond.range_2_label_comp_id 
_pdbx_struct_sheet_hbond.range_2_label_asym_id 
_pdbx_struct_sheet_hbond.range_2_label_seq_id 
_pdbx_struct_sheet_hbond.range_2_PDB_ins_code 
_pdbx_struct_sheet_hbond.range_2_auth_atom_id 
_pdbx_struct_sheet_hbond.range_2_auth_comp_id 
_pdbx_struct_sheet_hbond.range_2_auth_asym_id 
_pdbx_struct_sheet_hbond.range_2_auth_seq_id 
AA1 1  2  N TYR A 8   ? N TYR A 6   O PHE A 143 ? O PHE A 141 
AA1 2  3  O ILE A 146 ? O ILE A 144 N TRP A 20  ? N TRP A 18  
AA1 3  4  N LEU A 21  ? N LEU A 19  O MET A 105 ? O MET A 103 
AA1 4  5  N LEU A 106 ? N LEU A 104 O TRP A 113 ? O TRP A 111 
AA1 5  6  O GLY A 117 ? O GLY A 115 N THR A 97  ? N THR A 95  
AA1 6  7  O LEU A 96  ? O LEU A 94  N PHE A 78  ? N PHE A 76  
AA1 7  8  O MET A 81  ? O MET A 79  N ALA A 43  ? N ALA A 41  
AA1 8  9  O THR A 42  ? O THR A 40  N SER A 34  ? N SER A 32  
AA1 9  10 N GLU A 33  ? N GLU A 31  O ILE A 138 ? O ILE A 136 
AA1 10 11 O ILE A 139 ? O ILE A 137 N THR A 11  ? N THR A 9   
AA2 1  2  N TYR A 8   ? N TYR A 6   O PHE A 143 ? O PHE A 141 
AA2 2  3  O ILE A 146 ? O ILE A 144 N TRP A 20  ? N TRP A 18  
AA2 3  4  N LEU A 21  ? N LEU A 19  O MET A 105 ? O MET A 103 
AA2 4  5  N LEU A 106 ? N LEU A 104 O TRP A 113 ? O TRP A 111 
AA2 5  6  N HIS A 116 ? N HIS A 114 O THR A 123 ? O THR A 121 
AA3 1  2  N VAL A 51  ? N VAL A 49  O ASN A 71  ? O ASN A 69  
# 
_atom_sites.entry_id                    6UT9 
_atom_sites.Cartn_transf_matrix[1][1]   ? 
_atom_sites.Cartn_transf_matrix[1][2]   ? 
_atom_sites.Cartn_transf_matrix[1][3]   ? 
_atom_sites.Cartn_transf_matrix[2][1]   ? 
_atom_sites.Cartn_transf_matrix[2][2]   ? 
_atom_sites.Cartn_transf_matrix[2][3]   ? 
_atom_sites.Cartn_transf_matrix[3][1]   ? 
_atom_sites.Cartn_transf_matrix[3][2]   ? 
_atom_sites.Cartn_transf_matrix[3][3]   ? 
_atom_sites.Cartn_transf_vector[1]      ? 
_atom_sites.Cartn_transf_vector[2]      ? 
_atom_sites.Cartn_transf_vector[3]      ? 
_atom_sites.fract_transf_matrix[1][1]   -0.01811631 
_atom_sites.fract_transf_matrix[1][2]   -0.00492465 
_atom_sites.fract_transf_matrix[1][3]   0.01012297 
_atom_sites.fract_transf_matrix[2][1]   -0.01557222 
_atom_sites.fract_transf_matrix[2][2]   0.00295529 
_atom_sites.fract_transf_matrix[2][3]   -0.02643072 
_atom_sites.fract_transf_matrix[3][1]   0.00163743 
_atom_sites.fract_transf_matrix[3][2]   -0.01935448 
_atom_sites.fract_transf_matrix[3][3]   -0.00312880 
_atom_sites.fract_transf_vector[1]      0.193858 
_atom_sites.fract_transf_vector[2]      -0.004671 
_atom_sites.fract_transf_vector[3]      0.258415 
_atom_sites.solution_primary            ? 
_atom_sites.solution_secondary          ? 
_atom_sites.solution_hydrogens          ? 
_atom_sites.special_details             ? 
# 
loop_
_atom_type.symbol 
C 
N 
O 
S 
# 
loop_
_atom_site.group_PDB 
_atom_site.id 
_atom_site.type_symbol 
_atom_site.label_atom_id 
_atom_site.label_alt_id 
_atom_site.label_comp_id 
_atom_site.label_asym_id 
_atom_site.label_entity_id 
_atom_site.label_seq_id 
_atom_site.pdbx_PDB_ins_code 
_atom_site.Cartn_x 
_atom_site.Cartn_y 
_atom_site.Cartn_z 
_atom_site.occupancy 
_atom_site.B_iso_or_equiv 
_atom_site.pdbx_formal_charge 
_atom_site.auth_seq_id 
_atom_site.auth_comp_id 
_atom_site.auth_asym_id 
_atom_site.auth_atom_id 
_atom_site.pdbx_PDB_model_num 
ATOM   1    N N   . GLY A 1 1   ? -20.177 -7.317  1.425   1.00 21.90 ? -1  GLY A N   1 
ATOM   2    C CA  . GLY A 1 1   ? -19.452 -8.247  2.316   1.00 20.56 ? -1  GLY A CA  1 
ATOM   3    C C   . GLY A 1 1   ? -19.181 -9.613  1.681   1.00 20.22 ? -1  GLY A C   1 
ATOM   4    O O   . GLY A 1 1   ? -18.280 -10.308 2.153   1.00 18.82 ? -1  GLY A O   1 
ATOM   5    N N   . SER A 1 2   ? -19.939 -9.979  0.645   1.00 17.79 ? 0   SER A N   1 
ATOM   6    C CA  . SER A 1 2   ? -19.859 -11.285 -0.056  1.00 14.90 ? 0   SER A CA  1 
ATOM   7    C C   . SER A 1 2   ? -18.575 -11.398 -0.865  1.00 12.80 ? 0   SER A C   1 
ATOM   8    O O   . SER A 1 2   ? -18.347 -12.446 -1.457  1.00 15.93 ? 0   SER A O   1 
ATOM   9    C CB  . SER A 1 2   ? -21.068 -11.504 -0.951  1.00 14.17 ? 0   SER A CB  1 
ATOM   10   O OG  . SER A 1 2   ? -21.189 -10.454 -1.913  1.00 24.18 ? 0   SER A OG  1 
ATOM   11   N N   . VAL A 1 3   ? -17.775 -10.361 -0.959  1.00 12.09 ? 1   VAL A N   1 
ATOM   12   C CA  . VAL A 1 3   ? -16.514 -10.434 -1.750  1.00 14.82 ? 1   VAL A CA  1 
ATOM   13   C C   . VAL A 1 3   ? -15.316 -10.473 -0.838  1.00 14.74 ? 1   VAL A C   1 
ATOM   14   O O   . VAL A 1 3   ? -14.171 -10.581 -1.371  1.00 16.67 ? 1   VAL A O   1 
ATOM   15   C CB  . VAL A 1 3   ? -16.396 -9.312  -2.784  1.00 15.47 ? 1   VAL A CB  1 
ATOM   16   C CG1 . VAL A 1 3   ? -17.598 -9.305  -3.711  1.00 18.63 ? 1   VAL A CG1 1 
ATOM   17   C CG2 . VAL A 1 3   ? -16.163 -7.944  -2.139  1.00 15.59 ? 1   VAL A CG2 1 
ATOM   18   N N   . LEU A 1 4   ? -15.511 -10.373 0.457   1.00 14.35 ? 2   LEU A N   1 
ATOM   19   C CA  . LEU A 1 4   ? -14.361 -10.335 1.390   1.00 16.52 ? 2   LEU A CA  1 
ATOM   20   C C   . LEU A 1 4   ? -13.929 -11.754 1.732   1.00 15.80 ? 2   LEU A C   1 
ATOM   21   O O   . LEU A 1 4   ? -14.673 -12.444 2.392   1.00 17.13 ? 2   LEU A O   1 
ATOM   22   C CB  . LEU A 1 4   ? -14.742 -9.606  2.663   1.00 18.45 ? 2   LEU A CB  1 
ATOM   23   C CG  . LEU A 1 4   ? -14.828 -8.098  2.579   1.00 20.18 ? 2   LEU A CG  1 
ATOM   24   C CD1 . LEU A 1 4   ? -15.175 -7.551  3.954   1.00 21.44 ? 2   LEU A CD1 1 
ATOM   25   C CD2 . LEU A 1 4   ? -13.533 -7.474  2.054   1.00 21.27 ? 2   LEU A CD2 1 
ATOM   26   N N   . ASP A 1 5   ? -12.722 -12.102 1.419   1.00 13.96 ? 3   ASP A N   1 
ATOM   27   C CA  . ASP A 1 5   ? -12.064 -13.316 1.890   1.00 14.10 ? 3   ASP A CA  1 
ATOM   28   C C   . ASP A 1 5   ? -11.051 -12.878 2.952   1.00 12.52 ? 3   ASP A C   1 
ATOM   29   O O   . ASP A 1 5   ? -10.087 -12.152 2.619   1.00 11.30 ? 3   ASP A O   1 
ATOM   30   C CB  . ASP A 1 5   ? -11.466 -14.048 0.693   1.00 15.08 ? 3   ASP A CB  1 
ATOM   31   C CG  . ASP A 1 5   ? -10.641 -15.230 1.055   1.00 19.60 ? 3   ASP A CG  1 
ATOM   32   O OD1 . ASP A 1 5   ? -10.704 -15.627 2.182   1.00 21.47 ? 3   ASP A OD1 1 
ATOM   33   O OD2 . ASP A 1 5   ? -9.970  -15.767 0.159   1.00 26.82 ? 3   ASP A OD2 1 
ATOM   34   N N   . GLY A 1 6   ? -11.294 -13.223 4.207   1.00 13.83 ? 4   GLY A N   1 
ATOM   35   C CA  . GLY A 1 6   ? -10.432 -12.794 5.320   1.00 14.79 ? 4   GLY A CA  1 
ATOM   36   C C   . GLY A 1 6   ? -11.219 -12.651 6.605   1.00 16.16 ? 4   GLY A C   1 
ATOM   37   O O   . GLY A 1 6   ? -12.372 -13.114 6.684   1.00 20.18 ? 4   GLY A O   1 
ATOM   38   N N   . PRO A 1 7   ? -10.667 -11.974 7.634   1.00 16.26 ? 5   PRO A N   1 
ATOM   39   C CA  . PRO A 1 7   ? -9.348  -11.374 7.571   1.00 14.57 ? 5   PRO A CA  1 
ATOM   40   C C   . PRO A 1 7   ? -8.258  -12.417 7.764   1.00 12.17 ? 5   PRO A C   1 
ATOM   41   O O   . PRO A 1 7   ? -8.482  -13.443 8.428   1.00 12.74 ? 5   PRO A O   1 
ATOM   42   C CB  . PRO A 1 7   ? -9.357  -10.394 8.745   1.00 18.47 ? 5   PRO A CB  1 
ATOM   43   C CG  . PRO A 1 7   ? -10.224 -11.069 9.765   1.00 18.91 ? 5   PRO A CG  1 
ATOM   44   C CD  . PRO A 1 7   ? -11.289 -11.802 8.959   1.00 18.86 ? 5   PRO A CD  1 
ATOM   45   N N   . TYR A 1 8   ? -7.103  -12.164 7.153   1.00 9.67  ? 6   TYR A N   1 
ATOM   46   C CA  . TYR A 1 8   ? -5.878  -12.896 7.345   1.00 9.20  ? 6   TYR A CA  1 
ATOM   47   C C   . TYR A 1 8   ? -4.978  -12.112 8.276   1.00 9.61  ? 6   TYR A C   1 
ATOM   48   O O   . TYR A 1 8   ? -5.029  -10.882 8.293   1.00 9.84  ? 6   TYR A O   1 
ATOM   49   C CB  . TYR A 1 8   ? -5.213  -13.114 5.991   1.00 9.97  ? 6   TYR A CB  1 
ATOM   50   C CG  . TYR A 1 8   ? -6.010  -14.018 5.093   1.00 10.48 ? 6   TYR A CG  1 
ATOM   51   C CD1 . TYR A 1 8   ? -5.926  -15.391 5.247   1.00 13.00 ? 6   TYR A CD1 1 
ATOM   52   C CD2 . TYR A 1 8   ? -6.845  -13.531 4.090   1.00 11.23 ? 6   TYR A CD2 1 
ATOM   53   C CE1 . TYR A 1 8   ? -6.664  -16.259 4.464   1.00 14.21 ? 6   TYR A CE1 1 
ATOM   54   C CE2 . TYR A 1 8   ? -7.601  -14.398 3.305   1.00 12.40 ? 6   TYR A CE2 1 
ATOM   55   C CZ  . TYR A 1 8   ? -7.506  -15.753 3.496   1.00 14.05 ? 6   TYR A CZ  1 
ATOM   56   O OH  . TYR A 1 8   ? -8.211  -16.611 2.691   1.00 17.35 ? 6   TYR A OH  1 
ATOM   57   N N   . GLN A 1 9   ? -4.178  -12.834 9.032   1.00 8.82  ? 7   GLN A N   1 
ATOM   58   C CA  . GLN A 1 9   ? -3.163  -12.254 9.931   1.00 9.02  ? 7   GLN A CA  1 
ATOM   59   C C   . GLN A 1 9   ? -1.977  -11.739 9.129   1.00 9.21  ? 7   GLN A C   1 
ATOM   60   O O   . GLN A 1 9   ? -1.745  -12.141 7.976   1.00 9.78  ? 7   GLN A O   1 
ATOM   61   C CB  . GLN A 1 9   ? -2.686  -13.333 10.910  1.00 9.97  ? 7   GLN A CB  1 
ATOM   62   C CG  . GLN A 1 9   ? -3.762  -13.813 11.867  1.00 11.14 ? 7   GLN A CG  1 
ATOM   63   C CD  . GLN A 1 9   ? -4.324  -12.721 12.714  1.00 13.75 ? 7   GLN A CD  1 
ATOM   64   O OE1 . GLN A 1 9   ? -3.597  -12.061 13.440  1.00 15.54 ? 7   GLN A OE1 1 
ATOM   65   N NE2 . GLN A 1 9   ? -5.584  -12.415 12.538  1.00 16.39 ? 7   GLN A NE2 1 
ATOM   66   N N   . PRO A 1 10  ? -1.160  -10.862 9.725   1.00 8.90  ? 8   PRO A N   1 
ATOM   67   C CA  . PRO A 1 10  ? 0.092   -10.417 9.099   1.00 8.50  ? 8   PRO A CA  1 
ATOM   68   C C   . PRO A 1 10  ? 0.850   -11.610 8.548   1.00 10.09 ? 8   PRO A C   1 
ATOM   69   O O   . PRO A 1 10  ? 0.978   -12.626 9.267   1.00 11.00 ? 8   PRO A O   1 
ATOM   70   C CB  . PRO A 1 10  ? 0.826   -9.693  10.222  1.00 9.33  ? 8   PRO A CB  1 
ATOM   71   C CG  . PRO A 1 10  ? -0.306  -9.177  11.098  1.00 9.97  ? 8   PRO A CG  1 
ATOM   72   C CD  . PRO A 1 10  ? -1.387  -10.235 11.034  1.00 9.44  ? 8   PRO A CD  1 
ATOM   73   N N   . THR A 1 11  ? 1.298   -11.504 7.313   1.00 10.75 ? 9   THR A N   1 
ATOM   74   C CA  . THR A 1 11  ? 1.768   -12.617 6.464   1.00 12.82 ? 9   THR A CA  1 
ATOM   75   C C   . THR A 1 11  ? 2.904   -12.112 5.583   1.00 10.62 ? 9   THR A C   1 
ATOM   76   O O   . THR A 1 11  ? 2.802   -10.975 5.075   1.00 10.63 ? 9   THR A O   1 
ATOM   77   C CB  . THR A 1 11  ? 0.614   -13.151 5.572   1.00 14.82 ? 9   THR A CB  1 
ATOM   78   O OG1 . THR A 1 11  ? -0.439  -13.709 6.372   1.00 18.14 ? 9   THR A OG1 1 
ATOM   79   C CG2 . THR A 1 11  ? 1.060   -14.219 4.610   1.00 18.04 ? 9   THR A CG2 1 
ATOM   80   N N   . THR A 1 12  ? 3.877   -12.965 5.291   1.00 10.22 ? 10  THR A N   1 
ATOM   81   C CA  . THR A 1 12  ? 4.822   -12.755 4.186   1.00 10.71 ? 10  THR A CA  1 
ATOM   82   C C   . THR A 1 12  ? 4.542   -13.811 3.137   1.00 11.69 ? 10  THR A C   1 
ATOM   83   O O   . THR A 1 12  ? 4.564   -15.026 3.503   1.00 12.84 ? 10  THR A O   1 
ATOM   84   C CB  . THR A 1 12  ? 6.267   -12.844 4.684   1.00 12.89 ? 10  THR A CB  1 
ATOM   85   O OG1 . THR A 1 12  ? 6.450   -11.807 5.637   1.00 13.67 ? 10  THR A OG1 1 
ATOM   86   C CG2 . THR A 1 12  ? 7.272   -12.697 3.574   1.00 15.33 ? 10  THR A CG2 1 
ATOM   87   N N   . PHE A 1 13  ? 4.170   -13.449 1.920   1.00 10.57 ? 11  PHE A N   1 
ATOM   88   C CA  . PHE A 1 13  ? 3.830   -14.437 0.869   1.00 10.75 ? 11  PHE A CA  1 
ATOM   89   C C   . PHE A 1 13  ? 3.911   -13.791 -0.489  1.00 10.76 ? 11  PHE A C   1 
ATOM   90   O O   . PHE A 1 13  ? 4.082   -12.558 -0.604  1.00 10.45 ? 11  PHE A O   1 
ATOM   91   C CB  . PHE A 1 13  ? 2.461   -15.062 1.140   1.00 11.39 ? 11  PHE A CB  1 
ATOM   92   C CG  . PHE A 1 13  ? 1.256   -14.239 0.764   1.00 11.28 ? 11  PHE A CG  1 
ATOM   93   C CD1 . PHE A 1 13  ? 1.045   -12.930 1.194   1.00 12.61 ? 11  PHE A CD1 1 
ATOM   94   C CD2 . PHE A 1 13  ? 0.252   -14.822 0.013   1.00 13.31 ? 11  PHE A CD2 1 
ATOM   95   C CE1 . PHE A 1 13  ? -0.130  -12.255 0.867   1.00 12.84 ? 11  PHE A CE1 1 
ATOM   96   C CE2 . PHE A 1 13  ? -0.902  -14.149 -0.304  1.00 13.55 ? 11  PHE A CE2 1 
ATOM   97   C CZ  . PHE A 1 13  ? -1.093  -12.867 0.111   1.00 13.32 ? 11  PHE A CZ  1 
ATOM   98   N N   . LYS A 1 14  ? 3.730   -14.614 -1.499  1.00 10.35 ? 12  LYS A N   1 
ATOM   99   C CA  . LYS A 1 14  ? 3.653   -14.166 -2.904  1.00 10.71 ? 12  LYS A CA  1 
ATOM   100  C C   . LYS A 1 14  ? 2.193   -14.033 -3.249  1.00 11.57 ? 12  LYS A C   1 
ATOM   101  O O   . LYS A 1 14  ? 1.501   -15.021 -3.445  1.00 12.17 ? 12  LYS A O   1 
ATOM   102  C CB  . LYS A 1 14  ? 4.388   -15.129 -3.834  1.00 12.40 ? 12  LYS A CB  1 
ATOM   103  C CG  . LYS A 1 14  ? 5.879   -15.279 -3.561  1.00 14.61 ? 12  LYS A CG  1 
ATOM   104  C CD  . LYS A 1 14  ? 6.553   -16.277 -4.444  1.00 16.26 ? 12  LYS A CD  1 
ATOM   105  C CE  . LYS A 1 14  ? 6.343   -15.965 -5.905  1.00 15.77 ? 12  LYS A CE  1 
ATOM   106  N NZ  . LYS A 1 14  ? 6.940   -17.023 -6.752  1.00 17.16 ? 12  LYS A NZ  1 
ATOM   107  N N   . PRO A 1 15  ? 1.665   -12.815 -3.364  1.00 11.46 ? 13  PRO A N   1 
ATOM   108  C CA  . PRO A 1 15  ? 0.259   -12.642 -3.627  1.00 12.61 ? 13  PRO A CA  1 
ATOM   109  C C   . PRO A 1 15  ? -0.095  -13.127 -5.019  1.00 12.49 ? 13  PRO A C   1 
ATOM   110  O O   . PRO A 1 15  ? 0.700   -12.977 -5.943  1.00 13.52 ? 13  PRO A O   1 
ATOM   111  C CB  . PRO A 1 15  ? 0.004   -11.135 -3.481  1.00 15.32 ? 13  PRO A CB  1 
ATOM   112  C CG  . PRO A 1 15  ? 1.364   -10.496 -3.543  1.00 15.86 ? 13  PRO A CG  1 
ATOM   113  C CD  . PRO A 1 15  ? 2.382   -11.552 -3.255  1.00 13.37 ? 13  PRO A CD  1 
ATOM   114  N N   . PRO A 1 16  ? -1.299  -13.694 -5.217  1.00 13.68 ? 14  PRO A N   1 
ATOM   115  C CA  . PRO A 1 16  ? -1.728  -14.126 -6.542  1.00 13.37 ? 14  PRO A CA  1 
ATOM   116  C C   . PRO A 1 16  ? -2.064  -12.911 -7.409  1.00 11.47 ? 14  PRO A C   1 
ATOM   117  O O   . PRO A 1 16  ? -2.533  -11.914 -6.912  1.00 14.23 ? 14  PRO A O   1 
ATOM   118  C CB  . PRO A 1 16  ? -2.988  -14.936 -6.243  1.00 15.07 ? 14  PRO A CB  1 
ATOM   119  C CG  . PRO A 1 16  ? -3.565  -14.255 -5.047  1.00 16.00 ? 14  PRO A CG  1 
ATOM   120  C CD  . PRO A 1 16  ? -2.359  -13.849 -4.219  1.00 15.56 ? 14  PRO A CD  1 
ATOM   121  N N   . ASN A 1 17  ? -1.840  -13.043 -8.700  1.00 11.20 ? 15  ASN A N   1 
ATOM   122  C CA  . ASN A 1 17  ? -2.316  -12.067 -9.683  1.00 10.39 ? 15  ASN A CA  1 
ATOM   123  C C   . ASN A 1 17  ? -3.835  -11.994 -9.651  1.00 8.93  ? 15  ASN A C   1 
ATOM   124  O O   . ASN A 1 17  ? -4.492  -12.998 -9.355  1.00 10.39 ? 15  ASN A O   1 
ATOM   125  C CB  . ASN A 1 17  ? -1.851  -12.404 -11.096 1.00 10.65 ? 15  ASN A CB  1 
ATOM   126  C CG  . ASN A 1 17  ? -0.342  -12.380 -11.213 1.00 11.69 ? 15  ASN A CG  1 
ATOM   127  O OD1 . ASN A 1 17  ? 0.324   -11.722 -10.401 1.00 14.32 ? 15  ASN A OD1 1 
ATOM   128  N ND2 . ASN A 1 17  ? 0.190   -13.042 -12.221 1.00 12.07 ? 15  ASN A ND2 1 
ATOM   129  N N   . ASP A 1 18  ? -4.382  -10.860 -9.959  1.00 8.76  ? 16  ASP A N   1 
ATOM   130  C CA  . ASP A 1 18  ? -5.824  -10.656 -10.276 1.00 9.48  ? 16  ASP A CA  1 
ATOM   131  C C   . ASP A 1 18  ? -6.657  -10.631 -9.001  1.00 9.32  ? 16  ASP A C   1 
ATOM   132  O O   . ASP A 1 18  ? -7.875  -10.822 -9.068  1.00 9.45  ? 16  ASP A O   1 
ATOM   133  C CB  . ASP A 1 18  ? -6.351  -11.702 -11.261 1.00 11.65 ? 16  ASP A CB  1 
ATOM   134  C CG  . ASP A 1 18  ? -5.664  -11.668 -12.606 1.00 14.92 ? 16  ASP A CG  1 
ATOM   135  O OD1 . ASP A 1 18  ? -4.917  -10.744 -12.868 1.00 18.34 ? 16  ASP A OD1 1 
ATOM   136  O OD2 . ASP A 1 18  ? -5.927  -12.581 -13.391 1.00 20.26 ? 16  ASP A OD2 1 
ATOM   137  N N   . TYR A 1 19  ? -6.057  -10.323 -7.875  1.00 8.60  ? 17  TYR A N   1 
ATOM   138  C CA  . TYR A 1 19  ? -6.790  -10.081 -6.609  1.00 8.42  ? 17  TYR A CA  1 
ATOM   139  C C   . TYR A 1 19  ? -6.331  -8.780  -5.981  1.00 8.83  ? 17  TYR A C   1 
ATOM   140  O O   . TYR A 1 19  ? -5.086  -8.512  -5.872  1.00 9.49  ? 17  TYR A O   1 
ATOM   141  C CB  . TYR A 1 19  ? -6.574  -11.221 -5.625  1.00 9.89  ? 17  TYR A CB  1 
ATOM   142  C CG  . TYR A 1 19  ? -7.189  -12.530 -6.049  1.00 10.36 ? 17  TYR A CG  1 
ATOM   143  C CD1 . TYR A 1 19  ? -6.500  -13.399 -6.891  1.00 11.17 ? 17  TYR A CD1 1 
ATOM   144  C CD2 . TYR A 1 19  ? -8.451  -12.910 -5.637  1.00 10.90 ? 17  TYR A CD2 1 
ATOM   145  C CE1 . TYR A 1 19  ? -7.049  -14.593 -7.321  1.00 12.93 ? 17  TYR A CE1 1 
ATOM   146  C CE2 . TYR A 1 19  ? -9.018  -14.103 -6.078  1.00 12.43 ? 17  TYR A CE2 1 
ATOM   147  C CZ  . TYR A 1 19  ? -8.305  -14.939 -6.909  1.00 12.81 ? 17  TYR A CZ  1 
ATOM   148  O OH  . TYR A 1 19  ? -8.856  -16.128 -7.299  1.00 17.29 ? 17  TYR A OH  1 
ATOM   149  N N   . TRP A 1 20  ? -7.273  -7.981  -5.540  1.00 8.36  ? 18  TRP A N   1 
ATOM   150  C CA  . TRP A 1 20  ? -6.992  -6.881  -4.616  1.00 8.92  ? 18  TRP A CA  1 
ATOM   151  C C   . TRP A 1 20  ? -6.631  -7.433  -3.249  1.00 9.08  ? 18  TRP A C   1 
ATOM   152  O O   . TRP A 1 20  ? -7.440  -8.246  -2.703  1.00 9.99  ? 18  TRP A O   1 
ATOM   153  C CB  . TRP A 1 20  ? -8.176  -5.959  -4.531  1.00 9.03  ? 18  TRP A CB  1 
ATOM   154  C CG  . TRP A 1 20  ? -8.302  -5.000  -5.683  1.00 9.33  ? 18  TRP A CG  1 
ATOM   155  C CD1 . TRP A 1 20  ? -9.102  -5.098  -6.783  1.00 9.37  ? 18  TRP A CD1 1 
ATOM   156  C CD2 . TRP A 1 20  ? -7.513  -3.818  -5.882  1.00 8.64  ? 18  TRP A CD2 1 
ATOM   157  N NE1 . TRP A 1 20  ? -8.878  -4.062  -7.642  1.00 9.70  ? 18  TRP A NE1 1 
ATOM   158  C CE2 . TRP A 1 20  ? -7.929  -3.236  -7.098  1.00 9.45  ? 18  TRP A CE2 1 
ATOM   159  C CE3 . TRP A 1 20  ? -6.493  -3.218  -5.140  1.00 8.96  ? 18  TRP A CE3 1 
ATOM   160  C CZ2 . TRP A 1 20  ? -7.323  -2.099  -7.604  1.00 9.91  ? 18  TRP A CZ2 1 
ATOM   161  C CZ3 . TRP A 1 20  ? -5.915  -2.079  -5.626  1.00 9.15  ? 18  TRP A CZ3 1 
ATOM   162  C CH2 . TRP A 1 20  ? -6.341  -1.518  -6.830  1.00 9.65  ? 18  TRP A CH2 1 
ATOM   163  N N   . LEU A 1 21  ? -5.523  -6.999  -2.675  1.00 8.72  ? 19  LEU A N   1 
ATOM   164  C CA  . LEU A 1 21  ? -5.301  -7.101  -1.225  1.00 8.79  ? 19  LEU A CA  1 
ATOM   165  C C   . LEU A 1 21  ? -5.784  -5.816  -0.586  1.00 8.47  ? 19  LEU A C   1 
ATOM   166  O O   . LEU A 1 21  ? -5.320  -4.723  -0.974  1.00 9.29  ? 19  LEU A O   1 
ATOM   167  C CB  . LEU A 1 21  ? -3.835  -7.344  -0.911  1.00 10.29 ? 19  LEU A CB  1 
ATOM   168  C CG  . LEU A 1 21  ? -3.194  -8.577  -1.518  1.00 14.04 ? 19  LEU A CG  1 
ATOM   169  C CD1 . LEU A 1 21  ? -1.828  -8.799  -0.924  1.00 16.52 ? 19  LEU A CD1 1 
ATOM   170  C CD2 . LEU A 1 21  ? -4.015  -9.788  -1.330  1.00 15.55 ? 19  LEU A CD2 1 
ATOM   171  N N   . LEU A 1 22  ? -6.715  -5.939  0.338   1.00 8.72  ? 20  LEU A N   1 
ATOM   172  C CA  . LEU A 1 22  ? -7.318  -4.829  1.082   1.00 8.69  ? 20  LEU A CA  1 
ATOM   173  C C   . LEU A 1 22  ? -6.751  -4.877  2.499   1.00 9.01  ? 20  LEU A C   1 
ATOM   174  O O   . LEU A 1 22  ? -7.057  -5.827  3.232   1.00 8.52  ? 20  LEU A O   1 
ATOM   175  C CB  . LEU A 1 22  ? -8.847  -4.973  1.073   1.00 9.39  ? 20  LEU A CB  1 
ATOM   176  C CG  . LEU A 1 22  ? -9.596  -3.863  1.771   1.00 10.81 ? 20  LEU A CG  1 
ATOM   177  C CD1 . LEU A 1 22  ? -9.487  -2.585  0.997   1.00 10.87 ? 20  LEU A CD1 1 
ATOM   178  C CD2 . LEU A 1 22  ? -11.064 -4.226  1.993   1.00 12.16 ? 20  LEU A CD2 1 
ATOM   179  N N   . ILE A 1 23  ? -5.790  -4.009  2.782   1.00 9.13  ? 21  ILE A N   1 
ATOM   180  C CA  . ILE A 1 23  ? -4.890  -4.127  3.960   1.00 9.47  ? 21  ILE A CA  1 
ATOM   181  C C   . ILE A 1 23  ? -5.324  -3.090  4.989   1.00 9.59  ? 21  ILE A C   1 
ATOM   182  O O   . ILE A 1 23  ? -5.438  -1.893  4.644   1.00 10.34 ? 21  ILE A O   1 
ATOM   183  C CB  . ILE A 1 23  ? -3.438  -3.990  3.535   1.00 9.56  ? 21  ILE A CB  1 
ATOM   184  C CG1 . ILE A 1 23  ? -3.055  -5.098  2.537   1.00 9.81  ? 21  ILE A CG1 1 
ATOM   185  C CG2 . ILE A 1 23  ? -2.525  -3.984  4.740   1.00 9.92  ? 21  ILE A CG2 1 
ATOM   186  C CD1 . ILE A 1 23  ? -1.738  -4.826  1.743   1.00 12.02 ? 21  ILE A CD1 1 
ATOM   187  N N   . SER A 1 24  ? -5.668  -3.551  6.182   1.00 10.78 ? 22  SER A N   1 
ATOM   188  C CA  . SER A 1 24  ? -6.244  -2.741  7.298   1.00 13.96 ? 22  SER A CA  1 
ATOM   189  C C   . SER A 1 24  ? -5.152  -2.311  8.266   1.00 15.61 ? 22  SER A C   1 
ATOM   190  O O   . SER A 1 24  ? -4.809  -3.113  9.148   1.00 17.84 ? 22  SER A O   1 
ATOM   191  C CB  . SER A 1 24  ? -7.334  -3.521  8.014   1.00 18.10 ? 22  SER A CB  1 
ATOM   192  O OG  . SER A 1 24  ? -7.976  -2.729  9.021   1.00 23.09 ? 22  SER A OG  1 
ATOM   193  N N   . SER A 1 25  ? -4.828  -1.034  8.300   1.00 13.14 ? 23  SER A N   1 
ATOM   194  C CA  . SER A 1 25  ? -3.739  -0.455  9.120   1.00 14.33 ? 23  SER A CA  1 
ATOM   195  C C   . SER A 1 25  ? -4.288  -0.044  10.488  1.00 15.61 ? 23  SER A C   1 
ATOM   196  O O   . SER A 1 25  ? -5.246  0.663   10.524  1.00 16.42 ? 23  SER A O   1 
ATOM   197  C CB  . SER A 1 25  ? -3.125  0.720   8.381   1.00 13.43 ? 23  SER A CB  1 
ATOM   198  O OG  . SER A 1 25  ? -2.141  1.344   9.200   1.00 12.51 ? 23  SER A OG  1 
ATOM   199  N N   . ASN A 1 26  ? -3.644  -0.456  11.577  1.00 19.08 ? 24  ASN A N   1 
ATOM   200  C CA  . ASN A 1 26  ? -4.144  -0.129  12.944  1.00 21.26 ? 24  ASN A CA  1 
ATOM   201  C C   . ASN A 1 26  ? -3.088  0.642   13.744  1.00 19.41 ? 24  ASN A C   1 
ATOM   202  O O   . ASN A 1 26  ? -3.280  0.781   14.957  1.00 21.13 ? 24  ASN A O   1 
ATOM   203  C CB  . ASN A 1 26  ? -4.620  -1.359  13.725  1.00 25.15 ? 24  ASN A CB  1 
ATOM   204  C CG  . ASN A 1 26  ? -3.516  -2.342  14.054  1.00 29.84 ? 24  ASN A CG  1 
ATOM   205  O OD1 . ASN A 1 26  ? -2.355  -2.119  13.734  1.00 33.93 ? 24  ASN A OD1 1 
ATOM   206  N ND2 . ASN A 1 26  ? -3.880  -3.472  14.650  1.00 28.14 ? 24  ASN A ND2 1 
ATOM   207  N N   . THR A 1 27  ? -2.033  1.175   13.108  1.00 17.88 ? 25  THR A N   1 
ATOM   208  C CA  . THR A 1 27  ? -0.994  1.942   13.818  1.00 16.19 ? 25  THR A CA  1 
ATOM   209  C C   . THR A 1 27  ? -0.101  2.674   12.817  1.00 13.89 ? 25  THR A C   1 
ATOM   210  O O   . THR A 1 27  ? -0.192  2.427   11.628  1.00 14.69 ? 25  THR A O   1 
ATOM   211  C CB  . THR A 1 27  ? -0.215  1.015   14.763  1.00 17.80 ? 25  THR A CB  1 
ATOM   212  O OG1 . THR A 1 27  ? 0.486   1.856   15.669  1.00 19.44 ? 25  THR A OG1 1 
ATOM   213  C CG2 . THR A 1 27  ? 0.758   0.098   14.065  1.00 19.27 ? 25  THR A CG2 1 
ATOM   214  N N   . ASP A 1 28  ? 0.693   3.595   13.292  1.00 13.54 ? 26  ASP A N   1 
ATOM   215  C CA  . ASP A 1 28  ? 1.670   4.310   12.445  1.00 13.65 ? 26  ASP A CA  1 
ATOM   216  C C   . ASP A 1 28  ? 2.871   3.407   12.174  1.00 13.56 ? 26  ASP A C   1 
ATOM   217  O O   . ASP A 1 28  ? 3.180   2.554   12.986  1.00 16.00 ? 26  ASP A O   1 
ATOM   218  C CB  . ASP A 1 28  ? 2.097   5.635   13.074  1.00 16.27 ? 26  ASP A CB  1 
ATOM   219  C CG  . ASP A 1 28  ? 2.719   5.471   14.435  1.00 20.64 ? 26  ASP A CG  1 
ATOM   220  O OD1 . ASP A 1 28  ? 1.969   5.140   15.393  1.00 21.76 ? 26  ASP A OD1 1 
ATOM   221  O OD2 . ASP A 1 28  ? 3.923   5.673   14.537  1.00 22.03 ? 26  ASP A OD2 1 
ATOM   222  N N   . GLY A 1 29  ? 3.527   3.649   11.060  1.00 11.15 ? 27  GLY A N   1 
ATOM   223  C CA  . GLY A 1 29  ? 4.730   2.951   10.624  1.00 10.63 ? 27  GLY A CA  1 
ATOM   224  C C   . GLY A 1 29  ? 4.529   2.170   9.359   1.00 9.81  ? 27  GLY A C   1 
ATOM   225  O O   . GLY A 1 29  ? 3.670   2.503   8.560   1.00 12.42 ? 27  GLY A O   1 
ATOM   226  N N   . VAL A 1 30  ? 5.292   1.141   9.194   1.00 9.76  ? 28  VAL A N   1 
ATOM   227  C CA  . VAL A 1 30  ? 5.305   0.361   7.936   1.00 9.68  ? 28  VAL A CA  1 
ATOM   228  C C   . VAL A 1 30  ? 4.070   -0.524  7.853   1.00 8.97  ? 28  VAL A C   1 
ATOM   229  O O   . VAL A 1 30  ? 3.860   -1.360  8.737   1.00 10.77 ? 28  VAL A O   1 
ATOM   230  C CB  . VAL A 1 30  ? 6.598   -0.434  7.789   1.00 10.46 ? 28  VAL A CB  1 
ATOM   231  C CG1 . VAL A 1 30  ? 6.571   -1.244  6.487   1.00 10.66 ? 28  VAL A CG1 1 
ATOM   232  C CG2 . VAL A 1 30  ? 7.827   0.452   7.839   1.00 11.72 ? 28  VAL A CG2 1 
ATOM   233  N N   . VAL A 1 31  ? 3.280   -0.356  6.816   1.00 8.03  ? 29  VAL A N   1 
ATOM   234  C CA  . VAL A 1 31  ? 2.062   -1.165  6.570   1.00 8.29  ? 29  VAL A CA  1 
ATOM   235  C C   . VAL A 1 31  ? 2.439   -2.406  5.776   1.00 8.55  ? 29  VAL A C   1 
ATOM   236  O O   . VAL A 1 31  ? 2.010   -3.524  6.152   1.00 8.22  ? 29  VAL A O   1 
ATOM   237  C CB  . VAL A 1 31  ? 1.008   -0.349  5.848   1.00 9.10  ? 29  VAL A CB  1 
ATOM   238  C CG1 . VAL A 1 31  ? -0.212  -1.184  5.604   1.00 9.68  ? 29  VAL A CG1 1 
ATOM   239  C CG2 . VAL A 1 31  ? 0.667   0.900   6.613   1.00 9.73  ? 29  VAL A CG2 1 
ATOM   240  N N   . TYR A 1 32  ? 3.174   -2.244  4.690   1.00 7.99  ? 30  TYR A N   1 
ATOM   241  C CA  . TYR A 1 32  ? 3.658   -3.408  3.926   1.00 8.01  ? 30  TYR A CA  1 
ATOM   242  C C   . TYR A 1 32  ? 4.920   -3.049  3.170   1.00 7.70  ? 30  TYR A C   1 
ATOM   243  O O   . TYR A 1 32  ? 5.190   -1.846  2.902   1.00 7.88  ? 30  TYR A O   1 
ATOM   244  C CB  . TYR A 1 32  ? 2.581   -3.998  3.000   1.00 8.45  ? 30  TYR A CB  1 
ATOM   245  C CG  . TYR A 1 32  ? 2.235   -3.216  1.765   1.00 8.12  ? 30  TYR A CG  1 
ATOM   246  C CD1 . TYR A 1 32  ? 3.055   -3.196  0.636   1.00 8.52  ? 30  TYR A CD1 1 
ATOM   247  C CD2 . TYR A 1 32  ? 1.066   -2.507  1.703   1.00 8.24  ? 30  TYR A CD2 1 
ATOM   248  C CE1 . TYR A 1 32  ? 2.694   -2.528  -0.511  1.00 9.02  ? 30  TYR A CE1 1 
ATOM   249  C CE2 . TYR A 1 32  ? 0.674   -1.844  0.549   1.00 8.69  ? 30  TYR A CE2 1 
ATOM   250  C CZ  . TYR A 1 32  ? 1.474   -1.880  -0.578  1.00 8.39  ? 30  TYR A CZ  1 
ATOM   251  O OH  . TYR A 1 32  ? 1.104   -1.245  -1.741  1.00 9.17  ? 30  TYR A OH  1 
ATOM   252  N N   . GLU A 1 33  ? 5.668   -4.064  2.781   1.00 7.15  ? 31  GLU A N   1 
ATOM   253  C CA  . GLU A 1 33  ? 6.875   -3.963  1.949   1.00 7.97  ? 31  GLU A CA  1 
ATOM   254  C C   . GLU A 1 33  ? 6.743   -4.963  0.808   1.00 8.12  ? 31  GLU A C   1 
ATOM   255  O O   . GLU A 1 33  ? 6.668   -6.184  1.123   1.00 8.37  ? 31  GLU A O   1 
ATOM   256  C CB  . GLU A 1 33  ? 8.102   -4.332  2.774   1.00 9.64  ? 31  GLU A CB  1 
ATOM   257  C CG  . GLU A 1 33  ? 8.305   -3.490  4.042   1.00 11.42 ? 31  GLU A CG  1 
ATOM   258  C CD  . GLU A 1 33  ? 9.237   -4.179  5.007   1.00 12.67 ? 31  GLU A CD  1 
ATOM   259  O OE1 . GLU A 1 33  ? 8.725   -4.738  6.013   1.00 16.17 ? 31  GLU A OE1 1 
ATOM   260  O OE2 . GLU A 1 33  ? 10.458  -4.281  4.723   1.00 13.64 ? 31  GLU A OE2 1 
ATOM   261  N N   . SER A 1 34  ? 6.716   -4.541  -0.436  1.00 7.54  ? 32  SER A N   1 
ATOM   262  C CA  . SER A 1 34  ? 6.519   -5.431  -1.588  1.00 7.21  ? 32  SER A CA  1 
ATOM   263  C C   . SER A 1 34  ? 7.673   -5.255  -2.568  1.00 6.90  ? 32  SER A C   1 
ATOM   264  O O   . SER A 1 34  ? 8.000   -4.093  -2.931  1.00 7.10  ? 32  SER A O   1 
ATOM   265  C CB  . SER A 1 34  ? 5.208   -5.164  -2.223  1.00 8.10  ? 32  SER A CB  1 
ATOM   266  O OG  . SER A 1 34  ? 5.005   -6.044  -3.308  1.00 9.06  ? 32  SER A OG  1 
ATOM   267  N N   . THR A 1 35  ? 8.263   -6.338  -3.069  1.00 6.55  ? 33  THR A N   1 
ATOM   268  C CA  . THR A 1 35  ? 9.318   -6.231  -4.064  1.00 7.11  ? 33  THR A CA  1 
ATOM   269  C C   . THR A 1 35  ? 9.444   -7.510  -4.856  1.00 7.27  ? 33  THR A C   1 
ATOM   270  O O   . THR A 1 35  ? 9.164   -8.584  -4.321  1.00 7.53  ? 33  THR A O   1 
ATOM   271  C CB  . THR A 1 35  ? 10.670  -5.840  -3.420  1.00 7.58  ? 33  THR A CB  1 
ATOM   272  O OG1 . THR A 1 35  ? 11.631  -5.561  -4.435  1.00 7.54  ? 33  THR A OG1 1 
ATOM   273  C CG2 . THR A 1 35  ? 11.249  -6.920  -2.534  1.00 8.09  ? 33  THR A CG2 1 
ATOM   274  N N   . ASN A 1 36  ? 10.033  -7.380  -6.054  1.00 7.32  ? 34  ASN A N   1 
ATOM   275  C CA  . ASN A 1 36  ? 10.604  -8.528  -6.797  1.00 7.27  ? 34  ASN A CA  1 
ATOM   276  C C   . ASN A 1 36  ? 12.127  -8.488  -6.806  1.00 7.59  ? 34  ASN A C   1 
ATOM   277  O O   . ASN A 1 36  ? 12.729  -9.356  -7.454  1.00 8.24  ? 34  ASN A O   1 
ATOM   278  C CB  . ASN A 1 36  ? 10.055  -8.627  -8.211  1.00 7.31  ? 34  ASN A CB  1 
ATOM   279  C CG  . ASN A 1 36  ? 10.293  -7.379  -9.018  1.00 7.67  ? 34  ASN A CG  1 
ATOM   280  O OD1 . ASN A 1 36  ? 11.089  -6.542  -8.653  1.00 8.15  ? 34  ASN A OD1 1 
ATOM   281  N ND2 . ASN A 1 36  ? 9.558   -7.228  -10.132 1.00 8.92  ? 34  ASN A ND2 1 
ATOM   282  N N   . ASN A 1 37  ? 12.728  -7.530  -6.109  1.00 7.20  ? 35  ASN A N   1 
ATOM   283  C CA  . ASN A 1 37  ? 14.205  -7.361  -6.078  1.00 8.09  ? 35  ASN A CA  1 
ATOM   284  C C   . ASN A 1 37  ? 14.804  -7.152  -7.475  1.00 9.05  ? 35  ASN A C   1 
ATOM   285  O O   . ASN A 1 37  ? 16.027  -7.319  -7.619  1.00 10.44 ? 35  ASN A O   1 
ATOM   286  C CB  . ASN A 1 37  ? 14.890  -8.526  -5.352  1.00 8.59  ? 35  ASN A CB  1 
ATOM   287  C CG  . ASN A 1 37  ? 14.436  -8.607  -3.919  1.00 8.76  ? 35  ASN A CG  1 
ATOM   288  O OD1 . ASN A 1 37  ? 13.822  -9.617  -3.508  1.00 11.32 ? 35  ASN A OD1 1 
ATOM   289  N ND2 . ASN A 1 37  ? 14.624  -7.551  -3.196  1.00 7.63  ? 35  ASN A ND2 1 
ATOM   290  N N   . SER A 1 38  ? 14.044  -6.656  -8.443  1.00 8.89  ? 36  SER A N   1 
ATOM   291  C CA  . SER A 1 38  ? 14.614  -6.347  -9.784  1.00 9.75  ? 36  SER A CA  1 
ATOM   292  C C   . SER A 1 38  ? 14.156  -4.979  -10.258 1.00 9.31  ? 36  SER A C   1 
ATOM   293  O O   . SER A 1 38  ? 15.010  -4.127  -10.439 1.00 11.12 ? 36  SER A O   1 
ATOM   294  C CB  . SER A 1 38  ? 14.310  -7.413  -10.793 1.00 12.72 ? 36  SER A CB  1 
ATOM   295  O OG  . SER A 1 38  ? 12.920  -7.515  -11.063 1.00 13.90 ? 36  SER A OG  1 
ATOM   296  N N   . ASP A 1 39  ? 12.869  -4.799  -10.491 1.00 9.30  ? 37  ASP A N   1 
ATOM   297  C CA  . ASP A 1 39  ? 12.387  -3.524  -11.069 1.00 9.20  ? 37  ASP A CA  1 
ATOM   298  C C   . ASP A 1 39  ? 11.230  -2.946  -10.273 1.00 8.94  ? 37  ASP A C   1 
ATOM   299  O O   . ASP A 1 39  ? 10.656  -1.960  -10.723 1.00 10.11 ? 37  ASP A O   1 
ATOM   300  C CB  . ASP A 1 39  ? 12.016  -3.668  -12.558 1.00 9.76  ? 37  ASP A CB  1 
ATOM   301  C CG  . ASP A 1 39  ? 10.766  -4.462  -12.849 1.00 11.44 ? 37  ASP A CG  1 
ATOM   302  O OD1 . ASP A 1 39  ? 10.125  -4.962  -11.915 1.00 10.08 ? 37  ASP A OD1 1 
ATOM   303  O OD2 . ASP A 1 39  ? 10.416  -4.589  -14.074 1.00 14.54 ? 37  ASP A OD2 1 
ATOM   304  N N   . PHE A 1 40  ? 10.856  -3.517  -9.148  1.00 8.77  ? 38  PHE A N   1 
ATOM   305  C CA  . PHE A 1 40  ? 9.658   -3.063  -8.404  1.00 8.23  ? 38  PHE A CA  1 
ATOM   306  C C   . PHE A 1 40  ? 9.888   -3.136  -6.912  1.00 7.46  ? 38  PHE A C   1 
ATOM   307  O O   . PHE A 1 40  ? 10.140  -4.230  -6.393  1.00 7.56  ? 38  PHE A O   1 
ATOM   308  C CB  . PHE A 1 40  ? 8.456   -3.909  -8.793  1.00 8.85  ? 38  PHE A CB  1 
ATOM   309  C CG  . PHE A 1 40  ? 7.230   -3.526  -8.034  1.00 9.67  ? 38  PHE A CG  1 
ATOM   310  C CD1 . PHE A 1 40  ? 6.411   -2.508  -8.453  1.00 11.13 ? 38  PHE A CD1 1 
ATOM   311  C CD2 . PHE A 1 40  ? 6.906   -4.169  -6.853  1.00 10.76 ? 38  PHE A CD2 1 
ATOM   312  C CE1 . PHE A 1 40  ? 5.322   -2.110  -7.687  1.00 12.56 ? 38  PHE A CE1 1 
ATOM   313  C CE2 . PHE A 1 40  ? 5.789   -3.805  -6.119  1.00 11.29 ? 38  PHE A CE2 1 
ATOM   314  C CZ  . PHE A 1 40  ? 5.017   -2.757  -6.535  1.00 12.20 ? 38  PHE A CZ  1 
ATOM   315  N N   . TRP A 1 41  ? 9.781   -2.032  -6.236  1.00 7.39  ? 39  TRP A N   1 
ATOM   316  C CA  . TRP A 1 41  ? 9.734   -1.958  -4.760  1.00 7.78  ? 39  TRP A CA  1 
ATOM   317  C C   . TRP A 1 41  ? 8.628   -0.989  -4.422  1.00 8.01  ? 39  TRP A C   1 
ATOM   318  O O   . TRP A 1 41  ? 8.653   0.143   -4.957  1.00 10.60 ? 39  TRP A O   1 
ATOM   319  C CB  . TRP A 1 41  ? 11.024  -1.414  -4.166  1.00 8.19  ? 39  TRP A CB  1 
ATOM   320  C CG  . TRP A 1 41  ? 12.209  -2.274  -4.192  1.00 8.66  ? 39  TRP A CG  1 
ATOM   321  C CD1 . TRP A 1 41  ? 12.819  -2.844  -3.100  1.00 9.07  ? 39  TRP A CD1 1 
ATOM   322  C CD2 . TRP A 1 41  ? 13.064  -2.565  -5.310  1.00 8.52  ? 39  TRP A CD2 1 
ATOM   323  N NE1 . TRP A 1 41  ? 13.941  -3.495  -3.469  1.00 8.94  ? 39  TRP A NE1 1 
ATOM   324  C CE2 . TRP A 1 41  ? 14.113  -3.379  -4.821  1.00 8.87  ? 39  TRP A CE2 1 
ATOM   325  C CE3 . TRP A 1 41  ? 13.051  -2.284  -6.680  1.00 9.06  ? 39  TRP A CE3 1 
ATOM   326  C CZ2 . TRP A 1 41  ? 15.129  -3.871  -5.634  1.00 9.69  ? 39  TRP A CZ2 1 
ATOM   327  C CZ3 . TRP A 1 41  ? 14.041  -2.797  -7.485  1.00 9.97  ? 39  TRP A CZ3 1 
ATOM   328  C CH2 . TRP A 1 41  ? 15.074  -3.589  -6.970  1.00 10.32 ? 39  TRP A CH2 1 
ATOM   329  N N   . THR A 1 42  ? 7.722   -1.333  -3.536  1.00 8.21  ? 40  THR A N   1 
ATOM   330  C CA  . THR A 1 42  ? 6.784   -0.383  -2.921  1.00 8.73  ? 40  THR A CA  1 
ATOM   331  C C   . THR A 1 42  ? 6.661   -0.709  -1.454  1.00 8.29  ? 40  THR A C   1 
ATOM   332  O O   . THR A 1 42  ? 6.413   -1.882  -1.113  1.00 9.31  ? 40  THR A O   1 
ATOM   333  C CB  . THR A 1 42  ? 5.411   -0.402  -3.579  1.00 11.49 ? 40  THR A CB  1 
ATOM   334  O OG1 . THR A 1 42  ? 5.525   0.006   -4.951  1.00 15.21 ? 40  THR A OG1 1 
ATOM   335  C CG2 . THR A 1 42  ? 4.442   0.521   -2.875  1.00 11.73 ? 40  THR A CG2 1 
ATOM   336  N N   . ALA A 1 43  ? 6.784   0.284   -0.613  1.00 8.47  ? 41  ALA A N   1 
ATOM   337  C CA  . ALA A 1 43  ? 6.383   0.201   0.796   1.00 8.45  ? 41  ALA A CA  1 
ATOM   338  C C   . ALA A 1 43  ? 5.343   1.261   1.061   1.00 8.98  ? 41  ALA A C   1 
ATOM   339  O O   . ALA A 1 43  ? 5.448   2.399   0.503   1.00 11.27 ? 41  ALA A O   1 
ATOM   340  C CB  . ALA A 1 43  ? 7.551   0.359   1.679   1.00 10.59 ? 41  ALA A CB  1 
ATOM   341  N N   . VAL A 1 44  ? 4.416   0.977   1.926   1.00 7.44  ? 42  VAL A N   1 
ATOM   342  C CA  . VAL A 1 44  ? 3.428   1.960   2.405   1.00 8.03  ? 42  VAL A CA  1 
ATOM   343  C C   . VAL A 1 44  ? 3.699   2.239   3.856   1.00 8.20  ? 42  VAL A C   1 
ATOM   344  O O   . VAL A 1 44  ? 3.880   1.283   4.651   1.00 8.86  ? 42  VAL A O   1 
ATOM   345  C CB  . VAL A 1 44  ? 1.998   1.500   2.153   1.00 8.16  ? 42  VAL A CB  1 
ATOM   346  C CG1 . VAL A 1 44  ? 0.969   2.401   2.835   1.00 8.88  ? 42  VAL A CG1 1 
ATOM   347  C CG2 . VAL A 1 44  ? 1.765   1.411   0.666   1.00 8.39  ? 42  VAL A CG2 1 
ATOM   348  N N   . ILE A 1 45  ? 3.748   3.513   4.202   1.00 7.87  ? 43  ILE A N   1 
ATOM   349  C CA  . ILE A 1 45  ? 4.022   4.011   5.573   1.00 9.69  ? 43  ILE A CA  1 
ATOM   350  C C   . ILE A 1 45  ? 2.830   4.837   6.044   1.00 8.44  ? 43  ILE A C   1 
ATOM   351  O O   . ILE A 1 45  ? 2.354   5.723   5.313   1.00 10.45 ? 43  ILE A O   1 
ATOM   352  C CB  . ILE A 1 45  ? 5.320   4.823   5.589   1.00 11.51 ? 43  ILE A CB  1 
ATOM   353  C CG1 . ILE A 1 45  ? 6.548   3.926   5.350   1.00 14.25 ? 43  ILE A CG1 1 
ATOM   354  C CG2 . ILE A 1 45  ? 5.429   5.636   6.887   1.00 13.58 ? 43  ILE A CG2 1 
ATOM   355  C CD1 . ILE A 1 45  ? 7.813   4.691   5.015   1.00 17.11 ? 43  ILE A CD1 1 
ATOM   356  N N   . ALA A 1 46  ? 2.336   4.525   7.213   1.00 9.35  ? 44  ALA A N   1 
ATOM   357  C CA  . ALA A 1 46  ? 1.192   5.204   7.842   1.00 9.25  ? 44  ALA A CA  1 
ATOM   358  C C   . ALA A 1 46  ? 1.692   6.324   8.750   1.00 7.98  ? 44  ALA A C   1 
ATOM   359  O O   . ALA A 1 46  ? 2.552   6.084   9.608   1.00 9.34  ? 44  ALA A O   1 
ATOM   360  C CB  . ALA A 1 46  ? 0.361   4.236   8.612   1.00 9.01  ? 44  ALA A CB  1 
ATOM   361  N N   . VAL A 1 47  ? 1.089   7.469   8.591   1.00 8.60  ? 45  VAL A N   1 
ATOM   362  C CA  . VAL A 1 47  ? 1.327   8.663   9.440   1.00 8.92  ? 45  VAL A CA  1 
ATOM   363  C C   . VAL A 1 47  ? -0.013  9.125   10.014  1.00 9.11  ? 45  VAL A C   1 
ATOM   364  O O   . VAL A 1 47  ? -0.957  9.437   9.257   1.00 9.84  ? 45  VAL A O   1 
ATOM   365  C CB  . VAL A 1 47  ? 2.017   9.760   8.629   1.00 9.07  ? 45  VAL A CB  1 
ATOM   366  C CG1 . VAL A 1 47  ? 2.277   10.999  9.464   1.00 9.86  ? 45  VAL A CG1 1 
ATOM   367  C CG2 . VAL A 1 47  ? 3.307   9.254   7.985   1.00 9.01  ? 45  VAL A CG2 1 
ATOM   368  N N   . GLU A 1 48  ? -0.032  9.221   11.324  1.00 9.75  ? 46  GLU A N   1 
ATOM   369  C CA  . GLU A 1 48  ? -1.240  9.563   12.100  1.00 10.54 ? 46  GLU A CA  1 
ATOM   370  C C   . GLU A 1 48  ? -1.595  11.022  11.847  1.00 10.48 ? 46  GLU A C   1 
ATOM   371  O O   . GLU A 1 48  ? -0.778  11.824  11.367  1.00 10.67 ? 46  GLU A O   1 
ATOM   372  C CB  . GLU A 1 48  ? -1.032  9.261   13.575  1.00 11.29 ? 46  GLU A CB  1 
ATOM   373  C CG  . GLU A 1 48  ? -0.023  10.180  14.276  1.00 12.02 ? 46  GLU A CG  1 
ATOM   374  C CD  . GLU A 1 48  ? 1.442   9.782   14.195  1.00 12.38 ? 46  GLU A CD  1 
ATOM   375  O OE1 . GLU A 1 48  ? 1.823   8.989   13.293  1.00 11.56 ? 46  GLU A OE1 1 
ATOM   376  O OE2 . GLU A 1 48  ? 2.217   10.198  15.110  1.00 13.87 ? 46  GLU A OE2 1 
ATOM   377  N N   . PRO A 1 49  ? -2.870  11.397  12.107  1.00 11.19 ? 47  PRO A N   1 
ATOM   378  C CA  . PRO A 1 49  ? -3.295  12.786  11.965  1.00 12.05 ? 47  PRO A CA  1 
ATOM   379  C C   . PRO A 1 49  ? -2.407  13.771  12.765  1.00 12.83 ? 47  PRO A C   1 
ATOM   380  O O   . PRO A 1 49  ? -1.881  13.425  13.805  1.00 12.69 ? 47  PRO A O   1 
ATOM   381  C CB  . PRO A 1 49  ? -4.741  12.774  12.519  1.00 12.91 ? 47  PRO A CB  1 
ATOM   382  C CG  . PRO A 1 49  ? -5.215  11.351  12.305  1.00 12.54 ? 47  PRO A CG  1 
ATOM   383  C CD  . PRO A 1 49  ? -3.980  10.513  12.520  1.00 12.02 ? 47  PRO A CD  1 
ATOM   384  N N   . HIS A 1 50  ? -2.301  14.978  12.246  1.00 13.14 ? 48  HIS A N   1 
ATOM   385  C CA  . HIS A 1 50  ? -1.709  16.156  12.954  1.00 13.50 ? 48  HIS A CA  1 
ATOM   386  C C   . HIS A 1 50  ? -0.241  15.886  13.277  1.00 14.39 ? 48  HIS A C   1 
ATOM   387  O O   . HIS A 1 50  ? 0.182   16.048  14.453  1.00 16.30 ? 48  HIS A O   1 
ATOM   388  C CB  . HIS A 1 50  ? -2.499  16.478  14.234  1.00 15.82 ? 48  HIS A CB  1 
ATOM   389  C CG  . HIS A 1 50  ? -3.955  16.638  13.994  1.00 18.37 ? 48  HIS A CG  1 
ATOM   390  N ND1 . HIS A 1 50  ? -4.451  17.509  13.057  1.00 20.55 ? 48  HIS A ND1 1 
ATOM   391  C CD2 . HIS A 1 50  ? -5.018  15.997  14.518  1.00 21.48 ? 48  HIS A CD2 1 
ATOM   392  C CE1 . HIS A 1 50  ? -5.771  17.416  13.037  1.00 20.26 ? 48  HIS A CE1 1 
ATOM   393  N NE2 . HIS A 1 50  ? -6.127  16.495  13.899  1.00 21.27 ? 48  HIS A NE2 1 
ATOM   394  N N   . VAL A 1 51  ? 0.521   15.468  12.289  1.00 12.35 ? 49  VAL A N   1 
ATOM   395  C CA  . VAL A 1 51  ? 1.983   15.339  12.412  1.00 12.20 ? 49  VAL A CA  1 
ATOM   396  C C   . VAL A 1 51  ? 2.606   16.481  11.632  1.00 11.39 ? 49  VAL A C   1 
ATOM   397  O O   . VAL A 1 51  ? 2.519   16.496  10.403  1.00 13.06 ? 49  VAL A O   1 
ATOM   398  C CB  . VAL A 1 51  ? 2.462   13.967  11.945  1.00 11.41 ? 49  VAL A CB  1 
ATOM   399  C CG1 . VAL A 1 51  ? 3.973   13.885  11.836  1.00 12.38 ? 49  VAL A CG1 1 
ATOM   400  C CG2 . VAL A 1 51  ? 1.928   12.925  12.896  1.00 11.89 ? 49  VAL A CG2 1 
ATOM   401  N N   . SER A 1 52  ? 3.217   17.415  12.367  1.00 12.41 ? 50  SER A N   1 
ATOM   402  C CA  . SER A 1 52  ? 4.068   18.499  11.831  1.00 14.03 ? 50  SER A CA  1 
ATOM   403  C C   . SER A 1 52  ? 5.205   17.897  10.968  1.00 11.85 ? 50  SER A C   1 
ATOM   404  O O   . SER A 1 52  ? 5.743   16.853  11.344  1.00 11.74 ? 50  SER A O   1 
ATOM   405  C CB  . SER A 1 52  ? 4.639   19.377  13.028  1.00 14.47 ? 50  SER A CB  1 
ATOM   406  O OG  . SER A 1 52  ? 3.552   19.821  13.867  1.00 21.89 ? 50  SER A OG  1 
ATOM   407  N N   . GLN A 1 53  ? 5.591   18.559  9.888   1.00 10.92 ? 51  GLN A N   1 
ATOM   408  C CA  . GLN A 1 53  ? 6.681   18.071  9.005   1.00 10.47 ? 51  GLN A CA  1 
ATOM   409  C C   . GLN A 1 53  ? 7.860   17.566  9.831   1.00 10.07 ? 51  GLN A C   1 
ATOM   410  O O   . GLN A 1 53  ? 8.411   18.322  10.697  1.00 10.42 ? 51  GLN A O   1 
ATOM   411  C CB  . GLN A 1 53  ? 7.136   19.174  8.073   1.00 10.07 ? 51  GLN A CB  1 
ATOM   412  C CG  . GLN A 1 53  ? 8.284   18.765  7.191   1.00 10.59 ? 51  GLN A CG  1 
ATOM   413  C CD  . GLN A 1 53  ? 8.718   19.883  6.283   1.00 11.18 ? 51  GLN A CD  1 
ATOM   414  O OE1 . GLN A 1 53  ? 8.429   21.060  6.534   1.00 12.02 ? 51  GLN A OE1 1 
ATOM   415  N NE2 . GLN A 1 53  ? 9.463   19.561  5.245   1.00 10.59 ? 51  GLN A NE2 1 
ATOM   416  N N   . THR A 1 54  ? 8.321   16.370  9.538   1.00 9.36  ? 52  THR A N   1 
ATOM   417  C CA  . THR A 1 54  ? 9.366   15.730  10.324  1.00 10.08 ? 52  THR A CA  1 
ATOM   418  C C   . THR A 1 54  ? 10.043  14.644  9.536   1.00 9.05  ? 52  THR A C   1 
ATOM   419  O O   . THR A 1 54  ? 9.382   13.951  8.765   1.00 9.09  ? 52  THR A O   1 
ATOM   420  C CB  . THR A 1 54  ? 8.760   15.196  11.628  1.00 10.96 ? 52  THR A CB  1 
ATOM   421  O OG1 . THR A 1 54  ? 9.861   14.839  12.459  1.00 14.38 ? 52  THR A OG1 1 
ATOM   422  C CG2 . THR A 1 54  ? 7.783   14.042  11.439  1.00 10.83 ? 52  THR A CG2 1 
ATOM   423  N N   . ASN A 1 55  ? 11.313  14.410  9.841   1.00 9.65  ? 53  ASN A N   1 
ATOM   424  C CA  . ASN A 1 55  ? 11.977  13.166  9.466   1.00 9.59  ? 53  ASN A CA  1 
ATOM   425  C C   . ASN A 1 55  ? 11.502  12.075  10.405  1.00 9.68  ? 53  ASN A C   1 
ATOM   426  O O   . ASN A 1 55  ? 11.411  12.331  11.600  1.00 11.10 ? 53  ASN A O   1 
ATOM   427  C CB  . ASN A 1 55  ? 13.490  13.361  9.504   1.00 9.40  ? 53  ASN A CB  1 
ATOM   428  C CG  . ASN A 1 55  ? 13.985  14.294  8.423   1.00 9.88  ? 53  ASN A CG  1 
ATOM   429  O OD1 . ASN A 1 55  ? 14.978  15.015  8.634   1.00 14.12 ? 53  ASN A OD1 1 
ATOM   430  N ND2 . ASN A 1 55  ? 13.392  14.196  7.254   1.00 10.75 ? 53  ASN A ND2 1 
ATOM   431  N N   . ARG A 1 56  ? 11.234  10.896  9.876   1.00 9.24  ? 54  ARG A N   1 
ATOM   432  C CA  . ARG A 1 56  ? 11.008  9.670   10.649  1.00 9.28  ? 54  ARG A CA  1 
ATOM   433  C C   . ARG A 1 56  ? 11.846  8.571   10.055  1.00 9.38  ? 54  ARG A C   1 
ATOM   434  O O   . ARG A 1 56  ? 12.182  8.609   8.861   1.00 9.43  ? 54  ARG A O   1 
ATOM   435  C CB  . ARG A 1 56  ? 9.528   9.318   10.647  1.00 9.29  ? 54  ARG A CB  1 
ATOM   436  C CG  . ARG A 1 56  ? 8.713   10.158  11.600  1.00 9.30  ? 54  ARG A CG  1 
ATOM   437  C CD  . ARG A 1 56  ? 7.257   9.719   11.698  1.00 9.64  ? 54  ARG A CD  1 
ATOM   438  N NE  . ARG A 1 56  ? 6.565   10.466  12.746  1.00 11.36 ? 54  ARG A NE  1 
ATOM   439  C CZ  . ARG A 1 56  ? 5.309   10.287  13.095  1.00 11.04 ? 54  ARG A CZ  1 
ATOM   440  N NH1 . ARG A 1 56  ? 4.539   9.386   12.484  1.00 10.63 ? 54  ARG A NH1 1 
ATOM   441  N NH2 . ARG A 1 56  ? 4.823   11.018  14.075  1.00 12.16 ? 54  ARG A NH2 1 
ATOM   442  N N   . GLN A 1 57  ? 12.173  7.617   10.876  1.00 10.18 ? 55  GLN A N   1 
ATOM   443  C CA  . GLN A 1 57  ? 13.082  6.505   10.563  1.00 11.51 ? 55  GLN A CA  1 
ATOM   444  C C   . GLN A 1 57  ? 12.236  5.239   10.455  1.00 11.89 ? 55  GLN A C   1 
ATOM   445  O O   . GLN A 1 57  ? 11.291  5.011   11.269  1.00 14.62 ? 55  GLN A O   1 
ATOM   446  C CB  . GLN A 1 57  ? 14.181  6.365   11.628  1.00 13.18 ? 55  GLN A CB  1 
ATOM   447  C CG  . GLN A 1 57  ? 14.951  7.674   11.978  1.00 15.61 ? 55  GLN A CG  1 
ATOM   448  C CD  . GLN A 1 57  ? 15.489  8.512   10.827  1.00 17.36 ? 55  GLN A CD  1 
ATOM   449  O OE1 . GLN A 1 57  ? 16.105  8.001   9.907   1.00 18.62 ? 55  GLN A OE1 1 
ATOM   450  N NE2 . GLN A 1 57  ? 15.358  9.840   10.920  1.00 19.27 ? 55  GLN A NE2 1 
ATOM   451  N N   . TYR A 1 58  ? 12.485  4.460   9.419   1.00 11.81 ? 56  TYR A N   1 
ATOM   452  C CA  . TYR A 1 58  ? 11.755  3.218   9.170   1.00 11.65 ? 56  TYR A CA  1 
ATOM   453  C C   . TYR A 1 58  ? 12.736  2.145   8.815   1.00 11.64 ? 56  TYR A C   1 
ATOM   454  O O   . TYR A 1 58  ? 13.935  2.446   8.499   1.00 12.83 ? 56  TYR A O   1 
ATOM   455  C CB  . TYR A 1 58  ? 10.750  3.432   8.053   1.00 11.36 ? 56  TYR A CB  1 
ATOM   456  C CG  . TYR A 1 58  ? 9.772   4.575   8.260   1.00 11.30 ? 56  TYR A CG  1 
ATOM   457  C CD1 . TYR A 1 58  ? 8.584   4.379   8.960   1.00 13.01 ? 56  TYR A CD1 1 
ATOM   458  C CD2 . TYR A 1 58  ? 10.076  5.871   7.869   1.00 11.55 ? 56  TYR A CD2 1 
ATOM   459  C CE1 . TYR A 1 58  ? 7.703   5.429   9.220   1.00 11.58 ? 56  TYR A CE1 1 
ATOM   460  C CE2 . TYR A 1 58  ? 9.200   6.917   8.078   1.00 10.52 ? 56  TYR A CE2 1 
ATOM   461  C CZ  . TYR A 1 58  ? 8.014   6.712   8.767   1.00 9.85  ? 56  TYR A CZ  1 
ATOM   462  O OH  . TYR A 1 58  ? 7.134   7.757   8.974   1.00 9.57  ? 56  TYR A OH  1 
ATOM   463  N N   . VAL A 1 59  ? 12.234  0.915   8.784   1.00 9.41  ? 57  VAL A N   1 
ATOM   464  C CA  . VAL A 1 59  ? 12.999  -0.234  8.246   1.00 9.48  ? 57  VAL A CA  1 
ATOM   465  C C   . VAL A 1 59  ? 12.241  -0.783  7.036   1.00 8.72  ? 57  VAL A C   1 
ATOM   466  O O   . VAL A 1 59  ? 11.098  -1.205  7.189   1.00 10.64 ? 57  VAL A O   1 
ATOM   467  C CB  . VAL A 1 59  ? 13.225  -1.291  9.317   1.00 9.71  ? 57  VAL A CB  1 
ATOM   468  C CG1 . VAL A 1 59  ? 13.910  -2.536  8.735   1.00 10.20 ? 57  VAL A CG1 1 
ATOM   469  C CG2 . VAL A 1 59  ? 14.020  -0.718  10.478  1.00 10.42 ? 57  VAL A CG2 1 
ATOM   470  N N   . LEU A 1 60  ? 12.851  -0.702  5.874   1.00 8.36  ? 58  LEU A N   1 
ATOM   471  C CA  . LEU A 1 60  ? 12.240  -1.121  4.590   1.00 10.34 ? 58  LEU A CA  1 
ATOM   472  C C   . LEU A 1 60  ? 13.215  -2.053  3.906   1.00 8.65  ? 58  LEU A C   1 
ATOM   473  O O   . LEU A 1 60  ? 14.342  -1.654  3.660   1.00 8.14  ? 58  LEU A O   1 
ATOM   474  C CB  . LEU A 1 60  ? 11.989  0.078   3.671   1.00 12.00 ? 58  LEU A CB  1 
ATOM   475  C CG  . LEU A 1 60  ? 10.954  1.123   4.067   1.00 15.07 ? 58  LEU A CG  1 
ATOM   476  C CD1 . LEU A 1 60  ? 10.680  2.023   2.866   1.00 16.06 ? 58  LEU A CD1 1 
ATOM   477  C CD2 . LEU A 1 60  ? 9.663   0.512   4.595   1.00 15.69 ? 58  LEU A CD2 1 
ATOM   478  N N   . PHE A 1 61  ? 12.771  -3.244  3.549   1.00 7.98  ? 59  PHE A N   1 
ATOM   479  C CA  . PHE A 1 61  ? 13.593  -4.193  2.776   1.00 8.44  ? 59  PHE A CA  1 
ATOM   480  C C   . PHE A 1 61  ? 14.941  -4.376  3.445   1.00 7.73  ? 59  PHE A C   1 
ATOM   481  O O   . PHE A 1 61  ? 15.982  -4.370  2.796   1.00 8.52  ? 59  PHE A O   1 
ATOM   482  C CB  . PHE A 1 61  ? 13.724  -3.741  1.317   1.00 8.09  ? 59  PHE A CB  1 
ATOM   483  C CG  . PHE A 1 61  ? 12.396  -3.410  0.689   1.00 8.01  ? 59  PHE A CG  1 
ATOM   484  C CD1 . PHE A 1 61  ? 11.520  -4.412  0.289   1.00 7.74  ? 59  PHE A CD1 1 
ATOM   485  C CD2 . PHE A 1 61  ? 12.014  -2.101  0.487   1.00 8.41  ? 59  PHE A CD2 1 
ATOM   486  C CE1 . PHE A 1 61  ? 10.284  -4.093  -0.238  1.00 7.78  ? 59  PHE A CE1 1 
ATOM   487  C CE2 . PHE A 1 61  ? 10.781  -1.795  -0.075  1.00 8.30  ? 59  PHE A CE2 1 
ATOM   488  C CZ  . PHE A 1 61  ? 9.928   -2.804  -0.430  1.00 8.37  ? 59  PHE A CZ  1 
ATOM   489  N N   . GLY A 1 62  ? 14.906  -4.490  4.762   1.00 8.45  ? 60  GLY A N   1 
ATOM   490  C CA  . GLY A 1 62  ? 16.065  -4.793  5.594   1.00 9.19  ? 60  GLY A CA  1 
ATOM   491  C C   . GLY A 1 62  ? 16.954  -3.597  5.834   1.00 9.59  ? 60  GLY A C   1 
ATOM   492  O O   . GLY A 1 62  ? 18.005  -3.791  6.472   1.00 9.94  ? 60  GLY A O   1 
ATOM   493  N N   . GLU A 1 63  ? 16.587  -2.403  5.372   1.00 8.86  ? 61  GLU A N   1 
ATOM   494  C CA  . GLU A 1 63  ? 17.450  -1.216  5.443   1.00 10.60 ? 61  GLU A CA  1 
ATOM   495  C C   . GLU A 1 63  ? 16.833  -0.174  6.328   1.00 9.69  ? 61  GLU A C   1 
ATOM   496  O O   . GLU A 1 63  ? 15.617  0.078   6.238   1.00 9.73  ? 61  GLU A O   1 
ATOM   497  C CB  . GLU A 1 63  ? 17.624  -0.604  4.063   1.00 13.04 ? 61  GLU A CB  1 
ATOM   498  C CG  . GLU A 1 63  ? 18.395  -1.426  3.079   1.00 18.28 ? 61  GLU A CG  1 
ATOM   499  C CD  . GLU A 1 63  ? 18.502  -0.801  1.677   1.00 25.74 ? 61  GLU A CD  1 
ATOM   500  O OE1 . GLU A 1 63  ? 17.967  0.351   1.461   1.00 23.08 ? 61  GLU A OE1 1 
ATOM   501  O OE2 . GLU A 1 63  ? 19.126  -1.456  0.786   1.00 37.24 ? 61  GLU A OE2 1 
ATOM   502  N N   . ASN A 1 64  ? 17.673  0.577   7.004   1.00 10.26 ? 62  ASN A N   1 
ATOM   503  C CA  . ASN A 1 64  ? 17.260  1.779   7.733   1.00 11.91 ? 62  ASN A CA  1 
ATOM   504  C C   . ASN A 1 64  ? 17.085  2.935   6.738   1.00 10.00 ? 62  ASN A C   1 
ATOM   505  O O   . ASN A 1 64  ? 17.999  3.198   5.985   1.00 13.32 ? 62  ASN A O   1 
ATOM   506  C CB  . ASN A 1 64  ? 18.289  2.162   8.767   1.00 11.79 ? 62  ASN A CB  1 
ATOM   507  C CG  . ASN A 1 64  ? 18.401  1.134   9.860   1.00 13.37 ? 62  ASN A CG  1 
ATOM   508  O OD1 . ASN A 1 64  ? 17.613  1.142   10.790  1.00 18.79 ? 62  ASN A OD1 1 
ATOM   509  N ND2 . ASN A 1 64  ? 19.287  0.177   9.699   1.00 12.58 ? 62  ASN A ND2 1 
ATOM   510  N N   . LYS A 1 65  ? 15.896  3.494   6.703   1.00 10.03 ? 63  LYS A N   1 
ATOM   511  C CA  . LYS A 1 65  ? 15.529  4.567   5.766   1.00 11.08 ? 63  LYS A CA  1 
ATOM   512  C C   . LYS A 1 65  ? 14.914  5.716   6.518   1.00 10.99 ? 63  LYS A C   1 
ATOM   513  O O   . LYS A 1 65  ? 14.049  5.508   7.373   1.00 13.39 ? 63  LYS A O   1 
ATOM   514  C CB  . LYS A 1 65  ? 14.537  4.053   4.730   1.00 13.42 ? 63  LYS A CB  1 
ATOM   515  C CG  . LYS A 1 65  ? 15.044  2.916   3.849   1.00 14.83 ? 63  LYS A CG  1 
ATOM   516  C CD  . LYS A 1 65  ? 16.193  3.284   3.000   1.00 17.11 ? 63  LYS A CD  1 
ATOM   517  C CE  . LYS A 1 65  ? 15.828  4.370   2.017   1.00 20.33 ? 63  LYS A CE  1 
ATOM   518  N NZ  . LYS A 1 65  ? 16.891  4.548   0.991   1.00 22.96 ? 63  LYS A NZ  1 
ATOM   519  N N   . GLN A 1 66  ? 15.277  6.912   6.127   1.00 10.81 ? 64  GLN A N   1 
ATOM   520  C CA  . GLN A 1 66  ? 14.664  8.144   6.645   1.00 11.46 ? 64  GLN A CA  1 
ATOM   521  C C   . GLN A 1 66  ? 13.725  8.691   5.591   1.00 10.11 ? 64  GLN A C   1 
ATOM   522  O O   . GLN A 1 66  ? 14.153  8.782   4.396   1.00 11.96 ? 64  GLN A O   1 
ATOM   523  C CB  . GLN A 1 66  ? 15.729  9.184   6.971   1.00 12.17 ? 64  GLN A CB  1 
ATOM   524  C CG  . GLN A 1 66  ? 15.122  10.537  7.321   1.00 14.74 ? 64  GLN A CG  1 
ATOM   525  C CD  . GLN A 1 66  ? 16.163  11.577  7.615   1.00 17.12 ? 64  GLN A CD  1 
ATOM   526  O OE1 . GLN A 1 66  ? 16.710  12.209  6.706   1.00 22.15 ? 64  GLN A OE1 1 
ATOM   527  N NE2 . GLN A 1 66  ? 16.453  11.748  8.890   1.00 14.73 ? 64  GLN A NE2 1 
ATOM   528  N N   . PHE A 1 67  ? 12.547  9.125   5.976   1.00 8.72  ? 65  PHE A N   1 
ATOM   529  C CA  . PHE A 1 67  ? 11.640  9.853   5.072   1.00 9.19  ? 65  PHE A CA  1 
ATOM   530  C C   . PHE A 1 67  ? 11.105  11.077  5.785   1.00 8.64  ? 65  PHE A C   1 
ATOM   531  O O   . PHE A 1 67  ? 10.854  11.054  7.019   1.00 9.15  ? 65  PHE A O   1 
ATOM   532  C CB  . PHE A 1 67  ? 10.482  8.986   4.621   1.00 9.96  ? 65  PHE A CB  1 
ATOM   533  C CG  . PHE A 1 67  ? 10.879  7.811   3.768   1.00 11.30 ? 65  PHE A CG  1 
ATOM   534  C CD1 . PHE A 1 67  ? 11.517  7.979   2.556   1.00 14.18 ? 65  PHE A CD1 1 
ATOM   535  C CD2 . PHE A 1 67  ? 10.732  6.531   4.251   1.00 12.75 ? 65  PHE A CD2 1 
ATOM   536  C CE1 . PHE A 1 67  ? 11.877  6.872   1.792   1.00 15.69 ? 65  PHE A CE1 1 
ATOM   537  C CE2 . PHE A 1 67  ? 11.112  5.438   3.492   1.00 15.17 ? 65  PHE A CE2 1 
ATOM   538  C CZ  . PHE A 1 67  ? 11.671  5.614   2.273   1.00 14.38 ? 65  PHE A CZ  1 
ATOM   539  N N   . ASN A 1 68  ? 10.942  12.133  5.012   1.00 8.41  ? 66  ASN A N   1 
ATOM   540  C CA  . ASN A 1 68  ? 10.345  13.382  5.473   1.00 9.06  ? 66  ASN A CA  1 
ATOM   541  C C   . ASN A 1 68  ? 8.847   13.313  5.210   1.00 8.70  ? 66  ASN A C   1 
ATOM   542  O O   . ASN A 1 68  ? 8.461   13.115  4.038   1.00 11.40 ? 66  ASN A O   1 
ATOM   543  C CB  . ASN A 1 68  ? 10.988  14.552  4.765   1.00 9.13  ? 66  ASN A CB  1 
ATOM   544  C CG  . ASN A 1 68  ? 10.732  15.852  5.476   1.00 9.22  ? 66  ASN A CG  1 
ATOM   545  O OD1 . ASN A 1 68  ? 11.386  16.160  6.496   1.00 11.68 ? 66  ASN A OD1 1 
ATOM   546  N ND2 . ASN A 1 68  ? 9.762   16.577  5.000   1.00 8.65  ? 66  ASN A ND2 1 
ATOM   547  N N   . VAL A 1 69  ? 8.064   13.387  6.254   1.00 8.92  ? 67  VAL A N   1 
ATOM   548  C CA  . VAL A 1 69  ? 6.583   13.235  6.186   1.00 10.10 ? 67  VAL A CA  1 
ATOM   549  C C   . VAL A 1 69  ? 5.900   14.396  6.869   1.00 10.19 ? 67  VAL A C   1 
ATOM   550  O O   . VAL A 1 69  ? 6.455   15.003  7.780   1.00 10.96 ? 67  VAL A O   1 
ATOM   551  C CB  . VAL A 1 69  ? 6.123   11.880  6.739   1.00 11.12 ? 67  VAL A CB  1 
ATOM   552  C CG1 . VAL A 1 69  ? 6.694   10.735  5.895   1.00 12.22 ? 67  VAL A CG1 1 
ATOM   553  C CG2 . VAL A 1 69  ? 6.456   11.712  8.202   1.00 12.48 ? 67  VAL A CG2 1 
ATOM   554  N N   . GLU A 1 70  ? 4.685   14.667  6.442   1.00 10.85 ? 68  GLU A N   1 
ATOM   555  C CA  . GLU A 1 70  ? 3.856   15.731  7.006   1.00 11.79 ? 68  GLU A CA  1 
ATOM   556  C C   . GLU A 1 70  ? 2.406   15.326  6.886   1.00 11.39 ? 68  GLU A C   1 
ATOM   557  O O   . GLU A 1 70  ? 2.001   14.866  5.797   1.00 12.08 ? 68  GLU A O   1 
ATOM   558  C CB  . GLU A 1 70  ? 4.086   17.032  6.247   1.00 14.23 ? 68  GLU A CB  1 
ATOM   559  C CG  . GLU A 1 70  ? 3.339   18.209  6.835   1.00 17.60 ? 68  GLU A CG  1 
ATOM   560  C CD  . GLU A 1 70  ? 3.561   19.494  6.064   1.00 21.47 ? 68  GLU A CD  1 
ATOM   561  O OE1 . GLU A 1 70  ? 3.403   19.466  4.817   1.00 28.83 ? 68  GLU A OE1 1 
ATOM   562  O OE2 . GLU A 1 70  ? 3.914   20.494  6.680   1.00 26.89 ? 68  GLU A OE2 1 
ATOM   563  N N   . ASN A 1 71  ? 1.666   15.463  7.947   1.00 11.12 ? 69  ASN A N   1 
ATOM   564  C CA  . ASN A 1 71  ? 0.214   15.216  7.924   1.00 11.21 ? 69  ASN A CA  1 
ATOM   565  C C   . ASN A 1 71  ? -0.505  16.240  8.791   1.00 12.01 ? 69  ASN A C   1 
ATOM   566  O O   . ASN A 1 71  ? -0.777  15.971  9.933   1.00 14.03 ? 69  ASN A O   1 
ATOM   567  C CB  . ASN A 1 71  ? -0.105  13.792  8.360   1.00 11.48 ? 69  ASN A CB  1 
ATOM   568  C CG  . ASN A 1 71  ? -1.580  13.487  8.194   1.00 11.85 ? 69  ASN A CG  1 
ATOM   569  O OD1 . ASN A 1 71  ? -2.320  14.344  7.718   1.00 12.71 ? 69  ASN A OD1 1 
ATOM   570  N ND2 . ASN A 1 71  ? -2.011  12.302  8.600   1.00 11.01 ? 69  ASN A ND2 1 
ATOM   571  N N   . ASN A 1 72  ? -0.811  17.375  8.202   1.00 15.31 ? 70  ASN A N   1 
ATOM   572  C CA  . ASN A 1 72  ? -1.475  18.481  8.938   1.00 18.56 ? 70  ASN A CA  1 
ATOM   573  C C   . ASN A 1 72  ? -3.001  18.287  8.882   1.00 21.51 ? 70  ASN A C   1 
ATOM   574  O O   . ASN A 1 72  ? -3.722  19.127  9.468   1.00 24.66 ? 70  ASN A O   1 
ATOM   575  C CB  . ASN A 1 72  ? -0.940  19.847  8.465   1.00 21.74 ? 70  ASN A CB  1 
ATOM   576  C CG  . ASN A 1 72  ? 0.480   20.122  8.964   1.00 21.57 ? 70  ASN A CG  1 
ATOM   577  O OD1 . ASN A 1 72  ? 0.810   19.841  10.116  1.00 24.55 ? 70  ASN A OD1 1 
ATOM   578  N ND2 . ASN A 1 72  ? 1.327   20.660  8.105   1.00 24.87 ? 70  ASN A ND2 1 
ATOM   579  N N   . SER A 1 73  ? -3.482  17.158  8.343   1.00 18.82 ? 71  SER A N   1 
ATOM   580  C CA  . SER A 1 73  ? -4.938  16.831  8.225   1.00 18.01 ? 71  SER A CA  1 
ATOM   581  C C   . SER A 1 73  ? -5.463  16.081  9.467   1.00 15.90 ? 71  SER A C   1 
ATOM   582  O O   . SER A 1 73  ? -4.674  15.633  10.326  1.00 16.68 ? 71  SER A O   1 
ATOM   583  C CB  . SER A 1 73  ? -5.212  16.057  6.977   1.00 17.48 ? 71  SER A CB  1 
ATOM   584  O OG  . SER A 1 73  ? -5.057  14.667  7.219   1.00 16.38 ? 71  SER A OG  1 
ATOM   585  N N   . ASP A 1 74  ? -6.785  15.950  9.573   1.00 16.40 ? 72  ASP A N   1 
ATOM   586  C CA  . ASP A 1 74  ? -7.452  15.161  10.630  1.00 17.74 ? 72  ASP A CA  1 
ATOM   587  C C   . ASP A 1 74  ? -7.601  13.702  10.175  1.00 16.04 ? 72  ASP A C   1 
ATOM   588  O O   . ASP A 1 74  ? -8.204  12.936  10.915  1.00 15.86 ? 72  ASP A O   1 
ATOM   589  C CB  . ASP A 1 74  ? -8.830  15.722  11.013  1.00 21.81 ? 72  ASP A CB  1 
ATOM   590  C CG  . ASP A 1 74  ? -9.303  15.298  12.401  1.00 28.29 ? 72  ASP A CG  1 
ATOM   591  O OD1 . ASP A 1 74  ? -8.466  14.840  13.194  1.00 34.43 ? 72  ASP A OD1 1 
ATOM   592  O OD2 . ASP A 1 74  ? -10.523 15.421  12.676  1.00 36.59 ? 72  ASP A OD2 1 
ATOM   593  N N   . LYS A 1 75  ? -7.071  13.351  8.994   1.00 14.69 ? 73  LYS A N   1 
ATOM   594  C CA  . LYS A 1 75  ? -7.137  11.968  8.453   1.00 14.52 ? 73  LYS A CA  1 
ATOM   595  C C   . LYS A 1 75  ? -5.756  11.323  8.489   1.00 14.21 ? 73  LYS A C   1 
ATOM   596  O O   . LYS A 1 75  ? -4.769  12.025  8.359   1.00 14.05 ? 73  LYS A O   1 
ATOM   597  C CB  . LYS A 1 75  ? -7.676  11.962  7.033   1.00 15.15 ? 73  LYS A CB  1 
ATOM   598  C CG  . LYS A 1 75  ? -9.155  12.321  6.892   1.00 17.02 ? 73  LYS A CG  1 
ATOM   599  C CD  . LYS A 1 75  ? -9.725  12.008  5.500   1.00 19.99 ? 73  LYS A CD  1 
ATOM   600  C CE  . LYS A 1 75  ? -11.204 12.334  5.368   1.00 21.61 ? 73  LYS A CE  1 
ATOM   601  N NZ  . LYS A 1 75  ? -11.583 12.672  3.980   1.00 23.10 ? 73  LYS A NZ  1 
ATOM   602  N N   . TRP A 1 76  ? -5.706  10.010  8.561   1.00 12.10 ? 74  TRP A N   1 
ATOM   603  C CA  . TRP A 1 76  ? -4.457  9.251   8.380   1.00 11.26 ? 74  TRP A CA  1 
ATOM   604  C C   . TRP A 1 76  ? -3.967  9.457   6.968   1.00 11.00 ? 74  TRP A C   1 
ATOM   605  O O   . TRP A 1 76  ? -4.790  9.562   6.042   1.00 10.88 ? 74  TRP A O   1 
ATOM   606  C CB  . TRP A 1 76  ? -4.701  7.768   8.673   1.00 11.52 ? 74  TRP A CB  1 
ATOM   607  C CG  . TRP A 1 76  ? -4.766  7.457   10.125  1.00 11.80 ? 74  TRP A CG  1 
ATOM   608  C CD1 . TRP A 1 76  ? -5.800  7.683   10.985  1.00 11.87 ? 74  TRP A CD1 1 
ATOM   609  C CD2 . TRP A 1 76  ? -3.694  6.929   10.895  1.00 10.95 ? 74  TRP A CD2 1 
ATOM   610  N NE1 . TRP A 1 76  ? -5.455  7.251   12.228  1.00 12.22 ? 74  TRP A NE1 1 
ATOM   611  C CE2 . TRP A 1 76  ? -4.159  6.797   12.219  1.00 11.12 ? 74  TRP A CE2 1 
ATOM   612  C CE3 . TRP A 1 76  ? -2.403  6.507   10.592  1.00 10.53 ? 74  TRP A CE3 1 
ATOM   613  C CZ2 . TRP A 1 76  ? -3.374  6.289   13.241  1.00 12.06 ? 74  TRP A CZ2 1 
ATOM   614  C CZ3 . TRP A 1 76  ? -1.622  6.004   11.596  1.00 11.12 ? 74  TRP A CZ3 1 
ATOM   615  C CH2 . TRP A 1 76  ? -2.099  5.912   12.918  1.00 11.27 ? 74  TRP A CH2 1 
ATOM   616  N N   . LYS A 1 77  ? -2.652  9.460   6.803   1.00 10.07 ? 75  LYS A N   1 
ATOM   617  C CA  . LYS A 1 77  ? -2.034  9.434   5.477   1.00 10.24 ? 75  LYS A CA  1 
ATOM   618  C C   . LYS A 1 77  ? -1.216  8.174   5.334   1.00 9.23  ? 75  LYS A C   1 
ATOM   619  O O   . LYS A 1 77  ? -0.495  7.801   6.239   1.00 10.79 ? 75  LYS A O   1 
ATOM   620  C CB  . LYS A 1 77  ? -1.204  10.683  5.182   1.00 10.72 ? 75  LYS A CB  1 
ATOM   621  C CG  . LYS A 1 77  ? -2.062  11.900  4.928   1.00 11.20 ? 75  LYS A CG  1 
ATOM   622  C CD  . LYS A 1 77  ? -1.262  13.142  4.605   1.00 12.14 ? 75  LYS A CD  1 
ATOM   623  C CE  . LYS A 1 77  ? -2.138  14.365  4.411   1.00 14.05 ? 75  LYS A CE  1 
ATOM   624  N NZ  . LYS A 1 77  ? -2.770  14.381  3.083   1.00 14.72 ? 75  LYS A NZ  1 
ATOM   625  N N   . PHE A 1 78  ? -1.275  7.612   4.153   1.00 8.71  ? 76  PHE A N   1 
ATOM   626  C CA  . PHE A 1 78  ? -0.557  6.380   3.772   1.00 8.05  ? 76  PHE A CA  1 
ATOM   627  C C   . PHE A 1 78  ? 0.321   6.728   2.611   1.00 7.71  ? 76  PHE A C   1 
ATOM   628  O O   . PHE A 1 78  ? -0.206  6.971   1.499   1.00 8.75  ? 76  PHE A O   1 
ATOM   629  C CB  . PHE A 1 78  ? -1.570  5.262   3.481   1.00 8.15  ? 76  PHE A CB  1 
ATOM   630  C CG  . PHE A 1 78  ? -2.427  4.947   4.674   1.00 8.19  ? 76  PHE A CG  1 
ATOM   631  C CD1 . PHE A 1 78  ? -1.980  4.113   5.669   1.00 8.86  ? 76  PHE A CD1 1 
ATOM   632  C CD2 . PHE A 1 78  ? -3.642  5.568   4.847   1.00 8.77  ? 76  PHE A CD2 1 
ATOM   633  C CE1 . PHE A 1 78  ? -2.749  3.898   6.802   1.00 9.76  ? 76  PHE A CE1 1 
ATOM   634  C CE2 . PHE A 1 78  ? -4.420  5.332   5.966   1.00 9.56  ? 76  PHE A CE2 1 
ATOM   635  C CZ  . PHE A 1 78  ? -3.959  4.507   6.940   1.00 9.71  ? 76  PHE A CZ  1 
ATOM   636  N N   . PHE A 1 79  ? 1.610   6.850   2.855   1.00 8.02  ? 77  PHE A N   1 
ATOM   637  C CA  . PHE A 1 79  ? 2.579   7.291   1.848   1.00 7.93  ? 77  PHE A CA  1 
ATOM   638  C C   . PHE A 1 79  ? 3.124   6.065   1.151   1.00 7.85  ? 77  PHE A C   1 
ATOM   639  O O   . PHE A 1 79  ? 3.716   5.191   1.795   1.00 8.28  ? 77  PHE A O   1 
ATOM   640  C CB  . PHE A 1 79  ? 3.739   8.045   2.508   1.00 9.01  ? 77  PHE A CB  1 
ATOM   641  C CG  . PHE A 1 79  ? 3.397   9.394   3.086   1.00 10.28 ? 77  PHE A CG  1 
ATOM   642  C CD1 . PHE A 1 79  ? 2.833   9.514   4.345   1.00 10.71 ? 77  PHE A CD1 1 
ATOM   643  C CD2 . PHE A 1 79  ? 3.699   10.554  2.397   1.00 12.85 ? 77  PHE A CD2 1 
ATOM   644  C CE1 . PHE A 1 79  ? 2.501   10.752  4.872   1.00 12.71 ? 77  PHE A CE1 1 
ATOM   645  C CE2 . PHE A 1 79  ? 3.399   11.785  2.941   1.00 14.31 ? 77  PHE A CE2 1 
ATOM   646  C CZ  . PHE A 1 79  ? 2.746   11.872  4.156   1.00 12.92 ? 77  PHE A CZ  1 
ATOM   647  N N   . GLU A 1 80  ? 2.952   6.011   -0.155  1.00 8.31  ? 78  GLU A N   1 
ATOM   648  C CA  . GLU A 1 80  ? 3.510   4.960   -1.008  1.00 9.40  ? 78  GLU A CA  1 
ATOM   649  C C   . GLU A 1 80  ? 4.897   5.375   -1.445  1.00 8.80  ? 78  GLU A C   1 
ATOM   650  O O   . GLU A 1 80  ? 5.020   6.446   -2.115  1.00 11.22 ? 78  GLU A O   1 
ATOM   651  C CB  . GLU A 1 80  ? 2.537   4.748   -2.162  1.00 11.59 ? 78  GLU A CB  1 
ATOM   652  C CG  . GLU A 1 80  ? 2.650   3.473   -2.907  1.00 13.58 ? 78  GLU A CG  1 
ATOM   653  C CD  . GLU A 1 80  ? 1.598   3.343   -3.988  1.00 11.63 ? 78  GLU A CD  1 
ATOM   654  O OE1 . GLU A 1 80  ? 0.337   3.593   -3.675  1.00 13.09 ? 78  GLU A OE1 1 
ATOM   655  O OE2 . GLU A 1 80  ? 1.994   2.938   -5.071  1.00 14.62 ? 78  GLU A OE2 1 
ATOM   656  N N   . MET A 1 81  ? 5.908   4.646   -1.054  1.00 8.55  ? 79  MET A N   1 
ATOM   657  C CA  . MET A 1 81  ? 7.287   4.888   -1.421  1.00 9.30  ? 79  MET A CA  1 
ATOM   658  C C   . MET A 1 81  ? 7.709   3.855   -2.465  1.00 9.55  ? 79  MET A C   1 
ATOM   659  O O   . MET A 1 81  ? 7.607   2.624   -2.171  1.00 11.72 ? 79  MET A O   1 
ATOM   660  C CB  . MET A 1 81  ? 8.170   4.759   -0.183  1.00 9.86  ? 79  MET A CB  1 
ATOM   661  C CG  . MET A 1 81  ? 7.742   5.619   0.980   1.00 10.00 ? 79  MET A CG  1 
ATOM   662  S SD  . MET A 1 81  ? 7.532   7.379   0.553   1.00 12.70 ? 79  MET A SD  1 
ATOM   663  C CE  . MET A 1 81  ? 7.446   8.081   2.186   1.00 13.67 ? 79  MET A CE  1 
ATOM   664  N N   . PHE A 1 82  ? 8.175   4.292   -3.610  1.00 8.46  ? 80  PHE A N   1 
ATOM   665  C CA  . PHE A 1 82  ? 8.457   3.439   -4.769  1.00 8.12  ? 80  PHE A CA  1 
ATOM   666  C C   . PHE A 1 82  ? 9.889   3.582   -5.187  1.00 8.29  ? 80  PHE A C   1 
ATOM   667  O O   . PHE A 1 82  ? 10.410  4.731   -5.223  1.00 9.65  ? 80  PHE A O   1 
ATOM   668  C CB  . PHE A 1 82  ? 7.582   3.844   -5.949  1.00 9.81  ? 80  PHE A CB  1 
ATOM   669  C CG  . PHE A 1 82  ? 7.850   3.034   -7.209  1.00 10.73 ? 80  PHE A CG  1 
ATOM   670  C CD1 . PHE A 1 82  ? 7.311   1.764   -7.349  1.00 13.28 ? 80  PHE A CD1 1 
ATOM   671  C CD2 . PHE A 1 82  ? 8.676   3.510   -8.232  1.00 13.27 ? 80  PHE A CD2 1 
ATOM   672  C CE1 . PHE A 1 82  ? 7.592   0.989   -8.473  1.00 14.32 ? 80  PHE A CE1 1 
ATOM   673  C CE2 . PHE A 1 82  ? 8.955   2.710   -9.345  1.00 12.83 ? 80  PHE A CE2 1 
ATOM   674  C CZ  . PHE A 1 82  ? 8.370   1.490   -9.472  1.00 15.75 ? 80  PHE A CZ  1 
ATOM   675  N N   . LYS A 1 83  ? 10.502  2.507   -5.658  1.00 8.16  ? 81  LYS A N   1 
ATOM   676  C CA  . LYS A 1 83  ? 11.697  2.625   -6.520  1.00 9.44  ? 81  LYS A CA  1 
ATOM   677  C C   . LYS A 1 83  ? 11.701  1.520   -7.541  1.00 9.25  ? 81  LYS A C   1 
ATOM   678  O O   . LYS A 1 83  ? 11.058  0.499   -7.330  1.00 8.69  ? 81  LYS A O   1 
ATOM   679  C CB  . LYS A 1 83  ? 13.008  2.628   -5.725  1.00 10.76 ? 81  LYS A CB  1 
ATOM   680  C CG  . LYS A 1 83  ? 13.367  1.332   -5.034  1.00 10.76 ? 81  LYS A CG  1 
ATOM   681  C CD  . LYS A 1 83  ? 14.680  1.390   -4.261  1.00 10.83 ? 81  LYS A CD  1 
ATOM   682  C CE  . LYS A 1 83  ? 15.010  0.049   -3.612  1.00 10.50 ? 81  LYS A CE  1 
ATOM   683  N NZ  . LYS A 1 83  ? 16.278  0.099   -2.829  1.00 12.33 ? 81  LYS A NZ  1 
ATOM   684  N N   . GLY A 1 84  ? 12.378  1.764   -8.661  1.00 10.11 ? 82  GLY A N   1 
ATOM   685  C CA  . GLY A 1 84  ? 12.334  0.899   -9.839  1.00 11.42 ? 82  GLY A CA  1 
ATOM   686  C C   . GLY A 1 84  ? 13.646  0.188   -10.091 1.00 10.97 ? 82  GLY A C   1 
ATOM   687  O O   . GLY A 1 84  ? 13.733  -0.525  -11.102 1.00 12.95 ? 82  GLY A O   1 
ATOM   688  N N   . SER A 1 85  ? 14.618  0.360   -9.242  1.00 11.71 ? 83  SER A N   1 
ATOM   689  C CA  . SER A 1 85  ? 15.918  -0.359  -9.318  1.00 12.83 ? 83  SER A CA  1 
ATOM   690  C C   . SER A 1 85  ? 16.552  -0.386  -7.940  1.00 12.88 ? 83  SER A C   1 
ATOM   691  O O   . SER A 1 85  ? 16.258  0.472   -7.123  1.00 14.08 ? 83  SER A O   1 
ATOM   692  C CB  . SER A 1 85  ? 16.850  0.266   -10.355 1.00 14.18 ? 83  SER A CB  1 
ATOM   693  O OG  . SER A 1 85  ? 17.287  1.524   -9.928  1.00 21.39 ? 83  SER A OG  1 
ATOM   694  N N   . GLY A 1 86  ? 17.461  -1.317  -7.688  1.00 14.35 ? 84  GLY A N   1 
ATOM   695  C CA  . GLY A 1 86  ? 18.018  -1.520  -6.341  1.00 15.10 ? 84  GLY A CA  1 
ATOM   696  C C   . GLY A 1 86  ? 18.737  -0.280  -5.820  1.00 14.56 ? 84  GLY A C   1 
ATOM   697  O O   . GLY A 1 86  ? 18.582  0.062   -4.617  1.00 16.46 ? 84  GLY A O   1 
ATOM   698  N N   . GLN A 1 87  ? 19.473  0.399   -6.687  1.00 16.78 ? 85  GLN A N   1 
ATOM   699  C CA  . GLN A 1 87  ? 20.344  1.540   -6.291  1.00 19.64 ? 85  GLN A CA  1 
ATOM   700  C C   . GLN A 1 87  ? 19.588  2.883   -6.360  1.00 17.98 ? 85  GLN A C   1 
ATOM   701  O O   . GLN A 1 87  ? 20.154  3.895   -5.907  1.00 20.30 ? 85  GLN A O   1 
ATOM   702  C CB  . GLN A 1 87  ? 21.611  1.545   -7.149  1.00 22.59 ? 85  GLN A CB  1 
ATOM   703  C CG  . GLN A 1 87  ? 22.451  0.268   -7.016  1.00 28.58 ? 85  GLN A CG  1 
ATOM   704  C CD  . GLN A 1 87  ? 22.525  -0.275  -5.602  1.00 32.70 ? 85  GLN A CD  1 
ATOM   705  O OE1 . GLN A 1 87  ? 23.118  0.330   -4.704  1.00 33.52 ? 85  GLN A OE1 1 
ATOM   706  N NE2 . GLN A 1 87  ? 21.980  -1.468  -5.413  1.00 34.00 ? 85  GLN A NE2 1 
ATOM   707  N N   . SER A 1 88  ? 18.374  2.923   -6.879  1.00 16.35 ? 86  SER A N   1 
ATOM   708  C CA  . SER A 1 88  ? 17.578  4.168   -6.968  1.00 16.50 ? 86  SER A CA  1 
ATOM   709  C C   . SER A 1 88  ? 17.201  4.636   -5.552  1.00 16.96 ? 86  SER A C   1 
ATOM   710  O O   . SER A 1 88  ? 16.920  3.816   -4.710  1.00 16.76 ? 86  SER A O   1 
ATOM   711  C CB  . SER A 1 88  ? 16.349  3.961   -7.825  1.00 18.54 ? 86  SER A CB  1 
ATOM   712  O OG  . SER A 1 88  ? 15.536  5.125   -7.796  1.00 23.04 ? 86  SER A OG  1 
ATOM   713  N N   . ASP A 1 89  ? 17.040  5.930   -5.355  1.00 16.49 ? 87  ASP A N   1 
ATOM   714  C CA  . ASP A 1 89  ? 16.307  6.468   -4.186  1.00 15.89 ? 87  ASP A CA  1 
ATOM   715  C C   . ASP A 1 89  ? 14.804  6.144   -4.301  1.00 13.58 ? 87  ASP A C   1 
ATOM   716  O O   . ASP A 1 89  ? 14.285  6.078   -5.399  1.00 13.42 ? 87  ASP A O   1 
ATOM   717  C CB  . ASP A 1 89  ? 16.467  7.993   -4.077  1.00 18.91 ? 87  ASP A CB  1 
ATOM   718  C CG  . ASP A 1 89  ? 17.878  8.465   -3.757  1.00 25.50 ? 87  ASP A CG  1 
ATOM   719  O OD1 . ASP A 1 89  ? 18.688  7.636   -3.297  1.00 29.68 ? 87  ASP A OD1 1 
ATOM   720  O OD2 . ASP A 1 89  ? 18.135  9.674   -3.937  1.00 29.99 ? 87  ASP A OD2 1 
ATOM   721  N N   . PHE A 1 90  ? 14.130  6.087   -3.177  1.00 10.98 ? 88  PHE A N   1 
ATOM   722  C CA  . PHE A 1 90  ? 12.652  6.010   -3.153  1.00 10.62 ? 88  PHE A CA  1 
ATOM   723  C C   . PHE A 1 90  ? 12.069  7.372   -3.497  1.00 10.48 ? 88  PHE A C   1 
ATOM   724  O O   . PHE A 1 90  ? 12.696  8.433   -3.215  1.00 12.34 ? 88  PHE A O   1 
ATOM   725  C CB  . PHE A 1 90  ? 12.144  5.538   -1.793  1.00 10.85 ? 88  PHE A CB  1 
ATOM   726  C CG  . PHE A 1 90  ? 12.353  4.071   -1.530  1.00 11.07 ? 88  PHE A CG  1 
ATOM   727  C CD1 . PHE A 1 90  ? 11.397  3.171   -1.913  1.00 11.76 ? 88  PHE A CD1 1 
ATOM   728  C CD2 . PHE A 1 90  ? 13.480  3.613   -0.867  1.00 12.33 ? 88  PHE A CD2 1 
ATOM   729  C CE1 . PHE A 1 90  ? 11.565  1.820   -1.676  1.00 12.27 ? 88  PHE A CE1 1 
ATOM   730  C CE2 . PHE A 1 90  ? 13.639  2.257   -0.622  1.00 13.18 ? 88  PHE A CE2 1 
ATOM   731  C CZ  . PHE A 1 90  ? 12.708  1.364   -1.058  1.00 12.80 ? 88  PHE A CZ  1 
ATOM   732  N N   . SER A 1 91  ? 10.886  7.353   -4.061  1.00 9.43  ? 89  SER A N   1 
ATOM   733  C CA  . SER A 1 91  ? 10.022  8.540   -4.244  1.00 9.94  ? 89  SER A CA  1 
ATOM   734  C C   . SER A 1 91  ? 8.692   8.307   -3.541  1.00 8.76  ? 89  SER A C   1 
ATOM   735  O O   . SER A 1 91  ? 8.194   7.158   -3.555  1.00 8.69  ? 89  SER A O   1 
ATOM   736  C CB  . SER A 1 91  ? 9.763   8.821   -5.693  1.00 11.84 ? 89  SER A CB  1 
ATOM   737  O OG  . SER A 1 91  ? 10.942  9.160   -6.374  1.00 17.03 ? 89  SER A OG  1 
ATOM   738  N N   . ASN A 1 92  ? 8.056   9.342   -3.047  1.00 8.04  ? 90  ASN A N   1 
ATOM   739  C CA  . ASN A 1 92  ? 6.662   9.268   -2.600  1.00 8.03  ? 90  ASN A CA  1 
ATOM   740  C C   . ASN A 1 92  ? 5.762   9.340   -3.803  1.00 7.72  ? 90  ASN A C   1 
ATOM   741  O O   . ASN A 1 92  ? 5.350   10.461  -4.212  1.00 8.62  ? 90  ASN A O   1 
ATOM   742  C CB  . ASN A 1 92  ? 6.342   10.352  -1.590  1.00 8.53  ? 90  ASN A CB  1 
ATOM   743  C CG  . ASN A 1 92  ? 4.881   10.455  -1.253  1.00 8.98  ? 90  ASN A CG  1 
ATOM   744  O OD1 . ASN A 1 92  ? 4.388   11.572  -1.032  1.00 10.14 ? 90  ASN A OD1 1 
ATOM   745  N ND2 . ASN A 1 92  ? 4.146   9.325   -1.170  1.00 8.52  ? 90  ASN A ND2 1 
ATOM   746  N N   . ARG A 1 93  ? 5.541   8.210   -4.445  1.00 7.14  ? 91  ARG A N   1 
ATOM   747  C CA  . ARG A 1 93  ? 4.849   8.141   -5.739  1.00 7.67  ? 91  ARG A CA  1 
ATOM   748  C C   . ARG A 1 93  ? 3.395   8.605   -5.618  1.00 7.53  ? 91  ARG A C   1 
ATOM   749  O O   . ARG A 1 93  ? 2.872   9.254   -6.546  1.00 8.38  ? 91  ARG A O   1 
ATOM   750  C CB  . ARG A 1 93  ? 4.856   6.706   -6.242  1.00 8.68  ? 91  ARG A CB  1 
ATOM   751  C CG  . ARG A 1 93  ? 4.382   6.598   -7.679  1.00 9.46  ? 91  ARG A CG  1 
ATOM   752  C CD  . ARG A 1 93  ? 4.265   5.140   -8.139  1.00 9.73  ? 91  ARG A CD  1 
ATOM   753  N NE  . ARG A 1 93  ? 3.113   4.470   -7.565  1.00 9.93  ? 91  ARG A NE  1 
ATOM   754  C CZ  . ARG A 1 93  ? 1.844   4.582   -7.975  1.00 11.10 ? 91  ARG A CZ  1 
ATOM   755  N NH1 . ARG A 1 93  ? 1.505   5.349   -9.002  1.00 11.06 ? 91  ARG A NH1 1 
ATOM   756  N NH2 . ARG A 1 93  ? 0.893   3.906   -7.340  1.00 12.15 ? 91  ARG A NH2 1 
ATOM   757  N N   . ARG A 1 94  ? 2.727   8.255   -4.511  1.00 7.24  ? 92  ARG A N   1 
ATOM   758  C CA  . ARG A 1 94  ? 1.296   8.524   -4.274  1.00 7.84  ? 92  ARG A CA  1 
ATOM   759  C C   . ARG A 1 94  ? 1.029   8.497   -2.784  1.00 8.38  ? 92  ARG A C   1 
ATOM   760  O O   . ARG A 1 94  ? 1.776   7.855   -2.051  1.00 8.54  ? 92  ARG A O   1 
ATOM   761  C CB  . ARG A 1 94  ? 0.380   7.490   -4.954  1.00 8.02  ? 92  ARG A CB  1 
ATOM   762  C CG  . ARG A 1 94  ? 0.101   7.722   -6.424  1.00 8.78  ? 92  ARG A CG  1 
ATOM   763  C CD  . ARG A 1 94  ? -0.523  9.064   -6.663  1.00 8.59  ? 92  ARG A CD  1 
ATOM   764  N NE  . ARG A 1 94  ? -1.037  9.204   -8.003  1.00 9.30  ? 92  ARG A NE  1 
ATOM   765  C CZ  . ARG A 1 94  ? -1.583  10.320  -8.454  1.00 11.25 ? 92  ARG A CZ  1 
ATOM   766  N NH1 . ARG A 1 94  ? -1.703  11.355  -7.642  1.00 10.79 ? 92  ARG A NH1 1 
ATOM   767  N NH2 . ARG A 1 94  ? -2.077  10.377  -9.694  1.00 12.22 ? 92  ARG A NH2 1 
ATOM   768  N N   . THR A 1 95  ? -0.036  9.167   -2.369  1.00 7.91  ? 93  THR A N   1 
ATOM   769  C CA  . THR A 1 95  ? -0.495  9.151   -0.985  1.00 8.71  ? 93  THR A CA  1 
ATOM   770  C C   . THR A 1 95  ? -1.995  8.911   -0.969  1.00 8.58  ? 93  THR A C   1 
ATOM   771  O O   . THR A 1 95  ? -2.706  9.490   -1.811  1.00 9.51  ? 93  THR A O   1 
ATOM   772  C CB  . THR A 1 95  ? -0.078  10.425  -0.256  1.00 9.10  ? 93  THR A CB  1 
ATOM   773  O OG1 . THR A 1 95  ? 1.351   10.500  -0.364  1.00 12.30 ? 93  THR A OG1 1 
ATOM   774  C CG2 . THR A 1 95  ? -0.478  10.463  1.204   1.00 9.61  ? 93  THR A CG2 1 
ATOM   775  N N   . LEU A 1 96  ? -2.468  8.155   -0.012  1.00 8.23  ? 94  LEU A N   1 
ATOM   776  C CA  . LEU A 1 96  ? -3.885  8.009   0.322   1.00 8.92  ? 94  LEU A CA  1 
ATOM   777  C C   . LEU A 1 96  ? -4.152  8.702   1.638   1.00 9.79  ? 94  LEU A C   1 
ATOM   778  O O   . LEU A 1 96  ? -3.482  8.379   2.630   1.00 10.17 ? 94  LEU A O   1 
ATOM   779  C CB  . LEU A 1 96  ? -4.257  6.519   0.390   1.00 9.58  ? 94  LEU A CB  1 
ATOM   780  C CG  . LEU A 1 96  ? -5.737  6.227   0.666   1.00 9.96  ? 94  LEU A CG  1 
ATOM   781  C CD1 . LEU A 1 96  ? -6.604  6.571   -0.521  1.00 10.61 ? 94  LEU A CD1 1 
ATOM   782  C CD2 . LEU A 1 96  ? -5.950  4.795   1.036   1.00 11.36 ? 94  LEU A CD2 1 
ATOM   783  N N   . THR A 1 97  ? -5.155  9.576   1.638   1.00 9.45  ? 95  THR A N   1 
ATOM   784  C CA  . THR A 1 97  ? -5.616  10.299  2.833   1.00 10.26 ? 95  THR A CA  1 
ATOM   785  C C   . THR A 1 97  ? -6.980  9.732   3.218   1.00 10.78 ? 95  THR A C   1 
ATOM   786  O O   . THR A 1 97  ? -7.929  9.880   2.419   1.00 11.17 ? 95  THR A O   1 
ATOM   787  C CB  . THR A 1 97  ? -5.619  11.810  2.572   1.00 11.12 ? 95  THR A CB  1 
ATOM   788  O OG1 . THR A 1 97  ? -4.295  12.210  2.189   1.00 12.16 ? 95  THR A OG1 1 
ATOM   789  C CG2 . THR A 1 97  ? -6.042  12.597  3.791   1.00 11.55 ? 95  THR A CG2 1 
ATOM   790  N N   . SER A 1 98  ? -7.084  9.102   4.358   1.00 10.68 ? 96  SER A N   1 
ATOM   791  C CA  . SER A 1 98  ? -8.243  8.241   4.700   1.00 11.57 ? 96  SER A CA  1 
ATOM   792  C C   . SER A 1 98  ? -8.336  8.037   6.202   1.00 12.55 ? 96  SER A C   1 
ATOM   793  O O   . SER A 1 98  ? -7.393  7.485   6.772   1.00 15.62 ? 96  SER A O   1 
ATOM   794  C CB  . SER A 1 98  ? -8.077  6.907   3.983   1.00 13.43 ? 96  SER A CB  1 
ATOM   795  O OG  . SER A 1 98  ? -9.066  5.996   4.425   1.00 15.42 ? 96  SER A OG  1 
ATOM   796  N N   . ASN A 1 99  ? -9.525  8.184   6.775   1.00 13.42 ? 97  ASN A N   1 
ATOM   797  C CA  . ASN A 1 99  ? -9.787  7.697   8.131   1.00 14.14 ? 97  ASN A CA  1 
ATOM   798  C C   . ASN A 1 99  ? -10.439 6.311   8.096   1.00 13.17 ? 97  ASN A C   1 
ATOM   799  O O   . ASN A 1 99  ? -10.667 5.789   9.168   1.00 14.77 ? 97  ASN A O   1 
ATOM   800  C CB  . ASN A 1 99  ? -10.576 8.693   8.997   1.00 16.73 ? 97  ASN A CB  1 
ATOM   801  C CG  . ASN A 1 99  ? -9.666  9.666   9.715   1.00 18.12 ? 97  ASN A CG  1 
ATOM   802  O OD1 . ASN A 1 99  ? -8.467  9.400   9.877   1.00 18.73 ? 97  ASN A OD1 1 
ATOM   803  N ND2 . ASN A 1 99  ? -10.208 10.815  10.111  1.00 17.20 ? 97  ASN A ND2 1 
ATOM   804  N N   . ASN A 1 100 ? -10.563 5.688   6.921   1.00 11.67 ? 98  ASN A N   1 
ATOM   805  C CA  . ASN A 1 100 ? -11.023 4.284   6.826   1.00 12.21 ? 98  ASN A CA  1 
ATOM   806  C C   . ASN A 1 100 ? -9.823  3.366   7.098   1.00 12.31 ? 98  ASN A C   1 
ATOM   807  O O   . ASN A 1 100 ? -10.019 2.222   7.442   1.00 14.11 ? 98  ASN A O   1 
ATOM   808  C CB  . ASN A 1 100 ? -11.681 4.025   5.482   1.00 11.90 ? 98  ASN A CB  1 
ATOM   809  C CG  . ASN A 1 100 ? -12.837 4.944   5.178   1.00 14.65 ? 98  ASN A CG  1 
ATOM   810  O OD1 . ASN A 1 100 ? -12.980 5.443   4.075   1.00 16.59 ? 98  ASN A OD1 1 
ATOM   811  N ND2 . ASN A 1 100 ? -13.683 5.134   6.139   1.00 14.32 ? 98  ASN A ND2 1 
ATOM   812  N N   . ARG A 1 101 ? -8.597  3.856   6.866   1.00 12.01 ? 99  ARG A N   1 
ATOM   813  C CA  . ARG A 1 101 ? -7.337  3.162   7.216   1.00 12.06 ? 99  ARG A CA  1 
ATOM   814  C C   . ARG A 1 101 ? -7.237  1.814   6.478   1.00 11.55 ? 99  ARG A C   1 
ATOM   815  O O   . ARG A 1 101 ? -6.592  0.890   7.001   1.00 14.26 ? 99  ARG A O   1 
ATOM   816  C CB  . ARG A 1 101 ? -7.241  3.025   8.726   1.00 13.13 ? 99  ARG A CB  1 
ATOM   817  C CG  . ARG A 1 101 ? -7.240  4.360   9.453   1.00 13.68 ? 99  ARG A CG  1 
ATOM   818  C CD  . ARG A 1 101 ? -7.329  4.292   10.975  1.00 13.99 ? 99  ARG A CD  1 
ATOM   819  N NE  . ARG A 1 101 ? -6.089  3.775   11.527  1.00 14.79 ? 99  ARG A NE  1 
ATOM   820  C CZ  . ARG A 1 101 ? -5.823  3.665   12.819  1.00 15.21 ? 99  ARG A CZ  1 
ATOM   821  N NH1 . ARG A 1 101 ? -6.747  3.966   13.710  1.00 19.02 ? 99  ARG A NH1 1 
ATOM   822  N NH2 . ARG A 1 101 ? -4.669  3.180   13.208  1.00 16.24 ? 99  ARG A NH2 1 
ATOM   823  N N   . LEU A 1 102 ? -7.681  1.782   5.241   1.00 10.25 ? 100 LEU A N   1 
ATOM   824  C CA  . LEU A 1 102 ? -7.510  0.640   4.309   1.00 8.91  ? 100 LEU A CA  1 
ATOM   825  C C   . LEU A 1 102 ? -6.692  1.104   3.140   1.00 9.11  ? 100 LEU A C   1 
ATOM   826  O O   . LEU A 1 102 ? -7.001  2.153   2.576   1.00 9.53  ? 100 LEU A O   1 
ATOM   827  C CB  . LEU A 1 102 ? -8.878  0.153   3.853   1.00 9.84  ? 100 LEU A CB  1 
ATOM   828  C CG  . LEU A 1 102 ? -9.776  -0.444  4.945   1.00 10.95 ? 100 LEU A CG  1 
ATOM   829  C CD1 . LEU A 1 102 ? -11.197 -0.568  4.450   1.00 12.53 ? 100 LEU A CD1 1 
ATOM   830  C CD2 . LEU A 1 102 ? -9.258  -1.799  5.353   1.00 12.99 ? 100 LEU A CD2 1 
ATOM   831  N N   . VAL A 1 103 ? -5.728  0.291   2.721   1.00 8.20  ? 101 VAL A N   1 
ATOM   832  C CA  . VAL A 1 103 ? -4.991  0.516   1.464   1.00 8.75  ? 101 VAL A CA  1 
ATOM   833  C C   . VAL A 1 103 ? -5.244  -0.698  0.560   1.00 8.47  ? 101 VAL A C   1 
ATOM   834  O O   . VAL A 1 103 ? -5.626  -1.748  1.062   1.00 9.45  ? 101 VAL A O   1 
ATOM   835  C CB  . VAL A 1 103 ? -3.495  0.777   1.709   1.00 9.55  ? 101 VAL A CB  1 
ATOM   836  C CG1 . VAL A 1 103 ? -3.269  2.063   2.532   1.00 10.59 ? 101 VAL A CG1 1 
ATOM   837  C CG2 . VAL A 1 103 ? -2.779  -0.384  2.335   1.00 9.56  ? 101 VAL A CG2 1 
ATOM   838  N N   . GLY A 1 104 ? -4.986  -0.570  -0.725  1.00 8.49  ? 102 GLY A N   1 
ATOM   839  C CA  . GLY A 1 104 ? -5.242  -1.639  -1.684  1.00 8.19  ? 102 GLY A CA  1 
ATOM   840  C C   . GLY A 1 104 ? -4.052  -1.860  -2.590  1.00 8.13  ? 102 GLY A C   1 
ATOM   841  O O   . GLY A 1 104 ? -3.406  -0.884  -3.015  1.00 7.79  ? 102 GLY A O   1 
ATOM   842  N N   . MET A 1 105 ? -3.786  -3.092  -2.942  1.00 7.66  ? 103 MET A N   1 
ATOM   843  C CA  . MET A 1 105 ? -2.733  -3.453  -3.911  1.00 8.15  ? 103 MET A CA  1 
ATOM   844  C C   . MET A 1 105 ? -3.241  -4.568  -4.808  1.00 7.78  ? 103 MET A C   1 
ATOM   845  O O   . MET A 1 105 ? -3.729  -5.590  -4.288  1.00 8.46  ? 103 MET A O   1 
ATOM   846  C CB  . MET A 1 105 ? -1.462  -3.921  -3.178  1.00 10.40 ? 103 MET A CB  1 
ATOM   847  C CG  . MET A 1 105 ? -0.176  -4.036  -4.099  1.00 10.85 ? 103 MET A CG  1 
ATOM   848  S SD  . MET A 1 105 ? 1.297   -4.850  -3.412  1.00 22.56 ? 103 MET A SD  1 
ATOM   849  C CE  . MET A 1 105 ? 2.714   -4.742  -4.546  1.00 11.69 ? 103 MET A CE  1 
ATOM   850  N N   . LEU A 1 106 ? -3.112  -4.390  -6.114  1.00 7.86  ? 104 LEU A N   1 
ATOM   851  C CA  . LEU A 1 106 ? -3.520  -5.375  -7.142  1.00 7.54  ? 104 LEU A CA  1 
ATOM   852  C C   . LEU A 1 106 ? -2.382  -5.603  -8.132  1.00 8.40  ? 104 LEU A C   1 
ATOM   853  O O   . LEU A 1 106 ? -1.860  -4.658  -8.685  1.00 8.79  ? 104 LEU A O   1 
ATOM   854  C CB  . LEU A 1 106 ? -4.726  -4.841  -7.888  1.00 8.49  ? 104 LEU A CB  1 
ATOM   855  C CG  . LEU A 1 106 ? -5.038  -5.553  -9.204  1.00 8.39  ? 104 LEU A CG  1 
ATOM   856  C CD1 . LEU A 1 106 ? -5.647  -6.931  -8.947  1.00 9.58  ? 104 LEU A CD1 1 
ATOM   857  C CD2 . LEU A 1 106 ? -5.975  -4.732  -10.056 1.00 9.34  ? 104 LEU A CD2 1 
ATOM   858  N N   . LYS A 1 107 ? -2.053  -6.843  -8.371  1.00 8.60  ? 105 LYS A N   1 
ATOM   859  C CA  . LYS A 1 107 ? -1.148  -7.259  -9.456  1.00 9.43  ? 105 LYS A CA  1 
ATOM   860  C C   . LYS A 1 107 ? -1.985  -7.642  -10.664 1.00 9.25  ? 105 LYS A C   1 
ATOM   861  O O   . LYS A 1 107 ? -2.814  -8.595  -10.537 1.00 10.48 ? 105 LYS A O   1 
ATOM   862  C CB  . LYS A 1 107 ? -0.298  -8.461  -9.007  1.00 10.59 ? 105 LYS A CB  1 
ATOM   863  C CG  . LYS A 1 107 ? 0.675   -8.189  -7.855  1.00 11.74 ? 105 LYS A CG  1 
ATOM   864  C CD  . LYS A 1 107 ? 1.212   -9.478  -7.208  1.00 17.16 ? 105 LYS A CD  1 
ATOM   865  C CE  . LYS A 1 107 ? 2.160   -10.215 -8.099  1.00 17.63 ? 105 LYS A CE  1 
ATOM   866  N NZ  . LYS A 1 107 ? 1.925   -11.673 -8.156  1.00 16.99 ? 105 LYS A NZ  1 
ATOM   867  N N   . TYR A 1 108 ? -1.822  -6.968  -11.784 1.00 8.93  ? 106 TYR A N   1 
ATOM   868  C CA  . TYR A 1 108 ? -2.662  -7.234  -12.942 1.00 10.63 ? 106 TYR A CA  1 
ATOM   869  C C   . TYR A 1 108 ? -1.920  -6.862  -14.189 1.00 10.46 ? 106 TYR A C   1 
ATOM   870  O O   . TYR A 1 108 ? -1.558  -5.701  -14.369 1.00 10.53 ? 106 TYR A O   1 
ATOM   871  C CB  . TYR A 1 108 ? -3.976  -6.479  -12.805 1.00 11.65 ? 106 TYR A CB  1 
ATOM   872  C CG  . TYR A 1 108 ? -4.888  -6.566  -14.014 1.00 12.32 ? 106 TYR A CG  1 
ATOM   873  C CD1 . TYR A 1 108 ? -5.300  -7.778  -14.549 1.00 15.79 ? 106 TYR A CD1 1 
ATOM   874  C CD2 . TYR A 1 108 ? -5.344  -5.423  -14.620 1.00 16.19 ? 106 TYR A CD2 1 
ATOM   875  C CE1 . TYR A 1 108 ? -6.131  -7.834  -15.676 1.00 17.61 ? 106 TYR A CE1 1 
ATOM   876  C CE2 . TYR A 1 108 ? -6.169  -5.453  -15.730 1.00 17.63 ? 106 TYR A CE2 1 
ATOM   877  C CZ  . TYR A 1 108 ? -6.587  -6.665  -16.241 1.00 17.17 ? 106 TYR A CZ  1 
ATOM   878  O OH  . TYR A 1 108 ? -7.373  -6.668  -17.373 1.00 18.24 ? 106 TYR A OH  1 
ATOM   879  N N   . GLY A 1 109 ? -1.740  -7.843  -15.078 1.00 11.06 ? 107 GLY A N   1 
ATOM   880  C CA  . GLY A 1 109 ? -1.177  -7.614  -16.406 1.00 11.68 ? 107 GLY A CA  1 
ATOM   881  C C   . GLY A 1 109 ? 0.305   -7.358  -16.320 1.00 10.34 ? 107 GLY A C   1 
ATOM   882  O O   . GLY A 1 109 ? 1.034   -8.293  -15.972 1.00 12.94 ? 107 GLY A O   1 
ATOM   883  N N   . GLY A 1 110 ? 0.751   -6.128  -16.578 1.00 10.20 ? 108 GLY A N   1 
ATOM   884  C CA  . GLY A 1 110 ? 2.148   -5.715  -16.410 1.00 9.40  ? 108 GLY A CA  1 
ATOM   885  C C   . GLY A 1 110 ? 2.282   -4.640  -15.370 1.00 8.29  ? 108 GLY A C   1 
ATOM   886  O O   . GLY A 1 110 ? 3.272   -3.909  -15.425 1.00 10.19 ? 108 GLY A O   1 
ATOM   887  N N   . ARG A 1 111 ? 1.342   -4.552  -14.418 1.00 8.38  ? 109 ARG A N   1 
ATOM   888  C CA  . ARG A 1 111 ? 1.263   -3.393  -13.511 1.00 7.94  ? 109 ARG A CA  1 
ATOM   889  C C   . ARG A 1 111 ? 0.857   -3.819  -12.111 1.00 7.73  ? 109 ARG A C   1 
ATOM   890  O O   . ARG A 1 111 ? 0.178   -4.828  -11.921 1.00 7.86  ? 109 ARG A O   1 
ATOM   891  C CB  . ARG A 1 111 ? 0.308   -2.325  -14.065 1.00 8.10  ? 109 ARG A CB  1 
ATOM   892  C CG  . ARG A 1 111 ? 0.894   -1.553  -15.238 1.00 8.38  ? 109 ARG A CG  1 
ATOM   893  C CD  . ARG A 1 111 ? -0.151  -0.692  -15.918 1.00 8.70  ? 109 ARG A CD  1 
ATOM   894  N NE  . ARG A 1 111 ? 0.459   0.205   -16.887 1.00 9.97  ? 109 ARG A NE  1 
ATOM   895  C CZ  . ARG A 1 111 ? 0.911   -0.147  -18.088 1.00 9.46  ? 109 ARG A CZ  1 
ATOM   896  N NH1 . ARG A 1 111 ? 0.671   -1.333  -18.562 1.00 9.14  ? 109 ARG A NH1 1 
ATOM   897  N NH2 . ARG A 1 111 ? 1.499   0.746   -18.858 1.00 10.05 ? 109 ARG A NH2 1 
ATOM   898  N N   . VAL A 1 112 ? 1.231   -2.990  -11.176 1.00 7.23  ? 110 VAL A N   1 
ATOM   899  C CA  . VAL A 1 112 ? 0.721   -3.040  -9.799  1.00 7.91  ? 110 VAL A CA  1 
ATOM   900  C C   . VAL A 1 112 ? -0.095  -1.797  -9.559  1.00 7.70  ? 110 VAL A C   1 
ATOM   901  O O   . VAL A 1 112 ? 0.436   -0.679  -9.788  1.00 8.83  ? 110 VAL A O   1 
ATOM   902  C CB  . VAL A 1 112 ? 1.863   -3.189  -8.775  1.00 9.33  ? 110 VAL A CB  1 
ATOM   903  C CG1 . VAL A 1 112 ? 1.294   -3.253  -7.359  1.00 10.94 ? 110 VAL A CG1 1 
ATOM   904  C CG2 . VAL A 1 112 ? 2.719   -4.421  -9.062  1.00 10.20 ? 110 VAL A CG2 1 
ATOM   905  N N   . TRP A 1 113 ? -1.318  -1.979  -9.140  1.00 7.58  ? 111 TRP A N   1 
ATOM   906  C CA  . TRP A 1 113 ? -2.297  -0.892  -8.964  1.00 8.37  ? 111 TRP A CA  1 
ATOM   907  C C   . TRP A 1 113 ? -2.521  -0.647  -7.484  1.00 7.90  ? 111 TRP A C   1 
ATOM   908  O O   . TRP A 1 113 ? -2.607  -1.621  -6.723  1.00 8.47  ? 111 TRP A O   1 
ATOM   909  C CB  . TRP A 1 113 ? -3.604  -1.220  -9.662  1.00 8.66  ? 111 TRP A CB  1 
ATOM   910  C CG  . TRP A 1 113 ? -3.452  -1.600  -11.104 1.00 11.44 ? 111 TRP A CG  1 
ATOM   911  C CD1 . TRP A 1 113 ? -3.003  -2.799  -11.568 1.00 12.81 ? 111 TRP A CD1 1 
ATOM   912  C CD2 . TRP A 1 113 ? -3.721  -0.809  -12.263 1.00 14.05 ? 111 TRP A CD2 1 
ATOM   913  N NE1 . TRP A 1 113 ? -2.961  -2.818  -12.925 1.00 15.98 ? 111 TRP A NE1 1 
ATOM   914  C CE2 . TRP A 1 113 ? -3.412  -1.654  -13.380 1.00 13.50 ? 111 TRP A CE2 1 
ATOM   915  C CE3 . TRP A 1 113 ? -4.235  0.464   -12.491 1.00 16.22 ? 111 TRP A CE3 1 
ATOM   916  C CZ2 . TRP A 1 113 ? -3.630  -1.251  -14.695 1.00 17.25 ? 111 TRP A CZ2 1 
ATOM   917  C CZ3 . TRP A 1 113 ? -4.396  0.874   -13.814 1.00 16.01 ? 111 TRP A CZ3 1 
ATOM   918  C CH2 . TRP A 1 113 ? -4.077  0.030   -14.871 1.00 14.38 ? 111 TRP A CH2 1 
ATOM   919  N N   . THR A 1 114 ? -2.722  0.597   -7.115  1.00 7.77  ? 112 THR A N   1 
ATOM   920  C CA  . THR A 1 114 ? -3.053  0.976   -5.739  1.00 8.19  ? 112 THR A CA  1 
ATOM   921  C C   . THR A 1 114 ? -4.083  2.097   -5.744  1.00 8.05  ? 112 THR A C   1 
ATOM   922  O O   . THR A 1 114 ? -4.425  2.615   -6.807  1.00 9.22  ? 112 THR A O   1 
ATOM   923  C CB  . THR A 1 114 ? -1.807  1.421   -4.965  1.00 8.60  ? 112 THR A CB  1 
ATOM   924  O OG1 . THR A 1 114 ? -1.398  2.662   -5.548  1.00 10.55 ? 112 THR A OG1 1 
ATOM   925  C CG2 . THR A 1 114 ? -0.667  0.409   -4.947  1.00 9.25  ? 112 THR A CG2 1 
ATOM   926  N N   . PHE A 1 115 ? -4.595  2.428   -4.572  1.00 8.18  ? 113 PHE A N   1 
ATOM   927  C CA  . PHE A 1 115 ? -5.535  3.566   -4.394  1.00 8.19  ? 113 PHE A CA  1 
ATOM   928  C C   . PHE A 1 115 ? -4.790  4.791   -3.853  1.00 8.31  ? 113 PHE A C   1 
ATOM   929  O O   . PHE A 1 115 ? -3.968  4.651   -2.944  1.00 9.62  ? 113 PHE A O   1 
ATOM   930  C CB  . PHE A 1 115 ? -6.687  3.203   -3.469  1.00 8.65  ? 113 PHE A CB  1 
ATOM   931  C CG  . PHE A 1 115 ? -7.744  2.332   -4.102  1.00 9.66  ? 113 PHE A CG  1 
ATOM   932  C CD1 . PHE A 1 115 ? -7.566  0.972   -4.179  1.00 10.05 ? 113 PHE A CD1 1 
ATOM   933  C CD2 . PHE A 1 115 ? -8.888  2.880   -4.645  1.00 10.65 ? 113 PHE A CD2 1 
ATOM   934  C CE1 . PHE A 1 115 ? -8.507  0.163   -4.793  1.00 11.09 ? 113 PHE A CE1 1 
ATOM   935  C CE2 . PHE A 1 115 ? -9.860  2.071   -5.219  1.00 10.60 ? 113 PHE A CE2 1 
ATOM   936  C CZ  . PHE A 1 115 ? -9.672  0.720   -5.271  1.00 10.52 ? 113 PHE A CZ  1 
ATOM   937  N N   . HIS A 1 116 ? -5.120  5.963   -4.332  1.00 8.24  ? 114 HIS A N   1 
ATOM   938  C CA  . HIS A 1 116 ? -4.567  7.251   -3.855  1.00 8.66  ? 114 HIS A CA  1 
ATOM   939  C C   . HIS A 1 116 ? -5.661  8.285   -3.791  1.00 9.28  ? 114 HIS A C   1 
ATOM   940  O O   . HIS A 1 116 ? -6.740  8.061   -4.331  1.00 10.43 ? 114 HIS A O   1 
ATOM   941  C CB  . HIS A 1 116 ? -3.467  7.753   -4.774  1.00 9.31  ? 114 HIS A CB  1 
ATOM   942  C CG  . HIS A 1 116 ? -3.944  8.046   -6.143  1.00 9.80  ? 114 HIS A CG  1 
ATOM   943  N ND1 . HIS A 1 116 ? -4.377  9.295   -6.608  1.00 12.67 ? 114 HIS A ND1 1 
ATOM   944  C CD2 . HIS A 1 116 ? -4.128  7.195   -7.182  1.00 8.77  ? 114 HIS A CD2 1 
ATOM   945  C CE1 . HIS A 1 116 ? -4.771  9.151   -7.882  1.00 10.48 ? 114 HIS A CE1 1 
ATOM   946  N NE2 . HIS A 1 116 ? -4.626  7.902   -8.234  1.00 13.39 ? 114 HIS A NE2 1 
ATOM   947  N N   . GLY A 1 117 ? -5.321  9.440   -3.246  1.00 9.78  ? 115 GLY A N   1 
ATOM   948  C CA  . GLY A 1 117 ? -6.239  10.582  -3.183  1.00 9.99  ? 115 GLY A CA  1 
ATOM   949  C C   . GLY A 1 117 ? -6.883  10.657  -1.849  1.00 11.39 ? 115 GLY A C   1 
ATOM   950  O O   . GLY A 1 117 ? -6.388  10.044  -0.905  1.00 15.22 ? 115 GLY A O   1 
ATOM   951  N N   . GLU A 1 118 ? -7.960  11.397  -1.719  1.00 12.60 ? 116 GLU A N   1 
ATOM   952  C CA  . GLU A 1 118 ? -8.625  11.589  -0.434  1.00 12.59 ? 116 GLU A CA  1 
ATOM   953  C C   . GLU A 1 118 ? -9.989  10.941  -0.459  1.00 11.49 ? 116 GLU A C   1 
ATOM   954  O O   . GLU A 1 118 ? -10.775 11.258  -1.314  1.00 12.48 ? 116 GLU A O   1 
ATOM   955  C CB  . GLU A 1 118 ? -8.741  13.064  -0.081  1.00 15.67 ? 116 GLU A CB  1 
ATOM   956  C CG  . GLU A 1 118 ? -9.223  13.223  1.338   1.00 17.93 ? 116 GLU A CG  1 
ATOM   957  C CD  . GLU A 1 118 ? -9.142  14.598  1.914   1.00 23.31 ? 116 GLU A CD  1 
ATOM   958  O OE1 . GLU A 1 118 ? -8.449  15.457  1.321   1.00 29.06 ? 116 GLU A OE1 1 
ATOM   959  O OE2 . GLU A 1 118 ? -9.823  14.821  2.919   1.00 25.48 ? 116 GLU A OE2 1 
ATOM   960  N N   . THR A 1 119 ? -10.253 10.097  0.481   1.00 12.17 ? 117 THR A N   1 
ATOM   961  C CA  . THR A 1 119 ? -11.569 9.435   0.621   1.00 13.19 ? 117 THR A CA  1 
ATOM   962  C C   . THR A 1 119 ? -12.596 10.531  0.866   1.00 13.85 ? 117 THR A C   1 
ATOM   963  O O   . THR A 1 119 ? -12.285 11.565  1.486   1.00 15.46 ? 117 THR A O   1 
ATOM   964  C CB  . THR A 1 119 ? -11.503 8.343   1.684   1.00 14.15 ? 117 THR A CB  1 
ATOM   965  O OG1 . THR A 1 119 ? -11.197 8.920   2.952   1.00 17.73 ? 117 THR A OG1 1 
ATOM   966  C CG2 . THR A 1 119 ? -10.480 7.276   1.343   1.00 13.94 ? 117 THR A CG2 1 
ATOM   967  N N   . PRO A 1 120 ? -13.830 10.423  0.349   1.00 13.75 ? 118 PRO A N   1 
ATOM   968  C CA  . PRO A 1 120 ? -14.327 9.212   -0.322  1.00 13.75 ? 118 PRO A CA  1 
ATOM   969  C C   . PRO A 1 120 ? -14.161 9.198   -1.846  1.00 13.65 ? 118 PRO A C   1 
ATOM   970  O O   . PRO A 1 120 ? -14.949 8.567   -2.521  1.00 14.39 ? 118 PRO A O   1 
ATOM   971  C CB  . PRO A 1 120 ? -15.832 9.253   0.056   1.00 14.69 ? 118 PRO A CB  1 
ATOM   972  C CG  . PRO A 1 120 ? -16.140 10.736  0.023   1.00 15.71 ? 118 PRO A CG  1 
ATOM   973  C CD  . PRO A 1 120 ? -14.913 11.388  0.630   1.00 15.20 ? 118 PRO A CD  1 
ATOM   974  N N   . ARG A 1 121 ? -13.198 9.948   -2.379  1.00 13.27 ? 119 ARG A N   1 
ATOM   975  C CA  . ARG A 1 121 ? -12.958 10.056  -3.837  1.00 14.71 ? 119 ARG A CA  1 
ATOM   976  C C   . ARG A 1 121 ? -11.593 9.483   -4.193  1.00 12.62 ? 119 ARG A C   1 
ATOM   977  O O   . ARG A 1 121 ? -11.005 9.964   -5.138  1.00 14.98 ? 119 ARG A O   1 
ATOM   978  C CB  . ARG A 1 121 ? -13.047 11.516  -4.293  1.00 18.09 ? 119 ARG A CB  1 
ATOM   979  C CG  . ARG A 1 121 ? -14.356 12.182  -3.869  1.00 23.81 ? 119 ARG A CG  1 
ATOM   980  C CD  . ARG A 1 121 ? -14.557 13.567  -4.445  1.00 30.34 ? 119 ARG A CD  1 
ATOM   981  N NE  . ARG A 1 121 ? -15.905 13.697  -4.999  1.00 38.84 ? 119 ARG A NE  1 
ATOM   982  C CZ  . ARG A 1 121 ? -16.794 14.645  -4.678  1.00 44.17 ? 119 ARG A CZ  1 
ATOM   983  N NH1 . ARG A 1 121 ? -16.495 15.597  -3.803  1.00 47.93 ? 119 ARG A NH1 1 
ATOM   984  N NH2 . ARG A 1 121 ? -17.985 14.634  -5.247  1.00 46.93 ? 119 ARG A NH2 1 
ATOM   985  N N   . ALA A 1 122 ? -11.121 8.499   -3.455  1.00 10.81 ? 120 ALA A N   1 
ATOM   986  C CA  . ALA A 1 122 ? -9.854  7.790   -3.789  1.00 10.38 ? 120 ALA A CA  1 
ATOM   987  C C   . ALA A 1 122 ? -10.045 7.011   -5.102  1.00 10.65 ? 120 ALA A C   1 
ATOM   988  O O   . ALA A 1 122 ? -11.129 6.444   -5.319  1.00 11.12 ? 120 ALA A O   1 
ATOM   989  C CB  . ALA A 1 122 ? -9.420  6.890   -2.665  1.00 10.60 ? 120 ALA A CB  1 
ATOM   990  N N   . THR A 1 123 ? -9.020  6.976   -5.929  1.00 10.10 ? 121 THR A N   1 
ATOM   991  C CA  . THR A 1 123 ? -9.023  6.314   -7.232  1.00 11.07 ? 121 THR A CA  1 
ATOM   992  C C   . THR A 1 123 ? -7.721  5.538   -7.399  1.00 10.04 ? 121 THR A C   1 
ATOM   993  O O   . THR A 1 123 ? -6.855  5.633   -6.548  1.00 10.71 ? 121 THR A O   1 
ATOM   994  C CB  . THR A 1 123 ? -9.245  7.315   -8.382  1.00 12.01 ? 121 THR A CB  1 
ATOM   995  O OG1 . THR A 1 123 ? -8.154  8.232   -8.448  1.00 15.47 ? 121 THR A OG1 1 
ATOM   996  C CG2 . THR A 1 123 ? -10.536 8.095   -8.281  1.00 15.40 ? 121 THR A CG2 1 
ATOM   997  N N   . THR A 1 124 ? -7.574  4.827   -8.479  1.00 9.40  ? 122 THR A N   1 
ATOM   998  C CA  . THR A 1 124 ? -6.398  3.954   -8.686  1.00 9.69  ? 122 THR A CA  1 
ATOM   999  C C   . THR A 1 124 ? -5.457  4.494   -9.743  1.00 9.61  ? 122 THR A C   1 
ATOM   1000 O O   . THR A 1 124 ? -5.875  5.209   -10.681 1.00 10.78 ? 122 THR A O   1 
ATOM   1001 C CB  . THR A 1 124 ? -6.808  2.537   -9.069  1.00 9.73  ? 122 THR A CB  1 
ATOM   1002 O OG1 . THR A 1 124 ? -7.437  2.554   -10.344 1.00 11.48 ? 122 THR A OG1 1 
ATOM   1003 C CG2 . THR A 1 124 ? -7.742  1.907   -8.066  1.00 10.17 ? 122 THR A CG2 1 
ATOM   1004 N N   . ASP A 1 125 ? -4.189  4.177   -9.595  1.00 8.54  ? 123 ASP A N   1 
ATOM   1005 C CA  . ASP A 1 125 ? -3.217  4.247   -10.704 1.00 8.83  ? 123 ASP A CA  1 
ATOM   1006 C C   . ASP A 1 125 ? -2.108  3.244   -10.425 1.00 8.56  ? 123 ASP A C   1 
ATOM   1007 O O   . ASP A 1 125 ? -2.259  2.415   -9.488  1.00 9.56  ? 123 ASP A O   1 
ATOM   1008 C CB  . ASP A 1 125 ? -2.690  5.676   -10.977 1.00 9.76  ? 123 ASP A CB  1 
ATOM   1009 C CG  . ASP A 1 125 ? -1.663  6.222   -9.999  1.00 10.81 ? 123 ASP A CG  1 
ATOM   1010 O OD1 . ASP A 1 125 ? -1.286  5.506   -9.055  1.00 10.79 ? 123 ASP A OD1 1 
ATOM   1011 O OD2 . ASP A 1 125 ? -1.204  7.388   -10.223 1.00 12.30 ? 123 ASP A OD2 1 
ATOM   1012 N N   . SER A 1 126 ? -1.120  3.198   -11.287 1.00 9.04  ? 124 SER A N   1 
ATOM   1013 C CA  . SER A 1 126 ? -0.256  2.009   -11.411 1.00 9.34  ? 124 SER A CA  1 
ATOM   1014 C C   . SER A 1 126 ? 1.222   2.339   -11.510 1.00 8.69  ? 124 SER A C   1 
ATOM   1015 O O   . SER A 1 126 ? 1.620   3.424   -11.920 1.00 9.27  ? 124 SER A O   1 
ATOM   1016 C CB  . SER A 1 126 ? -0.657  1.200   -12.614 1.00 11.76 ? 124 SER A CB  1 
ATOM   1017 O OG  . SER A 1 126 ? -0.502  1.913   -13.801 1.00 13.21 ? 124 SER A OG  1 
ATOM   1018 N N   . SER A 1 127 ? 2.022   1.334   -11.253 1.00 9.63  ? 125 SER A N   1 
ATOM   1019 C CA  . SER A 1 127 ? 3.451   1.215   -11.568 1.00 9.96  ? 125 SER A CA  1 
ATOM   1020 C C   . SER A 1 127 ? 3.623   0.060   -12.537 1.00 9.55  ? 125 SER A C   1 
ATOM   1021 O O   . SER A 1 127 ? 2.913   -0.962  -12.373 1.00 10.38 ? 125 SER A O   1 
ATOM   1022 C CB  . SER A 1 127 ? 4.279   0.969   -10.325 1.00 11.76 ? 125 SER A CB  1 
ATOM   1023 O OG  . SER A 1 127 ? 4.246   2.059   -9.470  1.00 12.14 ? 125 SER A OG  1 
ATOM   1024 N N   . ASN A 1 128 ? 4.627   0.137   -13.371 1.00 9.82  ? 126 ASN A N   1 
ATOM   1025 C CA  . ASN A 1 128 ? 4.979   -0.931  -14.329 1.00 10.22 ? 126 ASN A CA  1 
ATOM   1026 C C   . ASN A 1 128 ? 5.909   -1.935  -13.663 1.00 10.39 ? 126 ASN A C   1 
ATOM   1027 O O   . ASN A 1 128 ? 6.827   -1.497  -12.902 1.00 12.64 ? 126 ASN A O   1 
ATOM   1028 C CB  . ASN A 1 128 ? 5.621   -0.340  -15.579 1.00 11.52 ? 126 ASN A CB  1 
ATOM   1029 C CG  . ASN A 1 128 ? 4.615   0.479   -16.347 1.00 12.92 ? 126 ASN A CG  1 
ATOM   1030 O OD1 . ASN A 1 128 ? 3.432   0.167   -16.342 1.00 19.12 ? 126 ASN A OD1 1 
ATOM   1031 N ND2 . ASN A 1 128 ? 5.000   1.650   -16.800 1.00 13.63 ? 126 ASN A ND2 1 
ATOM   1032 N N   . THR A 1 129 ? 5.816   -3.176  -14.084 1.00 10.25 ? 127 THR A N   1 
ATOM   1033 C CA  . THR A 1 129 ? 6.853   -4.182  -13.779 1.00 10.31 ? 127 THR A CA  1 
ATOM   1034 C C   . THR A 1 129 ? 6.900   -5.167  -14.910 1.00 11.14 ? 127 THR A C   1 
ATOM   1035 O O   . THR A 1 129 ? 5.843   -5.517  -15.421 1.00 12.16 ? 127 THR A O   1 
ATOM   1036 C CB  . THR A 1 129 ? 6.602   -4.896  -12.445 1.00 11.29 ? 127 THR A CB  1 
ATOM   1037 O OG1 . THR A 1 129 ? 7.614   -5.899  -12.262 1.00 10.35 ? 127 THR A OG1 1 
ATOM   1038 C CG2 . THR A 1 129 ? 5.256   -5.569  -12.391 1.00 12.28 ? 127 THR A CG2 1 
ATOM   1039 N N   . ALA A 1 130 ? 8.079   -5.612  -15.242 1.00 11.01 ? 128 ALA A N   1 
ATOM   1040 C CA  . ALA A 1 130 ? 8.249   -6.671  -16.241 1.00 12.96 ? 128 ALA A CA  1 
ATOM   1041 C C   . ALA A 1 130 ? 8.442   -8.005  -15.530 1.00 10.58 ? 128 ALA A C   1 
ATOM   1042 O O   . ALA A 1 130 ? 8.754   -8.990  -16.226 1.00 11.94 ? 128 ALA A O   1 
ATOM   1043 C CB  . ALA A 1 130 ? 9.395   -6.331  -17.173 1.00 14.95 ? 128 ALA A CB  1 
ATOM   1044 N N   . ASP A 1 131 ? 8.213   -8.094  -14.210 1.00 10.94 ? 129 ASP A N   1 
ATOM   1045 C CA  . ASP A 1 131 ? 8.352   -9.357  -13.455 1.00 10.56 ? 129 ASP A CA  1 
ATOM   1046 C C   . ASP A 1 131 ? 7.332   -9.364  -12.346 1.00 9.63  ? 129 ASP A C   1 
ATOM   1047 O O   . ASP A 1 131 ? 7.696   -9.230  -11.159 1.00 10.68 ? 129 ASP A O   1 
ATOM   1048 C CB  . ASP A 1 131 ? 9.770   -9.561  -12.966 1.00 12.00 ? 129 ASP A CB  1 
ATOM   1049 C CG  . ASP A 1 131 ? 9.976   -10.928 -12.338 1.00 16.56 ? 129 ASP A CG  1 
ATOM   1050 O OD1 . ASP A 1 131 ? 9.012   -11.707 -12.338 1.00 20.04 ? 129 ASP A OD1 1 
ATOM   1051 O OD2 . ASP A 1 131 ? 11.054  -11.139 -11.729 1.00 23.94 ? 129 ASP A OD2 1 
ATOM   1052 N N   . LEU A 1 132 ? 6.077   -9.502  -12.722 1.00 9.19  ? 130 LEU A N   1 
ATOM   1053 C CA  . LEU A 1 132 ? 4.955   -9.516  -11.771 1.00 9.14  ? 130 LEU A CA  1 
ATOM   1054 C C   . LEU A 1 132 ? 5.058   -10.735 -10.837 1.00 9.62  ? 130 LEU A C   1 
ATOM   1055 O O   . LEU A 1 132 ? 4.530   -10.699 -9.710  1.00 10.59 ? 130 LEU A O   1 
ATOM   1056 C CB  . LEU A 1 132 ? 3.646   -9.555  -12.578 1.00 11.14 ? 130 LEU A CB  1 
ATOM   1057 C CG  . LEU A 1 132 ? 2.398   -9.166  -11.820 1.00 12.49 ? 130 LEU A CG  1 
ATOM   1058 C CD1 . LEU A 1 132 ? 2.421   -7.663  -11.470 1.00 12.85 ? 130 LEU A CD1 1 
ATOM   1059 C CD2 . LEU A 1 132 ? 1.156   -9.500  -12.640 1.00 13.74 ? 130 LEU A CD2 1 
ATOM   1060 N N   . ASN A 1 133 ? 5.646   -11.815 -11.313 1.00 8.87  ? 131 ASN A N   1 
ATOM   1061 C CA  . ASN A 1 133 ? 5.480   -13.143 -10.682 1.00 8.67  ? 131 ASN A CA  1 
ATOM   1062 C C   . ASN A 1 133 ? 6.573   -13.454 -9.658  1.00 8.82  ? 131 ASN A C   1 
ATOM   1063 O O   . ASN A 1 133 ? 6.521   -14.527 -9.069  1.00 10.39 ? 131 ASN A O   1 
ATOM   1064 C CB  . ASN A 1 133 ? 5.388   -14.206 -11.751 1.00 9.27  ? 131 ASN A CB  1 
ATOM   1065 C CG  . ASN A 1 133 ? 4.209   -13.915 -12.644 1.00 9.45  ? 131 ASN A CG  1 
ATOM   1066 O OD1 . ASN A 1 133 ? 3.067   -13.933 -12.176 1.00 10.75 ? 131 ASN A OD1 1 
ATOM   1067 N ND2 . ASN A 1 133 ? 4.453   -13.643 -13.916 1.00 9.61  ? 131 ASN A ND2 1 
ATOM   1068 N N   . ASN A 1 134 ? 7.541   -12.561 -9.478  1.00 8.43  ? 132 ASN A N   1 
ATOM   1069 C CA  . ASN A 1 134 ? 8.552   -12.674 -8.399  1.00 9.22  ? 132 ASN A CA  1 
ATOM   1070 C C   . ASN A 1 134 ? 8.289   -11.641 -7.311  1.00 8.84  ? 132 ASN A C   1 
ATOM   1071 O O   . ASN A 1 134 ? 9.168   -11.439 -6.484  1.00 9.78  ? 132 ASN A O   1 
ATOM   1072 C CB  . ASN A 1 134 ? 9.965   -12.586 -8.910  1.00 10.65 ? 132 ASN A CB  1 
ATOM   1073 C CG  . ASN A 1 134 ? 10.413  -13.920 -9.482  1.00 12.20 ? 132 ASN A CG  1 
ATOM   1074 O OD1 . ASN A 1 134 ? 10.546  -14.913 -8.769  1.00 12.39 ? 132 ASN A OD1 1 
ATOM   1075 N ND2 . ASN A 1 134 ? 10.538  -13.998 -10.788 1.00 15.92 ? 132 ASN A ND2 1 
ATOM   1076 N N   . ILE A 1 135 ? 7.126   -11.048 -7.276  1.00 9.24  ? 133 ILE A N   1 
ATOM   1077 C CA  . ILE A 1 135 ? 6.784   -10.108 -6.180  1.00 10.84 ? 133 ILE A CA  1 
ATOM   1078 C C   . ILE A 1 135 ? 6.418   -10.868 -4.882  1.00 11.51 ? 133 ILE A C   1 
ATOM   1079 O O   . ILE A 1 135 ? 5.535   -11.789 -4.892  1.00 14.70 ? 133 ILE A O   1 
ATOM   1080 C CB  . ILE A 1 135 ? 5.699   -9.137  -6.637  1.00 10.94 ? 133 ILE A CB  1 
ATOM   1081 C CG1 . ILE A 1 135 ? 6.243   -8.221  -7.732  1.00 11.55 ? 133 ILE A CG1 1 
ATOM   1082 C CG2 . ILE A 1 135 ? 5.162   -8.353  -5.435  1.00 12.08 ? 133 ILE A CG2 1 
ATOM   1083 C CD1 . ILE A 1 135 ? 5.201   -7.346  -8.363  1.00 12.63 ? 133 ILE A CD1 1 
ATOM   1084 N N   . SER A 1 136 ? 7.104   -10.563 -3.811  1.00 10.93 ? 134 SER A N   1 
ATOM   1085 C CA  . SER A 1 136 ? 6.842   -11.033 -2.431  1.00 13.07 ? 134 SER A CA  1 
ATOM   1086 C C   . SER A 1 136 ? 6.364   -9.836  -1.641  1.00 10.88 ? 134 SER A C   1 
ATOM   1087 O O   . SER A 1 136 ? 6.972   -8.737  -1.822  1.00 13.45 ? 134 SER A O   1 
ATOM   1088 C CB  . SER A 1 136 ? 8.101   -11.625 -1.819  1.00 15.94 ? 134 SER A CB  1 
ATOM   1089 O OG  . SER A 1 136 ? 8.158   -13.031 -2.073  1.00 24.86 ? 134 SER A OG  1 
ATOM   1090 N N   . ILE A 1 137 ? 5.404   -10.012 -0.756  1.00 8.26  ? 135 ILE A N   1 
ATOM   1091 C CA  . ILE A 1 137 ? 4.924   -8.931  0.123   1.00 8.28  ? 135 ILE A CA  1 
ATOM   1092 C C   . ILE A 1 137 ? 5.007   -9.353  1.565   1.00 8.00  ? 135 ILE A C   1 
ATOM   1093 O O   . ILE A 1 137 ? 4.635   -10.491 1.909   1.00 9.54  ? 135 ILE A O   1 
ATOM   1094 C CB  . ILE A 1 137 ? 3.514   -8.478  -0.252  1.00 8.91  ? 135 ILE A CB  1 
ATOM   1095 C CG1 . ILE A 1 137 ? 3.121   -7.177  0.442   1.00 9.42  ? 135 ILE A CG1 1 
ATOM   1096 C CG2 . ILE A 1 137 ? 2.501   -9.565  0.004   1.00 9.80  ? 135 ILE A CG2 1 
ATOM   1097 C CD1 . ILE A 1 137 ? 1.893   -6.493  -0.136  1.00 10.55 ? 135 ILE A CD1 1 
ATOM   1098 N N   . ILE A 1 138 ? 5.482   -8.444  2.381   1.00 8.02  ? 136 ILE A N   1 
ATOM   1099 C CA  . ILE A 1 138 ? 5.522   -8.560  3.863   1.00 8.53  ? 136 ILE A CA  1 
ATOM   1100 C C   . ILE A 1 138 ? 4.414   -7.650  4.375   1.00 7.59  ? 136 ILE A C   1 
ATOM   1101 O O   . ILE A 1 138 ? 4.556   -6.416  4.221   1.00 8.20  ? 136 ILE A O   1 
ATOM   1102 C CB  . ILE A 1 138 ? 6.895   -8.155  4.435   1.00 10.14 ? 136 ILE A CB  1 
ATOM   1103 C CG1 . ILE A 1 138 ? 8.046   -8.974  3.832   1.00 12.04 ? 136 ILE A CG1 1 
ATOM   1104 C CG2 . ILE A 1 138 ? 6.897   -8.250  5.952   1.00 11.05 ? 136 ILE A CG2 1 
ATOM   1105 C CD1 . ILE A 1 138 ? 9.401   -8.328  3.971   1.00 14.14 ? 136 ILE A CD1 1 
ATOM   1106 N N   . ILE A 1 139 ? 3.321   -8.188  4.873   1.00 8.10  ? 137 ILE A N   1 
ATOM   1107 C CA  . ILE A 1 139 ? 2.154   -7.400  5.312   1.00 8.60  ? 137 ILE A CA  1 
ATOM   1108 C C   . ILE A 1 139 ? 2.148   -7.338  6.817   1.00 9.01  ? 137 ILE A C   1 
ATOM   1109 O O   . ILE A 1 139 ? 2.100   -8.397  7.456   1.00 9.10  ? 137 ILE A O   1 
ATOM   1110 C CB  . ILE A 1 139 ? 0.844   -7.970  4.749   1.00 8.83  ? 137 ILE A CB  1 
ATOM   1111 C CG1 . ILE A 1 139 ? 0.917   -8.094  3.223   1.00 9.54  ? 137 ILE A CG1 1 
ATOM   1112 C CG2 . ILE A 1 139 ? -0.310  -7.104  5.181   1.00 9.51  ? 137 ILE A CG2 1 
ATOM   1113 C CD1 . ILE A 1 139 ? -0.329  -8.672  2.589   1.00 10.53 ? 137 ILE A CD1 1 
ATOM   1114 N N   . HIS A 1 140 ? 2.220   -6.156  7.375   1.00 8.64  ? 138 HIS A N   1 
ATOM   1115 C CA  . HIS A 1 140 ? 2.390   -5.971  8.832   1.00 9.43  ? 138 HIS A CA  1 
ATOM   1116 C C   . HIS A 1 140 ? 1.052   -5.891  9.558   1.00 11.56 ? 138 HIS A C   1 
ATOM   1117 O O   . HIS A 1 140 ? 1.055   -5.837  10.826  1.00 14.52 ? 138 HIS A O   1 
ATOM   1118 C CB  . HIS A 1 140 ? 3.198   -4.692  9.096   1.00 10.05 ? 138 HIS A CB  1 
ATOM   1119 C CG  . HIS A 1 140 ? 4.609   -4.747  8.607   1.00 10.72 ? 138 HIS A CG  1 
ATOM   1120 N ND1 . HIS A 1 140 ? 5.670   -4.328  9.394   1.00 14.25 ? 138 HIS A ND1 1 
ATOM   1121 C CD2 . HIS A 1 140 ? 5.141   -4.913  7.367   1.00 13.07 ? 138 HIS A CD2 1 
ATOM   1122 C CE1 . HIS A 1 140 ? 6.798   -4.364  8.690   1.00 14.60 ? 138 HIS A CE1 1 
ATOM   1123 N NE2 . HIS A 1 140 ? 6.505   -4.803  7.468   1.00 11.46 ? 138 HIS A NE2 1 
ATOM   1124 N N   . SER A 1 141 ? -0.047  -6.006  8.858   1.00 11.55 ? 139 SER A N   1 
ATOM   1125 C CA  . SER A 1 141 ? -1.418  -5.770  9.349   1.00 12.43 ? 139 SER A CA  1 
ATOM   1126 C C   . SER A 1 141 ? -2.337  -6.919  8.898   1.00 10.92 ? 139 SER A C   1 
ATOM   1127 O O   . SER A 1 141 ? -1.971  -7.677  7.981   1.00 11.07 ? 139 SER A O   1 
ATOM   1128 C CB  . SER A 1 141 ? -1.908  -4.448  8.832   1.00 16.48 ? 139 SER A CB  1 
ATOM   1129 O OG  . SER A 1 141 ? -1.223  -3.360  9.475   1.00 23.28 ? 139 SER A OG  1 
ATOM   1130 N N   . GLU A 1 142 ? -3.557  -6.954  9.404   1.00 10.16 ? 140 GLU A N   1 
ATOM   1131 C CA  . GLU A 1 142 ? -4.595  -7.867  8.872   1.00 11.16 ? 140 GLU A CA  1 
ATOM   1132 C C   . GLU A 1 142 ? -5.011  -7.415  7.477   1.00 9.39  ? 140 GLU A C   1 
ATOM   1133 O O   . GLU A 1 142 ? -4.967  -6.205  7.188   1.00 10.72 ? 140 GLU A O   1 
ATOM   1134 C CB  . GLU A 1 142 ? -5.801  -7.919  9.811   1.00 13.06 ? 140 GLU A CB  1 
ATOM   1135 C CG  . GLU A 1 142 ? -5.513  -8.655  11.090  1.00 16.66 ? 140 GLU A CG  1 
ATOM   1136 C CD  . GLU A 1 142 ? -6.723  -8.932  11.963  1.00 19.86 ? 140 GLU A CD  1 
ATOM   1137 O OE1 . GLU A 1 142 ? -7.836  -8.508  11.594  1.00 20.53 ? 140 GLU A OE1 1 
ATOM   1138 O OE2 . GLU A 1 142 ? -6.529  -9.549  13.051  1.00 25.96 ? 140 GLU A OE2 1 
ATOM   1139 N N   . PHE A 1 143 ? -5.506  -8.334  6.668   1.00 8.54  ? 141 PHE A N   1 
ATOM   1140 C CA  . PHE A 1 143 ? -5.903  -8.022  5.285   1.00 8.65  ? 141 PHE A CA  1 
ATOM   1141 C C   . PHE A 1 143 ? -6.934  -9.002  4.776   1.00 8.69  ? 141 PHE A C   1 
ATOM   1142 O O   . PHE A 1 143 ? -7.194  -10.066 5.369   1.00 9.86  ? 141 PHE A O   1 
ATOM   1143 C CB  . PHE A 1 143 ? -4.696  -7.976  4.356   1.00 8.73  ? 141 PHE A CB  1 
ATOM   1144 C CG  . PHE A 1 143 ? -4.011  -9.290  4.171   1.00 8.24  ? 141 PHE A CG  1 
ATOM   1145 C CD1 . PHE A 1 143 ? -3.119  -9.805  5.105   1.00 9.28  ? 141 PHE A CD1 1 
ATOM   1146 C CD2 . PHE A 1 143 ? -4.295  -10.036 3.032   1.00 8.81  ? 141 PHE A CD2 1 
ATOM   1147 C CE1 . PHE A 1 143 ? -2.519  -11.020 4.888   1.00 9.31  ? 141 PHE A CE1 1 
ATOM   1148 C CE2 . PHE A 1 143 ? -3.658  -11.238 2.820   1.00 9.13  ? 141 PHE A CE2 1 
ATOM   1149 C CZ  . PHE A 1 143 ? -2.772  -11.719 3.728   1.00 9.12  ? 141 PHE A CZ  1 
ATOM   1150 N N   . TYR A 1 144 ? -7.559  -8.568  3.705   1.00 9.22  ? 142 TYR A N   1 
ATOM   1151 C CA  . TYR A 1 144 ? -8.593  -9.306  2.962   1.00 9.44  ? 142 TYR A CA  1 
ATOM   1152 C C   . TYR A 1 144 ? -8.183  -9.420  1.522   1.00 9.46  ? 142 TYR A C   1 
ATOM   1153 O O   . TYR A 1 144 ? -7.326  -8.655  1.056   1.00 9.05  ? 142 TYR A O   1 
ATOM   1154 C CB  . TYR A 1 144 ? -9.928  -8.583  3.019   1.00 10.62 ? 142 TYR A CB  1 
ATOM   1155 C CG  . TYR A 1 144 ? -10.380 -8.289  4.426   1.00 14.75 ? 142 TYR A CG  1 
ATOM   1156 C CD1 . TYR A 1 144 ? -9.867  -7.190  5.102   1.00 17.57 ? 142 TYR A CD1 1 
ATOM   1157 C CD2 . TYR A 1 144 ? -11.316 -9.065  5.083   1.00 16.82 ? 142 TYR A CD2 1 
ATOM   1158 C CE1 . TYR A 1 144 ? -10.252 -6.879  6.397   1.00 21.58 ? 142 TYR A CE1 1 
ATOM   1159 C CE2 . TYR A 1 144 ? -11.732 -8.754  6.384   1.00 17.84 ? 142 TYR A CE2 1 
ATOM   1160 C CZ  . TYR A 1 144 ? -11.189 -7.656  7.030   1.00 20.17 ? 142 TYR A CZ  1 
ATOM   1161 O OH  . TYR A 1 144 ? -11.522 -7.312  8.315   1.00 24.32 ? 142 TYR A OH  1 
ATOM   1162 N N   . ILE A 1 145 ? -8.767  -10.368 0.828   1.00 9.44  ? 143 ILE A N   1 
ATOM   1163 C CA  . ILE A 1 145 ? -8.531  -10.632 -0.617  1.00 10.52 ? 143 ILE A CA  1 
ATOM   1164 C C   . ILE A 1 145 ? -9.870  -10.480 -1.338  1.00 9.87  ? 143 ILE A C   1 
ATOM   1165 O O   . ILE A 1 145 ? -10.920 -11.035 -0.864  1.00 11.24 ? 143 ILE A O   1 
ATOM   1166 C CB  . ILE A 1 145 ? -7.891  -12.007 -0.811  1.00 13.27 ? 143 ILE A CB  1 
ATOM   1167 C CG1 . ILE A 1 145 ? -6.607  -12.153 0.008   1.00 15.27 ? 143 ILE A CG1 1 
ATOM   1168 C CG2 . ILE A 1 145 ? -7.650  -12.311 -2.286  1.00 15.54 ? 143 ILE A CG2 1 
ATOM   1169 C CD1 . ILE A 1 145 ? -6.024  -13.569 0.005   1.00 17.22 ? 143 ILE A CD1 1 
ATOM   1170 N N   . ILE A 1 146 ? -9.859  -9.762  -2.431  1.00 9.16  ? 144 ILE A N   1 
ATOM   1171 C CA  . ILE A 1 146 ? -11.066 -9.492  -3.253  1.00 9.15  ? 144 ILE A CA  1 
ATOM   1172 C C   . ILE A 1 146 ? -10.700 -9.746  -4.703  1.00 9.33  ? 144 ILE A C   1 
ATOM   1173 O O   . ILE A 1 146 ? -9.717  -9.198  -5.214  1.00 9.38  ? 144 ILE A O   1 
ATOM   1174 C CB  . ILE A 1 146 ? -11.553 -8.049  -3.067  1.00 9.00  ? 144 ILE A CB  1 
ATOM   1175 C CG1 . ILE A 1 146 ? -11.903 -7.759  -1.603  1.00 10.17 ? 144 ILE A CG1 1 
ATOM   1176 C CG2 . ILE A 1 146 ? -12.733 -7.733  -3.977  1.00 9.46  ? 144 ILE A CG2 1 
ATOM   1177 C CD1 . ILE A 1 146 ? -12.185 -6.326  -1.327  1.00 11.26 ? 144 ILE A CD1 1 
ATOM   1178 N N   . PRO A 1 147 ? -11.471 -10.526 -5.469  1.00 9.54  ? 145 PRO A N   1 
ATOM   1179 C CA  . PRO A 1 147 ? -11.180 -10.692 -6.896  1.00 9.68  ? 145 PRO A CA  1 
ATOM   1180 C C   . PRO A 1 147 ? -11.180 -9.348  -7.642  1.00 9.30  ? 145 PRO A C   1 
ATOM   1181 O O   . PRO A 1 147 ? -11.975 -8.498  -7.361  1.00 9.09  ? 145 PRO A O   1 
ATOM   1182 C CB  . PRO A 1 147 ? -12.298 -11.588 -7.433  1.00 10.52 ? 145 PRO A CB  1 
ATOM   1183 C CG  . PRO A 1 147 ? -12.890 -12.230 -6.192  1.00 11.78 ? 145 PRO A CG  1 
ATOM   1184 C CD  . PRO A 1 147 ? -12.676 -11.242 -5.058  1.00 10.78 ? 145 PRO A CD  1 
ATOM   1185 N N   . ARG A 1 148 ? -10.305 -9.210  -8.629  1.00 9.70  ? 146 ARG A N   1 
ATOM   1186 C CA  . ARG A 1 148 ? -10.252 -7.979  -9.449  1.00 10.59 ? 146 ARG A CA  1 
ATOM   1187 C C   . ARG A 1 148 ? -11.627 -7.659  -10.052 1.00 9.49  ? 146 ARG A C   1 
ATOM   1188 O O   . ARG A 1 148 ? -11.986 -6.497  -10.124 1.00 10.48 ? 146 ARG A O   1 
ATOM   1189 C CB  . ARG A 1 148 ? -9.202  -8.110  -10.540 1.00 11.96 ? 146 ARG A CB  1 
ATOM   1190 C CG  . ARG A 1 148 ? -9.114  -6.850  -11.374 1.00 14.32 ? 146 ARG A CG  1 
ATOM   1191 C CD  . ARG A 1 148 ? -8.143  -6.914  -12.505 1.00 17.21 ? 146 ARG A CD  1 
ATOM   1192 N NE  . ARG A 1 148 ? -8.447  -5.775  -13.357 1.00 22.11 ? 146 ARG A NE  1 
ATOM   1193 C CZ  . ARG A 1 148 ? -9.280  -5.800  -14.416 1.00 23.77 ? 146 ARG A CZ  1 
ATOM   1194 N NH1 . ARG A 1 148 ? -9.776  -6.946  -14.856 1.00 21.39 ? 146 ARG A NH1 1 
ATOM   1195 N NH2 . ARG A 1 148 ? -9.499  -4.689  -15.094 1.00 28.77 ? 146 ARG A NH2 1 
ATOM   1196 N N   . SER A 1 149 ? -12.395 -8.671  -10.421 1.00 8.69  ? 147 SER A N   1 
ATOM   1197 C CA  . SER A 1 149 ? -13.724 -8.435  -11.041 1.00 9.68  ? 147 SER A CA  1 
ATOM   1198 C C   . SER A 1 149 ? -14.660 -7.693  -10.090 1.00 10.32 ? 147 SER A C   1 
ATOM   1199 O O   . SER A 1 149 ? -15.665 -7.130  -10.532 1.00 11.34 ? 147 SER A O   1 
ATOM   1200 C CB  . SER A 1 149 ? -14.319 -9.717  -11.493 1.00 11.85 ? 147 SER A CB  1 
ATOM   1201 O OG  . SER A 1 149 ? -14.593 -10.543 -10.402 1.00 13.01 ? 147 SER A OG  1 
ATOM   1202 N N   . GLN A 1 150 ? -14.350 -7.682  -8.796  1.00 10.43 ? 148 GLN A N   1 
ATOM   1203 C CA  . GLN A 1 150 ? -15.171 -7.077  -7.720  1.00 11.05 ? 148 GLN A CA  1 
ATOM   1204 C C   . GLN A 1 150 ? -14.521 -5.775  -7.240  1.00 10.09 ? 148 GLN A C   1 
ATOM   1205 O O   . GLN A 1 150 ? -14.801 -5.315  -6.125  1.00 11.13 ? 148 GLN A O   1 
ATOM   1206 C CB  . GLN A 1 150 ? -15.353 -8.076  -6.595  1.00 12.66 ? 148 GLN A CB  1 
ATOM   1207 C CG  . GLN A 1 150 ? -16.057 -9.341  -7.046  1.00 15.20 ? 148 GLN A CG  1 
ATOM   1208 C CD  . GLN A 1 150 ? -17.459 -9.179  -7.571  1.00 19.24 ? 148 GLN A CD  1 
ATOM   1209 O OE1 . GLN A 1 150 ? -17.885 -9.935  -8.459  1.00 26.71 ? 148 GLN A OE1 1 
ATOM   1210 N NE2 . GLN A 1 150 ? -18.183 -8.225  -7.043  1.00 18.35 ? 148 GLN A NE2 1 
ATOM   1211 N N   . GLU A 1 151 ? -13.759 -5.157  -8.099  1.00 10.19 ? 149 GLU A N   1 
ATOM   1212 C CA  . GLU A 1 151 ? -13.050 -3.916  -7.762  1.00 11.13 ? 149 GLU A CA  1 
ATOM   1213 C C   . GLU A 1 151 ? -14.026 -2.844  -7.300  1.00 10.97 ? 149 GLU A C   1 
ATOM   1214 O O   . GLU A 1 151 ? -13.640 -2.013  -6.448  1.00 11.57 ? 149 GLU A O   1 
ATOM   1215 C CB  . GLU A 1 151 ? -12.293 -3.393  -8.957  1.00 11.31 ? 149 GLU A CB  1 
ATOM   1216 C CG  . GLU A 1 151 ? -11.537 -2.133  -8.646  1.00 11.05 ? 149 GLU A CG  1 
ATOM   1217 C CD  . GLU A 1 151 ? -10.427 -1.815  -9.630  1.00 12.64 ? 149 GLU A CD  1 
ATOM   1218 O OE1 . GLU A 1 151 ? -9.691  -2.750  -10.057 1.00 12.83 ? 149 GLU A OE1 1 
ATOM   1219 O OE2 . GLU A 1 151 ? -10.256 -0.589  -9.925  1.00 15.08 ? 149 GLU A OE2 1 
ATOM   1220 N N   . SER A 1 152 ? -15.218 -2.766  -7.855  1.00 11.51 ? 150 SER A N   1 
ATOM   1221 C CA  . SER A 1 152 ? -16.184 -1.731  -7.445  1.00 12.83 ? 150 SER A CA  1 
ATOM   1222 C C   . SER A 1 152 ? -16.463 -1.854  -5.939  1.00 12.71 ? 150 SER A C   1 
ATOM   1223 O O   . SER A 1 152 ? -16.544 -0.822  -5.255  1.00 12.95 ? 150 SER A O   1 
ATOM   1224 C CB  . SER A 1 152 ? -17.444 -1.766  -8.280  1.00 14.54 ? 150 SER A CB  1 
ATOM   1225 O OG  . SER A 1 152 ? -18.228 -2.875  -7.961  1.00 18.80 ? 150 SER A OG  1 
ATOM   1226 N N   . LYS A 1 153 ? -16.521 -3.053  -5.403  1.00 11.07 ? 151 LYS A N   1 
ATOM   1227 C CA  . LYS A 1 153 ? -16.758 -3.248  -3.963  1.00 12.06 ? 151 LYS A CA  1 
ATOM   1228 C C   . LYS A 1 153 ? -15.474 -2.917  -3.189  1.00 11.18 ? 151 LYS A C   1 
ATOM   1229 O O   . LYS A 1 153 ? -15.559 -2.356  -2.095  1.00 11.66 ? 151 LYS A O   1 
ATOM   1230 C CB  . LYS A 1 153 ? -17.271 -4.657  -3.661  1.00 12.44 ? 151 LYS A CB  1 
ATOM   1231 C CG  . LYS A 1 153 ? -18.720 -4.907  -4.084  1.00 15.75 ? 151 LYS A CG  1 
ATOM   1232 C CD  . LYS A 1 153 ? -19.114 -6.379  -3.990  1.00 21.49 ? 151 LYS A CD  1 
ATOM   1233 C CE  . LYS A 1 153 ? -20.562 -6.619  -4.370  1.00 25.50 ? 151 LYS A CE  1 
ATOM   1234 N NZ  . LYS A 1 153 ? -20.757 -6.468  -5.827  1.00 27.07 ? 151 LYS A NZ  1 
ATOM   1235 N N   . CYS A 1 154 ? -14.301 -3.252  -3.720  1.00 11.67 ? 152 CYS A N   1 
ATOM   1236 C CA  . CYS A 1 154 ? -13.027 -2.852  -3.103  1.00 11.39 ? 152 CYS A CA  1 
ATOM   1237 C C   . CYS A 1 154 ? -12.978 -1.318  -2.997  1.00 11.11 ? 152 CYS A C   1 
ATOM   1238 O O   . CYS A 1 154 ? -12.595 -0.784  -1.926  1.00 10.82 ? 152 CYS A O   1 
ATOM   1239 C CB  . CYS A 1 154 ? -11.846 -3.393  -3.896  1.00 10.97 ? 152 CYS A CB  1 
ATOM   1240 S SG  . CYS A 1 154 ? -10.269 -3.084  -3.075  1.00 12.37 ? 152 CYS A SG  1 
ATOM   1241 N N   . ASN A 1 155 ? -13.351 -0.631  -4.049  1.00 10.88 ? 153 ASN A N   1 
ATOM   1242 C CA  . ASN A 1 155 ? -13.379 0.838   -4.099  1.00 12.25 ? 153 ASN A CA  1 
ATOM   1243 C C   . ASN A 1 155 ? -14.286 1.349   -2.970  1.00 11.08 ? 153 ASN A C   1 
ATOM   1244 O O   . ASN A 1 155 ? -13.918 2.293   -2.247  1.00 11.46 ? 153 ASN A O   1 
ATOM   1245 C CB  . ASN A 1 155 ? -13.837 1.296   -5.486  1.00 12.15 ? 153 ASN A CB  1 
ATOM   1246 C CG  . ASN A 1 155 ? -13.827 2.784   -5.663  1.00 14.79 ? 153 ASN A CG  1 
ATOM   1247 O OD1 . ASN A 1 155 ? -14.522 3.491   -4.944  1.00 16.87 ? 153 ASN A OD1 1 
ATOM   1248 N ND2 . ASN A 1 155 ? -13.109 3.248   -6.678  1.00 16.80 ? 153 ASN A ND2 1 
ATOM   1249 N N   . GLU A 1 156 ? -15.460 0.771   -2.824  1.00 11.50 ? 154 GLU A N   1 
ATOM   1250 C CA  . GLU A 1 156 ? -16.409 1.150   -1.757  1.00 12.57 ? 154 GLU A CA  1 
ATOM   1251 C C   . GLU A 1 156 ? -15.758 0.975   -0.390  1.00 11.92 ? 154 GLU A C   1 
ATOM   1252 O O   . GLU A 1 156 ? -15.923 1.865   0.472   1.00 12.50 ? 154 GLU A O   1 
ATOM   1253 C CB  . GLU A 1 156 ? -17.706 0.327   -1.859  1.00 14.37 ? 154 GLU A CB  1 
ATOM   1254 C CG  . GLU A 1 156 ? -18.602 0.774   -2.982  1.00 20.20 ? 154 GLU A CG  1 
ATOM   1255 C CD  . GLU A 1 156 ? -19.626 -0.246  -3.469  1.00 26.46 ? 154 GLU A CD  1 
ATOM   1256 O OE1 . GLU A 1 156 ? -19.912 -1.239  -2.730  1.00 27.27 ? 154 GLU A OE1 1 
ATOM   1257 O OE2 . GLU A 1 156 ? -20.150 -0.048  -4.599  1.00 31.16 ? 154 GLU A OE2 1 
ATOM   1258 N N   . TYR A 1 157 ? -15.056 -0.128  -0.159  1.00 10.46 ? 155 TYR A N   1 
ATOM   1259 C CA  . TYR A 1 157 ? -14.380 -0.329  1.143   1.00 11.25 ? 155 TYR A CA  1 
ATOM   1260 C C   . TYR A 1 157 ? -13.285 0.735   1.361   1.00 10.26 ? 155 TYR A C   1 
ATOM   1261 O O   . TYR A 1 157 ? -13.165 1.278   2.431   1.00 10.47 ? 155 TYR A O   1 
ATOM   1262 C CB  . TYR A 1 157 ? -13.800 -1.724  1.256   1.00 12.10 ? 155 TYR A CB  1 
ATOM   1263 C CG  . TYR A 1 157 ? -14.834 -2.772  1.520   1.00 14.26 ? 155 TYR A CG  1 
ATOM   1264 C CD1 . TYR A 1 157 ? -15.649 -2.697  2.645   1.00 18.15 ? 155 TYR A CD1 1 
ATOM   1265 C CD2 . TYR A 1 157 ? -14.985 -3.851  0.677   1.00 13.40 ? 155 TYR A CD2 1 
ATOM   1266 C CE1 . TYR A 1 157 ? -16.572 -3.690  2.939   1.00 19.53 ? 155 TYR A CE1 1 
ATOM   1267 C CE2 . TYR A 1 157 ? -15.915 -4.846  0.945   1.00 15.62 ? 155 TYR A CE2 1 
ATOM   1268 C CZ  . TYR A 1 157 ? -16.708 -4.759  2.079   1.00 18.19 ? 155 TYR A CZ  1 
ATOM   1269 O OH  . TYR A 1 157 ? -17.625 -5.738  2.353   1.00 21.55 ? 155 TYR A OH  1 
ATOM   1270 N N   . ILE A 1 158 ? -12.445 0.971   0.369   1.00 9.26  ? 156 ILE A N   1 
ATOM   1271 C CA  . ILE A 1 158 ? -11.356 1.991   0.491   1.00 9.72  ? 156 ILE A CA  1 
ATOM   1272 C C   . ILE A 1 158 ? -12.019 3.306   0.903   1.00 10.27 ? 156 ILE A C   1 
ATOM   1273 O O   . ILE A 1 158 ? -11.464 4.012   1.769   1.00 10.04 ? 156 ILE A O   1 
ATOM   1274 C CB  . ILE A 1 158 ? -10.563 2.130   -0.814  1.00 9.50  ? 156 ILE A CB  1 
ATOM   1275 C CG1 . ILE A 1 158 ? -9.740  0.876   -1.139  1.00 10.54 ? 156 ILE A CG1 1 
ATOM   1276 C CG2 . ILE A 1 158 ? -9.660  3.362   -0.745  1.00 11.14 ? 156 ILE A CG2 1 
ATOM   1277 C CD1 . ILE A 1 158 ? -8.470  0.723   -0.312  1.00 10.25 ? 156 ILE A CD1 1 
ATOM   1278 N N   . ASN A 1 159 ? -13.112 3.681   0.241   1.00 11.00 ? 157 ASN A N   1 
ATOM   1279 C CA  . ASN A 1 159 ? -13.684 5.032   0.325   1.00 11.87 ? 157 ASN A CA  1 
ATOM   1280 C C   . ASN A 1 159 ? -14.662 5.148   1.500   1.00 12.89 ? 157 ASN A C   1 
ATOM   1281 O O   . ASN A 1 159 ? -14.859 6.273   1.943   1.00 14.25 ? 157 ASN A O   1 
ATOM   1282 C CB  . ASN A 1 159 ? -14.283 5.434   -1.011  1.00 11.88 ? 157 ASN A CB  1 
ATOM   1283 C CG  . ASN A 1 159 ? -13.215 5.949   -1.937  1.00 11.33 ? 157 ASN A CG  1 
ATOM   1284 O OD1 . ASN A 1 159 ? -12.479 6.857   -1.563  1.00 11.61 ? 157 ASN A OD1 1 
ATOM   1285 N ND2 . ASN A 1 159 ? -13.128 5.439   -3.143  1.00 11.63 ? 157 ASN A ND2 1 
ATOM   1286 N N   . ASN A 1 160 ? -15.176 4.064   2.035   1.00 14.28 ? 158 ASN A N   1 
ATOM   1287 C CA  . ASN A 1 160 ? -16.270 4.122   3.052   1.00 16.28 ? 158 ASN A CA  1 
ATOM   1288 C C   . ASN A 1 160 ? -15.940 3.288   4.281   1.00 14.72 ? 158 ASN A C   1 
ATOM   1289 O O   . ASN A 1 160 ? -16.641 3.439   5.280   1.00 18.23 ? 158 ASN A O   1 
ATOM   1290 C CB  . ASN A 1 160 ? -17.600 3.712   2.430   1.00 19.83 ? 158 ASN A CB  1 
ATOM   1291 C CG  . ASN A 1 160 ? -17.959 4.607   1.271   1.00 22.47 ? 158 ASN A CG  1 
ATOM   1292 O OD1 . ASN A 1 160 ? -17.834 4.219   0.116   1.00 27.46 ? 158 ASN A OD1 1 
ATOM   1293 N ND2 . ASN A 1 160 ? -18.205 5.868   1.556   1.00 25.73 ? 158 ASN A ND2 1 
ATOM   1294 N N   . GLY A 1 161 ? -14.908 2.445   4.260   1.00 14.75 ? 159 GLY A N   1 
ATOM   1295 C CA  . GLY A 1 161 ? -14.524 1.593   5.405   1.00 15.74 ? 159 GLY A CA  1 
ATOM   1296 C C   . GLY A 1 161 ? -15.273 0.260   5.437   1.00 18.08 ? 159 GLY A C   1 
ATOM   1297 O O   . GLY A 1 161 ? -16.220 0.091   4.681   1.00 16.87 ? 159 GLY A O   1 
HETATM 1298 O O   . HOH B 2 .   ? 19.758  -3.594  0.600   1.00 25.27 ? 201 HOH A O   1 
HETATM 1299 O O   . HOH B 2 .   ? 20.409  -0.355  7.701   1.00 23.16 ? 202 HOH A O   1 
HETATM 1300 O O   . HOH B 2 .   ? -16.969 -12.119 1.280   1.00 90.69 ? 203 HOH A O   1 
HETATM 1301 O O   . HOH B 2 .   ? 12.618  -10.009 -10.234 1.00 16.72 ? 204 HOH A O   1 
HETATM 1302 O O   . HOH B 2 .   ? -20.077 -1.955  -6.191  1.00 28.82 ? 205 HOH A O   1 
HETATM 1303 O O   . HOH B 2 .   ? 4.332   21.064  9.082   1.00 16.39 ? 206 HOH A O   1 
HETATM 1304 O O   . HOH B 2 .   ? 17.515  2.721   -2.530  1.00 37.25 ? 207 HOH A O   1 
HETATM 1305 O O   . HOH B 2 .   ? 12.723  -15.988 -8.114  1.00 19.69 ? 208 HOH A O   1 
HETATM 1306 O O   . HOH B 2 .   ? -2.629  -3.804  -15.666 1.00 24.96 ? 209 HOH A O   1 
HETATM 1307 O O   . HOH B 2 .   ? -0.392  -0.400  9.922   1.00 21.96 ? 210 HOH A O   1 
HETATM 1308 O O   . HOH B 2 .   ? -8.032  0.020   -11.088 1.00 17.24 ? 211 HOH A O   1 
HETATM 1309 O O   . HOH B 2 .   ? -11.432 -16.293 -7.096  1.00 22.04 ? 212 HOH A O   1 
HETATM 1310 O O   . HOH B 2 .   ? -9.075  3.719   3.178   1.00 10.33 ? 213 HOH A O   1 
HETATM 1311 O O   . HOH B 2 .   ? -13.173 6.251   -6.927  1.00 33.98 ? 214 HOH A O   1 
HETATM 1312 O O   . HOH B 2 .   ? 1.527   11.829  17.028  1.00 22.34 ? 215 HOH A O   1 
HETATM 1313 O O   . HOH B 2 .   ? -1.222  -0.110  -1.395  1.00 10.06 ? 216 HOH A O   1 
HETATM 1314 O O   . HOH B 2 .   ? -2.721  -9.225  -6.736  1.00 17.99 ? 217 HOH A O   1 
HETATM 1315 O O   . HOH B 2 .   ? 8.905   -14.218 -13.096 1.00 23.39 ? 218 HOH A O   1 
HETATM 1316 O O   . HOH B 2 .   ? 5.927   -17.120 2.681   1.00 24.84 ? 219 HOH A O   1 
HETATM 1317 O O   . HOH B 2 .   ? -14.100 -13.750 8.569   1.00 22.83 ? 220 HOH A O   1 
HETATM 1318 O O   . HOH B 2 .   ? -2.758  -10.535 -14.373 1.00 18.84 ? 221 HOH A O   1 
HETATM 1319 O O   . HOH B 2 .   ? -8.244  -2.803  -12.266 1.00 20.65 ? 222 HOH A O   1 
HETATM 1320 O O   . HOH B 2 .   ? 5.554   -12.008 8.116   1.00 21.60 ? 223 HOH A O   1 
HETATM 1321 O O   . HOH B 2 .   ? 18.315  13.506  9.581   1.00 17.47 ? 224 HOH A O   1 
HETATM 1322 O O   . HOH B 2 .   ? 4.470   -12.637 -7.171  1.00 17.23 ? 225 HOH A O   1 
HETATM 1323 O O   . HOH B 2 .   ? -7.401  -18.072 -8.412  1.00 27.58 ? 226 HOH A O   1 
HETATM 1324 O O   . HOH B 2 .   ? 7.766   20.505  12.097  1.00 13.37 ? 227 HOH A O   1 
HETATM 1325 O O   . HOH B 2 .   ? 9.339   -0.605  -12.680 1.00 17.90 ? 228 HOH A O   1 
HETATM 1326 O O   . HOH B 2 .   ? 1.889   2.273   -14.949 1.00 14.48 ? 229 HOH A O   1 
HETATM 1327 O O   . HOH B 2 .   ? 7.601   -11.398 -16.434 1.00 16.50 ? 230 HOH A O   1 
HETATM 1328 O O   . HOH B 2 .   ? -3.318  3.342   10.575  1.00 13.03 ? 231 HOH A O   1 
HETATM 1329 O O   . HOH B 2 .   ? 0.044   -6.124  13.315  1.00 21.91 ? 232 HOH A O   1 
HETATM 1330 O O   . HOH B 2 .   ? -17.252 -12.805 3.129   1.00 26.09 ? 233 HOH A O   1 
HETATM 1331 O O   . HOH B 2 .   ? -2.457  5.028   -6.660  1.00 12.21 ? 234 HOH A O   1 
HETATM 1332 O O   . HOH B 2 .   ? 0.076   13.925  16.143  1.00 26.86 ? 235 HOH A O   1 
HETATM 1333 O O   . HOH B 2 .   ? 4.981   7.174   10.534  1.00 9.61  ? 236 HOH A O   1 
HETATM 1334 O O   . HOH B 2 .   ? 17.577  -3.628  -9.678  1.00 18.62 ? 237 HOH A O   1 
HETATM 1335 O O   . HOH B 2 .   ? -13.080 -12.960 -2.146  1.00 22.14 ? 238 HOH A O   1 
HETATM 1336 O O   . HOH B 2 .   ? -0.244  19.064  12.512  1.00 24.83 ? 239 HOH A O   1 
HETATM 1337 O O   . HOH B 2 .   ? 4.896   -7.826  -16.532 1.00 20.09 ? 240 HOH A O   1 
HETATM 1338 O O   . HOH B 2 .   ? 0.740   5.939   -12.527 1.00 19.48 ? 241 HOH A O   1 
HETATM 1339 O O   . HOH B 2 .   ? -3.560  12.028  -0.439  1.00 17.20 ? 242 HOH A O   1 
HETATM 1340 O O   . HOH B 2 .   ? -2.192  4.049   -14.060 1.00 13.58 ? 243 HOH A O   1 
HETATM 1341 O O   . HOH B 2 .   ? -4.104  -14.367 -14.399 1.00 29.56 ? 244 HOH A O   1 
HETATM 1342 O O   . HOH B 2 .   ? -16.271 -6.986  -13.204 1.00 15.75 ? 245 HOH A O   1 
HETATM 1343 O O   . HOH B 2 .   ? 15.765  -1.791  -0.906  1.00 15.85 ? 246 HOH A O   1 
HETATM 1344 O O   . HOH B 2 .   ? 7.435   16.434  3.549   1.00 20.04 ? 247 HOH A O   1 
HETATM 1345 O O   . HOH B 2 .   ? 5.844   3.750   -10.939 1.00 16.70 ? 248 HOH A O   1 
HETATM 1346 O O   . HOH B 2 .   ? -0.947  -12.544 14.008  1.00 16.23 ? 249 HOH A O   1 
HETATM 1347 O O   . HOH B 2 .   ? 3.953   -2.717  -17.814 1.00 26.11 ? 250 HOH A O   1 
HETATM 1348 O O   . HOH B 2 .   ? 15.395  -1.932  -12.795 1.00 28.00 ? 251 HOH A O   1 
HETATM 1349 O O   . HOH B 2 .   ? 9.050   -11.850 6.569   1.00 20.16 ? 252 HOH A O   1 
HETATM 1350 O O   . HOH B 2 .   ? 9.435   -15.729 -6.375  1.00 15.08 ? 253 HOH A O   1 
HETATM 1351 O O   . HOH B 2 .   ? -13.913 -14.512 4.866   1.00 32.20 ? 254 HOH A O   1 
HETATM 1352 O O   . HOH B 2 .   ? -4.368  -15.708 -9.921  1.00 21.54 ? 255 HOH A O   1 
HETATM 1353 O O   . HOH B 2 .   ? -7.262  3.447   -12.963 1.00 22.32 ? 256 HOH A O   1 
HETATM 1354 O O   . HOH B 2 .   ? 2.889   0.095   -5.809  1.00 19.80 ? 257 HOH A O   1 
HETATM 1355 O O   . HOH B 2 .   ? 6.172   16.085  13.977  1.00 14.35 ? 258 HOH A O   1 
HETATM 1356 O O   . HOH B 2 .   ? 2.020   -14.069 -9.562  1.00 17.73 ? 259 HOH A O   1 
HETATM 1357 O O   . HOH B 2 .   ? 7.676   11.623  1.815   1.00 18.55 ? 260 HOH A O   1 
HETATM 1358 O O   . HOH B 2 .   ? 2.336   -2.029  -4.122  1.00 12.77 ? 261 HOH A O   1 
HETATM 1359 O O   . HOH B 2 .   ? 5.901   5.670   12.564  1.00 16.56 ? 262 HOH A O   1 
HETATM 1360 O O   . HOH B 2 .   ? -7.608  0.657   12.017  1.00 28.58 ? 263 HOH A O   1 
HETATM 1361 O O   . HOH B 2 .   ? 5.923   13.289  0.552   1.00 17.56 ? 264 HOH A O   1 
HETATM 1362 O O   . HOH B 2 .   ? 0.716   -13.316 11.973  1.00 22.29 ? 265 HOH A O   1 
HETATM 1363 O O   . HOH B 2 .   ? 9.531   11.714  -2.786  1.00 19.32 ? 266 HOH A O   1 
HETATM 1364 O O   . HOH B 2 .   ? 2.045   0.958   -8.112  1.00 19.27 ? 267 HOH A O   1 
HETATM 1365 O O   . HOH B 2 .   ? 13.059  4.428   -9.248  1.00 25.52 ? 268 HOH A O   1 
HETATM 1366 O O   . HOH B 2 .   ? -1.298  8.505   -12.805 1.00 20.54 ? 269 HOH A O   1 
HETATM 1367 O O   . HOH B 2 .   ? 9.770   -2.989  8.920   1.00 19.92 ? 270 HOH A O   1 
HETATM 1368 O O   . HOH B 2 .   ? -1.394  5.763   -2.617  1.00 10.80 ? 271 HOH A O   1 
HETATM 1369 O O   . HOH B 2 .   ? 9.239   -13.586 -4.623  1.00 21.81 ? 272 HOH A O   1 
HETATM 1370 O O   . HOH B 2 .   ? -1.028  4.759   -0.059  1.00 12.28 ? 274 HOH A O   1 
HETATM 1371 O O   . HOH B 2 .   ? -3.892  2.162   -1.603  1.00 9.73  ? 275 HOH A O   1 
HETATM 1372 O O   . HOH B 2 .   ? 12.133  -3.357  -15.962 1.00 29.26 ? 276 HOH A O   1 
HETATM 1373 O O   . HOH B 2 .   ? 8.967   -7.636  0.304   1.00 13.72 ? 277 HOH A O   1 
HETATM 1374 O O   . HOH B 2 .   ? 15.187  -0.225  1.311   1.00 12.38 ? 278 HOH A O   1 
HETATM 1375 O O   . HOH B 2 .   ? 12.611  -5.305  6.273   1.00 15.69 ? 279 HOH A O   1 
HETATM 1376 O O   . HOH B 2 .   ? -17.529 1.674   -6.199  1.00 27.25 ? 280 HOH A O   1 
HETATM 1377 O O   . HOH B 2 .   ? 4.239   -9.684  8.820   1.00 30.10 ? 281 HOH A O   1 
HETATM 1378 O O   . HOH B 2 .   ? -1.064  2.499   -1.453  1.00 12.31 ? 282 HOH A O   1 
HETATM 1379 O O   . HOH B 2 .   ? 15.854  3.443   10.356  1.00 16.78 ? 283 HOH A O   1 
HETATM 1380 O O   . HOH B 2 .   ? -0.622  17.640  5.370   1.00 23.74 ? 284 HOH A O   1 
HETATM 1381 O O   . HOH B 2 .   ? 16.853  -4.041  0.096   1.00 16.73 ? 285 HOH A O   1 
HETATM 1382 O O   . HOH B 2 .   ? -12.583 -4.841  -12.374 1.00 18.20 ? 286 HOH A O   1 
HETATM 1383 O O   . HOH B 2 .   ? 4.067   8.204   15.991  1.00 26.30 ? 287 HOH A O   1 
HETATM 1384 O O   . HOH B 2 .   ? -11.351 -11.260 -11.045 1.00 15.62 ? 288 HOH A O   1 
HETATM 1385 O O   . HOH B 2 .   ? -9.484  -13.050 -9.871  1.00 14.69 ? 289 HOH A O   1 
HETATM 1386 O O   . HOH B 2 .   ? 6.312   2.460   -13.292 1.00 16.97 ? 290 HOH A O   1 
HETATM 1387 O O   . HOH B 2 .   ? -16.275 -4.352  -10.094 1.00 19.36 ? 291 HOH A O   1 
HETATM 1388 O O   . HOH B 2 .   ? -7.185  -14.462 10.787  1.00 22.96 ? 292 HOH A O   1 
HETATM 1389 O O   . HOH B 2 .   ? -2.859  11.643  15.844  1.00 24.74 ? 293 HOH A O   1 
HETATM 1390 O O   . HOH B 2 .   ? 16.131  -5.087  -2.474  1.00 14.94 ? 294 HOH A O   1 
HETATM 1391 O O   . HOH B 2 .   ? -11.725 1.508   -8.593  1.00 18.38 ? 295 HOH A O   1 
HETATM 1392 O O   . HOH B 2 .   ? 12.633  -7.298  -13.927 1.00 17.77 ? 296 HOH A O   1 
HETATM 1393 O O   . HOH B 2 .   ? 18.829  -4.681  3.167   1.00 16.68 ? 297 HOH A O   1 
HETATM 1394 O O   . HOH B 2 .   ? -4.058  -5.312  11.745  1.00 27.34 ? 298 HOH A O   1 
HETATM 1395 O O   . HOH B 2 .   ? 7.250   -13.383 -14.655 1.00 27.19 ? 299 HOH A O   1 
HETATM 1396 O O   . HOH B 2 .   ? 17.883  -6.151  -5.715  1.00 19.15 ? 300 HOH A O   1 
HETATM 1397 O O   . HOH B 2 .   ? 10.674  6.412   -7.581  1.00 22.03 ? 301 HOH A O   1 
HETATM 1398 O O   . HOH B 2 .   ? 4.116   -15.373 6.904   1.00 25.45 ? 302 HOH A O   1 
HETATM 1399 O O   . HOH B 2 .   ? 3.666   16.828  15.186  1.00 21.61 ? 303 HOH A O   1 
HETATM 1400 O O   . HOH B 2 .   ? 14.037  11.186  13.145  1.00 23.32 ? 304 HOH A O   1 
HETATM 1401 O O   . HOH B 2 .   ? -0.540  -15.438 -9.782  1.00 16.57 ? 305 HOH A O   1 
HETATM 1402 O O   . HOH B 2 .   ? 8.187   11.870  14.747  1.00 19.79 ? 306 HOH A O   1 
HETATM 1403 O O   . HOH B 2 .   ? -12.510 0.696   7.774   1.00 30.29 ? 307 HOH A O   1 
HETATM 1404 O O   . HOH B 2 .   ? 7.490   1.242   11.151  1.00 23.09 ? 308 HOH A O   1 
HETATM 1405 O O   . HOH B 2 .   ? 17.430  7.046   4.105   1.00 22.52 ? 309 HOH A O   1 
HETATM 1406 O O   . HOH B 2 .   ? 2.329   15.083  2.865   1.00 20.68 ? 310 HOH A O   1 
HETATM 1407 O O   . HOH B 2 .   ? -2.994  13.964  -8.172  1.00 22.85 ? 311 HOH A O   1 
HETATM 1408 O O   . HOH B 2 .   ? 5.324   -10.383 -15.455 1.00 13.01 ? 312 HOH A O   1 
HETATM 1409 O O   . HOH B 2 .   ? 10.149  0.523   10.865  1.00 11.53 ? 313 HOH A O   1 
HETATM 1410 O O   . HOH B 2 .   ? 11.097  7.964   13.637  1.00 16.55 ? 314 HOH A O   1 
HETATM 1411 O O   . HOH B 2 .   ? 11.873  12.046  2.172   1.00 15.74 ? 315 HOH A O   1 
HETATM 1412 O O   . HOH B 2 .   ? 3.461   -17.565 -1.090  1.00 17.69 ? 316 HOH A O   1 
HETATM 1413 O O   . HOH B 2 .   ? 15.587  6.820   -0.475  1.00 12.30 ? 317 HOH A O   1 
HETATM 1414 O O   . HOH B 2 .   ? -17.452 -10.669 -11.343 1.00 25.48 ? 318 HOH A O   1 
HETATM 1415 O O   . HOH B 2 .   ? 15.053  16.194  5.736   1.00 20.80 ? 319 HOH A O   1 
HETATM 1416 O O   . HOH B 2 .   ? 2.424   14.906  16.105  1.00 29.85 ? 320 HOH A O   1 
HETATM 1417 O O   . HOH B 2 .   ? 1.882   -16.483 -6.049  1.00 20.58 ? 321 HOH A O   1 
HETATM 1418 O O   . HOH B 2 .   ? -12.370 8.781   5.904   1.00 17.44 ? 322 HOH A O   1 
HETATM 1419 O O   . HOH B 2 .   ? 19.270  5.618   7.367   1.00 36.64 ? 323 HOH A O   1 
HETATM 1420 O O   . HOH B 2 .   ? -3.726  3.845   16.056  1.00 29.26 ? 324 HOH A O   1 
HETATM 1421 O O   . HOH B 2 .   ? -19.660 -1.833  0.286   1.00 39.53 ? 325 HOH A O   1 
HETATM 1422 O O   . HOH B 2 .   ? -10.382 3.875   -9.561  1.00 25.83 ? 326 HOH A O   1 
HETATM 1423 O O   . HOH B 2 .   ? 7.888   -19.693 -5.355  1.00 19.43 ? 327 HOH A O   1 
HETATM 1424 O O   . HOH B 2 .   ? 3.684   -15.260 -7.882  1.00 18.26 ? 328 HOH A O   1 
HETATM 1425 O O   . HOH B 2 .   ? 5.209   14.737  3.106   1.00 15.41 ? 330 HOH A O   1 
HETATM 1426 O O   . HOH B 2 .   ? 3.962   3.995   -14.374 1.00 20.57 ? 331 HOH A O   1 
HETATM 1427 O O   . HOH B 2 .   ? -11.564 -14.686 -9.175  1.00 19.12 ? 332 HOH A O   1 
HETATM 1428 O O   . HOH B 2 .   ? -14.354 0.917   -9.173  1.00 26.58 ? 333 HOH A O   1 
HETATM 1429 O O   . HOH B 2 .   ? 5.998   22.346  11.003  1.00 15.23 ? 334 HOH A O   1 
HETATM 1430 O O   . HOH B 2 .   ? -4.996  4.316   -14.508 1.00 17.03 ? 335 HOH A O   1 
HETATM 1431 O O   . HOH B 2 .   ? -13.776 -6.452  -14.293 1.00 16.13 ? 336 HOH A O   1 
HETATM 1432 O O   . HOH B 2 .   ? -12.243 5.652   -9.960  1.00 32.86 ? 337 HOH A O   1 
HETATM 1433 O O   . HOH B 2 .   ? 10.016  11.304  0.307   1.00 23.59 ? 338 HOH A O   1 
# 
loop_
_pdbx_poly_seq_scheme.asym_id 
_pdbx_poly_seq_scheme.entity_id 
_pdbx_poly_seq_scheme.seq_id 
_pdbx_poly_seq_scheme.mon_id 
_pdbx_poly_seq_scheme.ndb_seq_num 
_pdbx_poly_seq_scheme.pdb_seq_num 
_pdbx_poly_seq_scheme.auth_seq_num 
_pdbx_poly_seq_scheme.pdb_mon_id 
_pdbx_poly_seq_scheme.auth_mon_id 
_pdbx_poly_seq_scheme.pdb_strand_id 
_pdbx_poly_seq_scheme.pdb_ins_code 
_pdbx_poly_seq_scheme.hetero 
A 1 1   GLY 1   -1  -1  GLY GLY A . n 
A 1 2   SER 2   0   0   SER SER A . n 
A 1 3   VAL 3   1   1   VAL VAL A . n 
A 1 4   LEU 4   2   2   LEU LEU A . n 
A 1 5   ASP 5   3   3   ASP ASP A . n 
A 1 6   GLY 6   4   4   GLY GLY A . n 
A 1 7   PRO 7   5   5   PRO PRO A . n 
A 1 8   TYR 8   6   6   TYR TYR A . n 
A 1 9   GLN 9   7   7   GLN GLN A . n 
A 1 10  PRO 10  8   8   PRO PRO A . n 
A 1 11  THR 11  9   9   THR THR A . n 
A 1 12  THR 12  10  10  THR THR A . n 
A 1 13  PHE 13  11  11  PHE PHE A . n 
A 1 14  LYS 14  12  12  LYS LYS A . n 
A 1 15  PRO 15  13  13  PRO PRO A . n 
A 1 16  PRO 16  14  14  PRO PRO A . n 
A 1 17  ASN 17  15  15  ASN ASN A . n 
A 1 18  ASP 18  16  16  ASP ASP A . n 
A 1 19  TYR 19  17  17  TYR TYR A . n 
A 1 20  TRP 20  18  18  TRP TRP A . n 
A 1 21  LEU 21  19  19  LEU LEU A . n 
A 1 22  LEU 22  20  20  LEU LEU A . n 
A 1 23  ILE 23  21  21  ILE ILE A . n 
A 1 24  SER 24  22  22  SER SER A . n 
A 1 25  SER 25  23  23  SER SER A . n 
A 1 26  ASN 26  24  24  ASN ASN A . n 
A 1 27  THR 27  25  25  THR THR A . n 
A 1 28  ASP 28  26  26  ASP ASP A . n 
A 1 29  GLY 29  27  27  GLY GLY A . n 
A 1 30  VAL 30  28  28  VAL VAL A . n 
A 1 31  VAL 31  29  29  VAL VAL A . n 
A 1 32  TYR 32  30  30  TYR TYR A . n 
A 1 33  GLU 33  31  31  GLU GLU A . n 
A 1 34  SER 34  32  32  SER SER A . n 
A 1 35  THR 35  33  33  THR THR A . n 
A 1 36  ASN 36  34  34  ASN ASN A . n 
A 1 37  ASN 37  35  35  ASN ASN A . n 
A 1 38  SER 38  36  36  SER SER A . n 
A 1 39  ASP 39  37  37  ASP ASP A . n 
A 1 40  PHE 40  38  38  PHE PHE A . n 
A 1 41  TRP 41  39  39  TRP TRP A . n 
A 1 42  THR 42  40  40  THR THR A . n 
A 1 43  ALA 43  41  41  ALA ALA A . n 
A 1 44  VAL 44  42  42  VAL VAL A . n 
A 1 45  ILE 45  43  43  ILE ILE A . n 
A 1 46  ALA 46  44  44  ALA ALA A . n 
A 1 47  VAL 47  45  45  VAL VAL A . n 
A 1 48  GLU 48  46  46  GLU GLU A . n 
A 1 49  PRO 49  47  47  PRO PRO A . n 
A 1 50  HIS 50  48  48  HIS HIS A . n 
A 1 51  VAL 51  49  49  VAL VAL A . n 
A 1 52  SER 52  50  50  SER SER A . n 
A 1 53  GLN 53  51  51  GLN GLN A . n 
A 1 54  THR 54  52  52  THR THR A . n 
A 1 55  ASN 55  53  53  ASN ASN A . n 
A 1 56  ARG 56  54  54  ARG ARG A . n 
A 1 57  GLN 57  55  55  GLN GLN A . n 
A 1 58  TYR 58  56  56  TYR TYR A . n 
A 1 59  VAL 59  57  57  VAL VAL A . n 
A 1 60  LEU 60  58  58  LEU LEU A . n 
A 1 61  PHE 61  59  59  PHE PHE A . n 
A 1 62  GLY 62  60  60  GLY GLY A . n 
A 1 63  GLU 63  61  61  GLU GLU A . n 
A 1 64  ASN 64  62  62  ASN ASN A . n 
A 1 65  LYS 65  63  63  LYS LYS A . n 
A 1 66  GLN 66  64  64  GLN GLN A . n 
A 1 67  PHE 67  65  65  PHE PHE A . n 
A 1 68  ASN 68  66  66  ASN ASN A . n 
A 1 69  VAL 69  67  67  VAL VAL A . n 
A 1 70  GLU 70  68  68  GLU GLU A . n 
A 1 71  ASN 71  69  69  ASN ASN A . n 
A 1 72  ASN 72  70  70  ASN ASN A . n 
A 1 73  SER 73  71  71  SER SER A . n 
A 1 74  ASP 74  72  72  ASP ASP A . n 
A 1 75  LYS 75  73  73  LYS LYS A . n 
A 1 76  TRP 76  74  74  TRP TRP A . n 
A 1 77  LYS 77  75  75  LYS LYS A . n 
A 1 78  PHE 78  76  76  PHE PHE A . n 
A 1 79  PHE 79  77  77  PHE PHE A . n 
A 1 80  GLU 80  78  78  GLU GLU A . n 
A 1 81  MET 81  79  79  MET MET A . n 
A 1 82  PHE 82  80  80  PHE PHE A . n 
A 1 83  LYS 83  81  81  LYS LYS A . n 
A 1 84  GLY 84  82  82  GLY GLY A . n 
A 1 85  SER 85  83  83  SER SER A . n 
A 1 86  GLY 86  84  84  GLY GLY A . n 
A 1 87  GLN 87  85  85  GLN GLN A . n 
A 1 88  SER 88  86  86  SER SER A . n 
A 1 89  ASP 89  87  87  ASP ASP A . n 
A 1 90  PHE 90  88  88  PHE PHE A . n 
A 1 91  SER 91  89  89  SER SER A . n 
A 1 92  ASN 92  90  90  ASN ASN A . n 
A 1 93  ARG 93  91  91  ARG ARG A . n 
A 1 94  ARG 94  92  92  ARG ARG A . n 
A 1 95  THR 95  93  93  THR THR A . n 
A 1 96  LEU 96  94  94  LEU LEU A . n 
A 1 97  THR 97  95  95  THR THR A . n 
A 1 98  SER 98  96  96  SER SER A . n 
A 1 99  ASN 99  97  97  ASN ASN A . n 
A 1 100 ASN 100 98  98  ASN ASN A . n 
A 1 101 ARG 101 99  99  ARG ARG A . n 
A 1 102 LEU 102 100 100 LEU LEU A . n 
A 1 103 VAL 103 101 101 VAL VAL A . n 
A 1 104 GLY 104 102 102 GLY GLY A . n 
A 1 105 MET 105 103 103 MET MET A . n 
A 1 106 LEU 106 104 104 LEU LEU A . n 
A 1 107 LYS 107 105 105 LYS LYS A . n 
A 1 108 TYR 108 106 106 TYR TYR A . n 
A 1 109 GLY 109 107 107 GLY GLY A . n 
A 1 110 GLY 110 108 108 GLY GLY A . n 
A 1 111 ARG 111 109 109 ARG ARG A . n 
A 1 112 VAL 112 110 110 VAL VAL A . n 
A 1 113 TRP 113 111 111 TRP TRP A . n 
A 1 114 THR 114 112 112 THR THR A . n 
A 1 115 PHE 115 113 113 PHE PHE A . n 
A 1 116 HIS 116 114 114 HIS HIS A . n 
A 1 117 GLY 117 115 115 GLY GLY A . n 
A 1 118 GLU 118 116 116 GLU GLU A . n 
A 1 119 THR 119 117 117 THR THR A . n 
A 1 120 PRO 120 118 118 PRO PRO A . n 
A 1 121 ARG 121 119 119 ARG ARG A . n 
A 1 122 ALA 122 120 120 ALA ALA A . n 
A 1 123 THR 123 121 121 THR THR A . n 
A 1 124 THR 124 122 122 THR THR A . n 
A 1 125 ASP 125 123 123 ASP ASP A . n 
A 1 126 SER 126 124 124 SER SER A . n 
A 1 127 SER 127 125 125 SER SER A . n 
A 1 128 ASN 128 126 126 ASN ASN A . n 
A 1 129 THR 129 127 127 THR THR A . n 
A 1 130 ALA 130 128 128 ALA ALA A . n 
A 1 131 ASP 131 129 129 ASP ASP A . n 
A 1 132 LEU 132 130 130 LEU LEU A . n 
A 1 133 ASN 133 131 131 ASN ASN A . n 
A 1 134 ASN 134 132 132 ASN ASN A . n 
A 1 135 ILE 135 133 133 ILE ILE A . n 
A 1 136 SER 136 134 134 SER SER A . n 
A 1 137 ILE 137 135 135 ILE ILE A . n 
A 1 138 ILE 138 136 136 ILE ILE A . n 
A 1 139 ILE 139 137 137 ILE ILE A . n 
A 1 140 HIS 140 138 138 HIS HIS A . n 
A 1 141 SER 141 139 139 SER SER A . n 
A 1 142 GLU 142 140 140 GLU GLU A . n 
A 1 143 PHE 143 141 141 PHE PHE A . n 
A 1 144 TYR 144 142 142 TYR TYR A . n 
A 1 145 ILE 145 143 143 ILE ILE A . n 
A 1 146 ILE 146 144 144 ILE ILE A . n 
A 1 147 PRO 147 145 145 PRO PRO A . n 
A 1 148 ARG 148 146 146 ARG ARG A . n 
A 1 149 SER 149 147 147 SER SER A . n 
A 1 150 GLN 150 148 148 GLN GLN A . n 
A 1 151 GLU 151 149 149 GLU GLU A . n 
A 1 152 SER 152 150 150 SER SER A . n 
A 1 153 LYS 153 151 151 LYS LYS A . n 
A 1 154 CYS 154 152 152 CYS CYS A . n 
A 1 155 ASN 155 153 153 ASN ASN A . n 
A 1 156 GLU 156 154 154 GLU GLU A . n 
A 1 157 TYR 157 155 155 TYR TYR A . n 
A 1 158 ILE 158 156 156 ILE ILE A . n 
A 1 159 ASN 159 157 157 ASN ASN A . n 
A 1 160 ASN 160 158 158 ASN ASN A . n 
A 1 161 GLY 161 159 159 GLY GLY A . n 
A 1 162 LEU 162 160 ?   ?   ?   A . n 
# 
loop_
_pdbx_nonpoly_scheme.asym_id 
_pdbx_nonpoly_scheme.entity_id 
_pdbx_nonpoly_scheme.mon_id 
_pdbx_nonpoly_scheme.ndb_seq_num 
_pdbx_nonpoly_scheme.pdb_seq_num 
_pdbx_nonpoly_scheme.auth_seq_num 
_pdbx_nonpoly_scheme.pdb_mon_id 
_pdbx_nonpoly_scheme.auth_mon_id 
_pdbx_nonpoly_scheme.pdb_strand_id 
_pdbx_nonpoly_scheme.pdb_ins_code 
B 2 HOH 1   201 130 HOH HOH A . 
B 2 HOH 2   202 120 HOH HOH A . 
B 2 HOH 3   203 112 HOH HOH A . 
B 2 HOH 4   204 33  HOH HOH A . 
B 2 HOH 5   205 136 HOH HOH A . 
B 2 HOH 6   206 45  HOH HOH A . 
B 2 HOH 7   207 26  HOH HOH A . 
B 2 HOH 8   208 126 HOH HOH A . 
B 2 HOH 9   209 125 HOH HOH A . 
B 2 HOH 10  210 63  HOH HOH A . 
B 2 HOH 11  211 138 HOH HOH A . 
B 2 HOH 12  212 98  HOH HOH A . 
B 2 HOH 13  213 1   HOH HOH A . 
B 2 HOH 14  214 83  HOH HOH A . 
B 2 HOH 15  215 88  HOH HOH A . 
B 2 HOH 16  216 11  HOH HOH A . 
B 2 HOH 17  217 6   HOH HOH A . 
B 2 HOH 18  218 101 HOH HOH A . 
B 2 HOH 19  219 113 HOH HOH A . 
B 2 HOH 20  220 67  HOH HOH A . 
B 2 HOH 21  221 99  HOH HOH A . 
B 2 HOH 22  222 137 HOH HOH A . 
B 2 HOH 23  223 92  HOH HOH A . 
B 2 HOH 24  224 62  HOH HOH A . 
B 2 HOH 25  225 41  HOH HOH A . 
B 2 HOH 26  226 78  HOH HOH A . 
B 2 HOH 27  227 31  HOH HOH A . 
B 2 HOH 28  228 86  HOH HOH A . 
B 2 HOH 29  229 12  HOH HOH A . 
B 2 HOH 30  230 89  HOH HOH A . 
B 2 HOH 31  231 2   HOH HOH A . 
B 2 HOH 32  232 91  HOH HOH A . 
B 2 HOH 33  233 109 HOH HOH A . 
B 2 HOH 34  234 4   HOH HOH A . 
B 2 HOH 35  235 57  HOH HOH A . 
B 2 HOH 36  236 15  HOH HOH A . 
B 2 HOH 37  237 74  HOH HOH A . 
B 2 HOH 38  238 131 HOH HOH A . 
B 2 HOH 39  239 107 HOH HOH A . 
B 2 HOH 40  240 40  HOH HOH A . 
B 2 HOH 41  241 85  HOH HOH A . 
B 2 HOH 42  242 23  HOH HOH A . 
B 2 HOH 43  243 7   HOH HOH A . 
B 2 HOH 44  244 82  HOH HOH A . 
B 2 HOH 45  245 49  HOH HOH A . 
B 2 HOH 46  246 60  HOH HOH A . 
B 2 HOH 47  247 27  HOH HOH A . 
B 2 HOH 48  248 64  HOH HOH A . 
B 2 HOH 49  249 21  HOH HOH A . 
B 2 HOH 50  250 134 HOH HOH A . 
B 2 HOH 51  251 133 HOH HOH A . 
B 2 HOH 52  252 72  HOH HOH A . 
B 2 HOH 53  253 115 HOH HOH A . 
B 2 HOH 54  254 128 HOH HOH A . 
B 2 HOH 55  255 93  HOH HOH A . 
B 2 HOH 56  256 75  HOH HOH A . 
B 2 HOH 57  257 121 HOH HOH A . 
B 2 HOH 58  258 18  HOH HOH A . 
B 2 HOH 59  259 61  HOH HOH A . 
B 2 HOH 60  260 81  HOH HOH A . 
B 2 HOH 61  261 10  HOH HOH A . 
B 2 HOH 62  262 51  HOH HOH A . 
B 2 HOH 63  263 73  HOH HOH A . 
B 2 HOH 64  264 66  HOH HOH A . 
B 2 HOH 65  265 111 HOH HOH A . 
B 2 HOH 66  266 39  HOH HOH A . 
B 2 HOH 67  267 122 HOH HOH A . 
B 2 HOH 68  268 100 HOH HOH A . 
B 2 HOH 69  269 80  HOH HOH A . 
B 2 HOH 70  270 77  HOH HOH A . 
B 2 HOH 71  271 22  HOH HOH A . 
B 2 HOH 72  272 135 HOH HOH A . 
B 2 HOH 73  274 38  HOH HOH A . 
B 2 HOH 74  275 14  HOH HOH A . 
B 2 HOH 75  276 84  HOH HOH A . 
B 2 HOH 76  277 17  HOH HOH A . 
B 2 HOH 77  278 46  HOH HOH A . 
B 2 HOH 78  279 42  HOH HOH A . 
B 2 HOH 79  280 35  HOH HOH A . 
B 2 HOH 80  281 28  HOH HOH A . 
B 2 HOH 81  282 24  HOH HOH A . 
B 2 HOH 82  283 68  HOH HOH A . 
B 2 HOH 83  284 76  HOH HOH A . 
B 2 HOH 84  285 119 HOH HOH A . 
B 2 HOH 85  286 55  HOH HOH A . 
B 2 HOH 86  287 50  HOH HOH A . 
B 2 HOH 87  288 25  HOH HOH A . 
B 2 HOH 88  289 16  HOH HOH A . 
B 2 HOH 89  290 54  HOH HOH A . 
B 2 HOH 90  291 79  HOH HOH A . 
B 2 HOH 91  292 132 HOH HOH A . 
B 2 HOH 92  293 58  HOH HOH A . 
B 2 HOH 93  294 48  HOH HOH A . 
B 2 HOH 94  295 69  HOH HOH A . 
B 2 HOH 95  296 56  HOH HOH A . 
B 2 HOH 96  297 59  HOH HOH A . 
B 2 HOH 97  298 127 HOH HOH A . 
B 2 HOH 98  299 36  HOH HOH A . 
B 2 HOH 99  300 43  HOH HOH A . 
B 2 HOH 100 301 123 HOH HOH A . 
B 2 HOH 101 302 52  HOH HOH A . 
B 2 HOH 102 303 3   HOH HOH A . 
B 2 HOH 103 304 65  HOH HOH A . 
B 2 HOH 104 305 29  HOH HOH A . 
B 2 HOH 105 306 19  HOH HOH A . 
B 2 HOH 106 307 90  HOH HOH A . 
B 2 HOH 107 308 44  HOH HOH A . 
B 2 HOH 108 309 95  HOH HOH A . 
B 2 HOH 109 310 129 HOH HOH A . 
B 2 HOH 110 311 124 HOH HOH A . 
B 2 HOH 111 312 37  HOH HOH A . 
B 2 HOH 112 313 9   HOH HOH A . 
B 2 HOH 113 314 47  HOH HOH A . 
B 2 HOH 114 315 20  HOH HOH A . 
B 2 HOH 115 316 30  HOH HOH A . 
B 2 HOH 116 317 5   HOH HOH A . 
B 2 HOH 117 318 110 HOH HOH A . 
B 2 HOH 118 319 118 HOH HOH A . 
B 2 HOH 119 320 117 HOH HOH A . 
B 2 HOH 120 321 114 HOH HOH A . 
B 2 HOH 121 322 13  HOH HOH A . 
B 2 HOH 122 323 8   HOH HOH A . 
B 2 HOH 123 324 87  HOH HOH A . 
B 2 HOH 124 325 96  HOH HOH A . 
B 2 HOH 125 326 94  HOH HOH A . 
B 2 HOH 126 327 108 HOH HOH A . 
B 2 HOH 127 328 97  HOH HOH A . 
B 2 HOH 128 330 32  HOH HOH A . 
B 2 HOH 129 331 53  HOH HOH A . 
B 2 HOH 130 332 103 HOH HOH A . 
B 2 HOH 131 333 106 HOH HOH A . 
B 2 HOH 132 334 70  HOH HOH A . 
B 2 HOH 133 335 71  HOH HOH A . 
B 2 HOH 134 336 104 HOH HOH A . 
B 2 HOH 135 337 105 HOH HOH A . 
B 2 HOH 136 338 34  HOH HOH A . 
# 
_pdbx_struct_assembly.id                   1 
_pdbx_struct_assembly.details              author_and_software_defined_assembly 
_pdbx_struct_assembly.method_details       PISA 
_pdbx_struct_assembly.oligomeric_details   monomeric 
_pdbx_struct_assembly.oligomeric_count     1 
# 
_pdbx_struct_assembly_gen.assembly_id       1 
_pdbx_struct_assembly_gen.oper_expression   1 
_pdbx_struct_assembly_gen.asym_id_list      A,B 
# 
loop_
_pdbx_struct_assembly_prop.biol_id 
_pdbx_struct_assembly_prop.type 
_pdbx_struct_assembly_prop.value 
_pdbx_struct_assembly_prop.details 
1 'ABSA (A^2)' 0    ? 
1 MORE         0    ? 
1 'SSA (A^2)'  7670 ? 
# 
_pdbx_struct_oper_list.id                   1 
_pdbx_struct_oper_list.type                 'identity operation' 
_pdbx_struct_oper_list.name                 1_555 
_pdbx_struct_oper_list.symmetry_operation   x,y,z 
_pdbx_struct_oper_list.matrix[1][1]         1.0000000000 
_pdbx_struct_oper_list.matrix[1][2]         0.0000000000 
_pdbx_struct_oper_list.matrix[1][3]         0.0000000000 
_pdbx_struct_oper_list.vector[1]            0.0000000000 
_pdbx_struct_oper_list.matrix[2][1]         0.0000000000 
_pdbx_struct_oper_list.matrix[2][2]         1.0000000000 
_pdbx_struct_oper_list.matrix[2][3]         0.0000000000 
_pdbx_struct_oper_list.vector[2]            0.0000000000 
_pdbx_struct_oper_list.matrix[3][1]         0.0000000000 
_pdbx_struct_oper_list.matrix[3][2]         0.0000000000 
_pdbx_struct_oper_list.matrix[3][3]         1.0000000000 
_pdbx_struct_oper_list.vector[3]            0.0000000000 
# 
loop_
_pdbx_audit_revision_history.ordinal 
_pdbx_audit_revision_history.data_content_type 
_pdbx_audit_revision_history.major_revision 
_pdbx_audit_revision_history.minor_revision 
_pdbx_audit_revision_history.revision_date 
1 'Structure model' 1 0 2020-11-04 
2 'Structure model' 1 1 2021-09-22 
3 'Structure model' 1 2 2023-10-11 
# 
_pdbx_audit_revision_details.ordinal             1 
_pdbx_audit_revision_details.revision_ordinal    1 
_pdbx_audit_revision_details.data_content_type   'Structure model' 
_pdbx_audit_revision_details.provider            repository 
_pdbx_audit_revision_details.type                'Initial release' 
_pdbx_audit_revision_details.description         ? 
_pdbx_audit_revision_details.details             ? 
# 
loop_
_pdbx_audit_revision_group.ordinal 
_pdbx_audit_revision_group.revision_ordinal 
_pdbx_audit_revision_group.data_content_type 
_pdbx_audit_revision_group.group 
1 2 'Structure model' 'Database references'    
2 3 'Structure model' 'Data collection'        
3 3 'Structure model' 'Refinement description' 
# 
loop_
_pdbx_audit_revision_category.ordinal 
_pdbx_audit_revision_category.revision_ordinal 
_pdbx_audit_revision_category.data_content_type 
_pdbx_audit_revision_category.category 
1 2 'Structure model' citation                      
2 2 'Structure model' citation_author               
3 2 'Structure model' database_2                    
4 3 'Structure model' chem_comp_atom                
5 3 'Structure model' chem_comp_bond                
6 3 'Structure model' pdbx_initial_refinement_model 
# 
loop_
_pdbx_audit_revision_item.ordinal 
_pdbx_audit_revision_item.revision_ordinal 
_pdbx_audit_revision_item.data_content_type 
_pdbx_audit_revision_item.item 
1  2 'Structure model' '_citation.country'                   
2  2 'Structure model' '_citation.journal_abbrev'            
3  2 'Structure model' '_citation.journal_id_ASTM'           
4  2 'Structure model' '_citation.journal_id_CSD'            
5  2 'Structure model' '_citation.journal_id_ISSN'           
6  2 'Structure model' '_citation.journal_volume'            
7  2 'Structure model' '_citation.pdbx_database_id_DOI'      
8  2 'Structure model' '_citation.pdbx_database_id_PubMed'   
9  2 'Structure model' '_citation.title'                     
10 2 'Structure model' '_citation.year'                      
11 2 'Structure model' '_database_2.pdbx_DOI'                
12 2 'Structure model' '_database_2.pdbx_database_accession' 
# 
loop_
_software.citation_id 
_software.classification 
_software.compiler_name 
_software.compiler_version 
_software.contact_author 
_software.contact_author_email 
_software.date 
_software.description 
_software.dependencies 
_software.hardware 
_software.language 
_software.location 
_software.mods 
_software.name 
_software.os 
_software.os_version 
_software.type 
_software.version 
_software.pdbx_ordinal 
? 'data scaling'    ? ? ? ? ? ? ? ? ? ? ? Aimless     ? ? ? 0.7.1    1 
? refinement        ? ? ? ? ? ? ? ? ? ? ? REFMAC      ? ? ? 5.8.0257 2 
? 'data extraction' ? ? ? ? ? ? ? ? ? ? ? PDB_EXTRACT ? ? ? 3.25     3 
? 'data reduction'  ? ? ? ? ? ? ? ? ? ? ? iMOSFLM     ? ? ? .        4 
? phasing           ? ? ? ? ? ? ? ? ? ? ? PHASER      ? ? ? .        5 
# 
_pdbx_validate_close_contact.id               1 
_pdbx_validate_close_contact.PDB_model_num    1 
_pdbx_validate_close_contact.auth_atom_id_1   O 
_pdbx_validate_close_contact.auth_asym_id_1   A 
_pdbx_validate_close_contact.auth_comp_id_1   HOH 
_pdbx_validate_close_contact.auth_seq_id_1    203 
_pdbx_validate_close_contact.PDB_ins_code_1   ? 
_pdbx_validate_close_contact.label_alt_id_1   ? 
_pdbx_validate_close_contact.auth_atom_id_2   O 
_pdbx_validate_close_contact.auth_asym_id_2   A 
_pdbx_validate_close_contact.auth_comp_id_2   HOH 
_pdbx_validate_close_contact.auth_seq_id_2    233 
_pdbx_validate_close_contact.PDB_ins_code_2   ? 
_pdbx_validate_close_contact.label_alt_id_2   ? 
_pdbx_validate_close_contact.dist             1.99 
# 
_pdbx_validate_symm_contact.id                1 
_pdbx_validate_symm_contact.PDB_model_num     1 
_pdbx_validate_symm_contact.auth_atom_id_1    O 
_pdbx_validate_symm_contact.auth_asym_id_1    A 
_pdbx_validate_symm_contact.auth_comp_id_1    HOH 
_pdbx_validate_symm_contact.auth_seq_id_1     254 
_pdbx_validate_symm_contact.PDB_ins_code_1    ? 
_pdbx_validate_symm_contact.label_alt_id_1    ? 
_pdbx_validate_symm_contact.site_symmetry_1   1_555 
_pdbx_validate_symm_contact.auth_atom_id_2    O 
_pdbx_validate_symm_contact.auth_asym_id_2    A 
_pdbx_validate_symm_contact.auth_comp_id_2    HOH 
_pdbx_validate_symm_contact.auth_seq_id_2     318 
_pdbx_validate_symm_contact.PDB_ins_code_2    ? 
_pdbx_validate_symm_contact.label_alt_id_2    ? 
_pdbx_validate_symm_contact.site_symmetry_2   2_646 
_pdbx_validate_symm_contact.dist              1.59 
# 
_pdbx_validate_rmsd_bond.id                        1 
_pdbx_validate_rmsd_bond.PDB_model_num             1 
_pdbx_validate_rmsd_bond.auth_atom_id_1            CD 
_pdbx_validate_rmsd_bond.auth_asym_id_1            A 
_pdbx_validate_rmsd_bond.auth_comp_id_1            GLU 
_pdbx_validate_rmsd_bond.auth_seq_id_1             78 
_pdbx_validate_rmsd_bond.PDB_ins_code_1            ? 
_pdbx_validate_rmsd_bond.label_alt_id_1            ? 
_pdbx_validate_rmsd_bond.auth_atom_id_2            OE1 
_pdbx_validate_rmsd_bond.auth_asym_id_2            A 
_pdbx_validate_rmsd_bond.auth_comp_id_2            GLU 
_pdbx_validate_rmsd_bond.auth_seq_id_2             78 
_pdbx_validate_rmsd_bond.PDB_ins_code_2            ? 
_pdbx_validate_rmsd_bond.label_alt_id_2            ? 
_pdbx_validate_rmsd_bond.bond_value                1.324 
_pdbx_validate_rmsd_bond.bond_target_value         1.252 
_pdbx_validate_rmsd_bond.bond_deviation            0.072 
_pdbx_validate_rmsd_bond.bond_standard_deviation   0.011 
_pdbx_validate_rmsd_bond.linker_flag               N 
# 
_pdbx_validate_rmsd_angle.id                         1 
_pdbx_validate_rmsd_angle.PDB_model_num              1 
_pdbx_validate_rmsd_angle.auth_atom_id_1             CG 
_pdbx_validate_rmsd_angle.auth_asym_id_1             A 
_pdbx_validate_rmsd_angle.auth_comp_id_1             MET 
_pdbx_validate_rmsd_angle.auth_seq_id_1              103 
_pdbx_validate_rmsd_angle.PDB_ins_code_1             ? 
_pdbx_validate_rmsd_angle.label_alt_id_1             ? 
_pdbx_validate_rmsd_angle.auth_atom_id_2             SD 
_pdbx_validate_rmsd_angle.auth_asym_id_2             A 
_pdbx_validate_rmsd_angle.auth_comp_id_2             MET 
_pdbx_validate_rmsd_angle.auth_seq_id_2              103 
_pdbx_validate_rmsd_angle.PDB_ins_code_2             ? 
_pdbx_validate_rmsd_angle.label_alt_id_2             ? 
_pdbx_validate_rmsd_angle.auth_atom_id_3             CE 
_pdbx_validate_rmsd_angle.auth_asym_id_3             A 
_pdbx_validate_rmsd_angle.auth_comp_id_3             MET 
_pdbx_validate_rmsd_angle.auth_seq_id_3              103 
_pdbx_validate_rmsd_angle.PDB_ins_code_3             ? 
_pdbx_validate_rmsd_angle.label_alt_id_3             ? 
_pdbx_validate_rmsd_angle.angle_value                111.67 
_pdbx_validate_rmsd_angle.angle_target_value         100.20 
_pdbx_validate_rmsd_angle.angle_deviation            11.47 
_pdbx_validate_rmsd_angle.angle_standard_deviation   1.60 
_pdbx_validate_rmsd_angle.linker_flag                N 
# 
_pdbx_validate_torsion.id              1 
_pdbx_validate_torsion.PDB_model_num   1 
_pdbx_validate_torsion.auth_comp_id    SER 
_pdbx_validate_torsion.auth_asym_id    A 
_pdbx_validate_torsion.auth_seq_id     36 
_pdbx_validate_torsion.PDB_ins_code    ? 
_pdbx_validate_torsion.label_alt_id    ? 
_pdbx_validate_torsion.phi             -133.92 
_pdbx_validate_torsion.psi             -64.66 
# 
_pdbx_unobs_or_zero_occ_residues.id               1 
_pdbx_unobs_or_zero_occ_residues.PDB_model_num    1 
_pdbx_unobs_or_zero_occ_residues.polymer_flag     Y 
_pdbx_unobs_or_zero_occ_residues.occupancy_flag   1 
_pdbx_unobs_or_zero_occ_residues.auth_asym_id     A 
_pdbx_unobs_or_zero_occ_residues.auth_comp_id     LEU 
_pdbx_unobs_or_zero_occ_residues.auth_seq_id      160 
_pdbx_unobs_or_zero_occ_residues.PDB_ins_code     ? 
_pdbx_unobs_or_zero_occ_residues.label_asym_id    A 
_pdbx_unobs_or_zero_occ_residues.label_comp_id    LEU 
_pdbx_unobs_or_zero_occ_residues.label_seq_id     162 
# 
loop_
_chem_comp_atom.comp_id 
_chem_comp_atom.atom_id 
_chem_comp_atom.type_symbol 
_chem_comp_atom.pdbx_aromatic_flag 
_chem_comp_atom.pdbx_stereo_config 
_chem_comp_atom.pdbx_ordinal 
ALA N    N N N 1   
ALA CA   C N S 2   
ALA C    C N N 3   
ALA O    O N N 4   
ALA CB   C N N 5   
ALA OXT  O N N 6   
ALA H    H N N 7   
ALA H2   H N N 8   
ALA HA   H N N 9   
ALA HB1  H N N 10  
ALA HB2  H N N 11  
ALA HB3  H N N 12  
ALA HXT  H N N 13  
ARG N    N N N 14  
ARG CA   C N S 15  
ARG C    C N N 16  
ARG O    O N N 17  
ARG CB   C N N 18  
ARG CG   C N N 19  
ARG CD   C N N 20  
ARG NE   N N N 21  
ARG CZ   C N N 22  
ARG NH1  N N N 23  
ARG NH2  N N N 24  
ARG OXT  O N N 25  
ARG H    H N N 26  
ARG H2   H N N 27  
ARG HA   H N N 28  
ARG HB2  H N N 29  
ARG HB3  H N N 30  
ARG HG2  H N N 31  
ARG HG3  H N N 32  
ARG HD2  H N N 33  
ARG HD3  H N N 34  
ARG HE   H N N 35  
ARG HH11 H N N 36  
ARG HH12 H N N 37  
ARG HH21 H N N 38  
ARG HH22 H N N 39  
ARG HXT  H N N 40  
ASN N    N N N 41  
ASN CA   C N S 42  
ASN C    C N N 43  
ASN O    O N N 44  
ASN CB   C N N 45  
ASN CG   C N N 46  
ASN OD1  O N N 47  
ASN ND2  N N N 48  
ASN OXT  O N N 49  
ASN H    H N N 50  
ASN H2   H N N 51  
ASN HA   H N N 52  
ASN HB2  H N N 53  
ASN HB3  H N N 54  
ASN HD21 H N N 55  
ASN HD22 H N N 56  
ASN HXT  H N N 57  
ASP N    N N N 58  
ASP CA   C N S 59  
ASP C    C N N 60  
ASP O    O N N 61  
ASP CB   C N N 62  
ASP CG   C N N 63  
ASP OD1  O N N 64  
ASP OD2  O N N 65  
ASP OXT  O N N 66  
ASP H    H N N 67  
ASP H2   H N N 68  
ASP HA   H N N 69  
ASP HB2  H N N 70  
ASP HB3  H N N 71  
ASP HD2  H N N 72  
ASP HXT  H N N 73  
CYS N    N N N 74  
CYS CA   C N R 75  
CYS C    C N N 76  
CYS O    O N N 77  
CYS CB   C N N 78  
CYS SG   S N N 79  
CYS OXT  O N N 80  
CYS H    H N N 81  
CYS H2   H N N 82  
CYS HA   H N N 83  
CYS HB2  H N N 84  
CYS HB3  H N N 85  
CYS HG   H N N 86  
CYS HXT  H N N 87  
GLN N    N N N 88  
GLN CA   C N S 89  
GLN C    C N N 90  
GLN O    O N N 91  
GLN CB   C N N 92  
GLN CG   C N N 93  
GLN CD   C N N 94  
GLN OE1  O N N 95  
GLN NE2  N N N 96  
GLN OXT  O N N 97  
GLN H    H N N 98  
GLN H2   H N N 99  
GLN HA   H N N 100 
GLN HB2  H N N 101 
GLN HB3  H N N 102 
GLN HG2  H N N 103 
GLN HG3  H N N 104 
GLN HE21 H N N 105 
GLN HE22 H N N 106 
GLN HXT  H N N 107 
GLU N    N N N 108 
GLU CA   C N S 109 
GLU C    C N N 110 
GLU O    O N N 111 
GLU CB   C N N 112 
GLU CG   C N N 113 
GLU CD   C N N 114 
GLU OE1  O N N 115 
GLU OE2  O N N 116 
GLU OXT  O N N 117 
GLU H    H N N 118 
GLU H2   H N N 119 
GLU HA   H N N 120 
GLU HB2  H N N 121 
GLU HB3  H N N 122 
GLU HG2  H N N 123 
GLU HG3  H N N 124 
GLU HE2  H N N 125 
GLU HXT  H N N 126 
GLY N    N N N 127 
GLY CA   C N N 128 
GLY C    C N N 129 
GLY O    O N N 130 
GLY OXT  O N N 131 
GLY H    H N N 132 
GLY H2   H N N 133 
GLY HA2  H N N 134 
GLY HA3  H N N 135 
GLY HXT  H N N 136 
HIS N    N N N 137 
HIS CA   C N S 138 
HIS C    C N N 139 
HIS O    O N N 140 
HIS CB   C N N 141 
HIS CG   C Y N 142 
HIS ND1  N Y N 143 
HIS CD2  C Y N 144 
HIS CE1  C Y N 145 
HIS NE2  N Y N 146 
HIS OXT  O N N 147 
HIS H    H N N 148 
HIS H2   H N N 149 
HIS HA   H N N 150 
HIS HB2  H N N 151 
HIS HB3  H N N 152 
HIS HD1  H N N 153 
HIS HD2  H N N 154 
HIS HE1  H N N 155 
HIS HE2  H N N 156 
HIS HXT  H N N 157 
HOH O    O N N 158 
HOH H1   H N N 159 
HOH H2   H N N 160 
ILE N    N N N 161 
ILE CA   C N S 162 
ILE C    C N N 163 
ILE O    O N N 164 
ILE CB   C N S 165 
ILE CG1  C N N 166 
ILE CG2  C N N 167 
ILE CD1  C N N 168 
ILE OXT  O N N 169 
ILE H    H N N 170 
ILE H2   H N N 171 
ILE HA   H N N 172 
ILE HB   H N N 173 
ILE HG12 H N N 174 
ILE HG13 H N N 175 
ILE HG21 H N N 176 
ILE HG22 H N N 177 
ILE HG23 H N N 178 
ILE HD11 H N N 179 
ILE HD12 H N N 180 
ILE HD13 H N N 181 
ILE HXT  H N N 182 
LEU N    N N N 183 
LEU CA   C N S 184 
LEU C    C N N 185 
LEU O    O N N 186 
LEU CB   C N N 187 
LEU CG   C N N 188 
LEU CD1  C N N 189 
LEU CD2  C N N 190 
LEU OXT  O N N 191 
LEU H    H N N 192 
LEU H2   H N N 193 
LEU HA   H N N 194 
LEU HB2  H N N 195 
LEU HB3  H N N 196 
LEU HG   H N N 197 
LEU HD11 H N N 198 
LEU HD12 H N N 199 
LEU HD13 H N N 200 
LEU HD21 H N N 201 
LEU HD22 H N N 202 
LEU HD23 H N N 203 
LEU HXT  H N N 204 
LYS N    N N N 205 
LYS CA   C N S 206 
LYS C    C N N 207 
LYS O    O N N 208 
LYS CB   C N N 209 
LYS CG   C N N 210 
LYS CD   C N N 211 
LYS CE   C N N 212 
LYS NZ   N N N 213 
LYS OXT  O N N 214 
LYS H    H N N 215 
LYS H2   H N N 216 
LYS HA   H N N 217 
LYS HB2  H N N 218 
LYS HB3  H N N 219 
LYS HG2  H N N 220 
LYS HG3  H N N 221 
LYS HD2  H N N 222 
LYS HD3  H N N 223 
LYS HE2  H N N 224 
LYS HE3  H N N 225 
LYS HZ1  H N N 226 
LYS HZ2  H N N 227 
LYS HZ3  H N N 228 
LYS HXT  H N N 229 
MET N    N N N 230 
MET CA   C N S 231 
MET C    C N N 232 
MET O    O N N 233 
MET CB   C N N 234 
MET CG   C N N 235 
MET SD   S N N 236 
MET CE   C N N 237 
MET OXT  O N N 238 
MET H    H N N 239 
MET H2   H N N 240 
MET HA   H N N 241 
MET HB2  H N N 242 
MET HB3  H N N 243 
MET HG2  H N N 244 
MET HG3  H N N 245 
MET HE1  H N N 246 
MET HE2  H N N 247 
MET HE3  H N N 248 
MET HXT  H N N 249 
PHE N    N N N 250 
PHE CA   C N S 251 
PHE C    C N N 252 
PHE O    O N N 253 
PHE CB   C N N 254 
PHE CG   C Y N 255 
PHE CD1  C Y N 256 
PHE CD2  C Y N 257 
PHE CE1  C Y N 258 
PHE CE2  C Y N 259 
PHE CZ   C Y N 260 
PHE OXT  O N N 261 
PHE H    H N N 262 
PHE H2   H N N 263 
PHE HA   H N N 264 
PHE HB2  H N N 265 
PHE HB3  H N N 266 
PHE HD1  H N N 267 
PHE HD2  H N N 268 
PHE HE1  H N N 269 
PHE HE2  H N N 270 
PHE HZ   H N N 271 
PHE HXT  H N N 272 
PRO N    N N N 273 
PRO CA   C N S 274 
PRO C    C N N 275 
PRO O    O N N 276 
PRO CB   C N N 277 
PRO CG   C N N 278 
PRO CD   C N N 279 
PRO OXT  O N N 280 
PRO H    H N N 281 
PRO HA   H N N 282 
PRO HB2  H N N 283 
PRO HB3  H N N 284 
PRO HG2  H N N 285 
PRO HG3  H N N 286 
PRO HD2  H N N 287 
PRO HD3  H N N 288 
PRO HXT  H N N 289 
SER N    N N N 290 
SER CA   C N S 291 
SER C    C N N 292 
SER O    O N N 293 
SER CB   C N N 294 
SER OG   O N N 295 
SER OXT  O N N 296 
SER H    H N N 297 
SER H2   H N N 298 
SER HA   H N N 299 
SER HB2  H N N 300 
SER HB3  H N N 301 
SER HG   H N N 302 
SER HXT  H N N 303 
THR N    N N N 304 
THR CA   C N S 305 
THR C    C N N 306 
THR O    O N N 307 
THR CB   C N R 308 
THR OG1  O N N 309 
THR CG2  C N N 310 
THR OXT  O N N 311 
THR H    H N N 312 
THR H2   H N N 313 
THR HA   H N N 314 
THR HB   H N N 315 
THR HG1  H N N 316 
THR HG21 H N N 317 
THR HG22 H N N 318 
THR HG23 H N N 319 
THR HXT  H N N 320 
TRP N    N N N 321 
TRP CA   C N S 322 
TRP C    C N N 323 
TRP O    O N N 324 
TRP CB   C N N 325 
TRP CG   C Y N 326 
TRP CD1  C Y N 327 
TRP CD2  C Y N 328 
TRP NE1  N Y N 329 
TRP CE2  C Y N 330 
TRP CE3  C Y N 331 
TRP CZ2  C Y N 332 
TRP CZ3  C Y N 333 
TRP CH2  C Y N 334 
TRP OXT  O N N 335 
TRP H    H N N 336 
TRP H2   H N N 337 
TRP HA   H N N 338 
TRP HB2  H N N 339 
TRP HB3  H N N 340 
TRP HD1  H N N 341 
TRP HE1  H N N 342 
TRP HE3  H N N 343 
TRP HZ2  H N N 344 
TRP HZ3  H N N 345 
TRP HH2  H N N 346 
TRP HXT  H N N 347 
TYR N    N N N 348 
TYR CA   C N S 349 
TYR C    C N N 350 
TYR O    O N N 351 
TYR CB   C N N 352 
TYR CG   C Y N 353 
TYR CD1  C Y N 354 
TYR CD2  C Y N 355 
TYR CE1  C Y N 356 
TYR CE2  C Y N 357 
TYR CZ   C Y N 358 
TYR OH   O N N 359 
TYR OXT  O N N 360 
TYR H    H N N 361 
TYR H2   H N N 362 
TYR HA   H N N 363 
TYR HB2  H N N 364 
TYR HB3  H N N 365 
TYR HD1  H N N 366 
TYR HD2  H N N 367 
TYR HE1  H N N 368 
TYR HE2  H N N 369 
TYR HH   H N N 370 
TYR HXT  H N N 371 
VAL N    N N N 372 
VAL CA   C N S 373 
VAL C    C N N 374 
VAL O    O N N 375 
VAL CB   C N N 376 
VAL CG1  C N N 377 
VAL CG2  C N N 378 
VAL OXT  O N N 379 
VAL H    H N N 380 
VAL H2   H N N 381 
VAL HA   H N N 382 
VAL HB   H N N 383 
VAL HG11 H N N 384 
VAL HG12 H N N 385 
VAL HG13 H N N 386 
VAL HG21 H N N 387 
VAL HG22 H N N 388 
VAL HG23 H N N 389 
VAL HXT  H N N 390 
# 
loop_
_chem_comp_bond.comp_id 
_chem_comp_bond.atom_id_1 
_chem_comp_bond.atom_id_2 
_chem_comp_bond.value_order 
_chem_comp_bond.pdbx_aromatic_flag 
_chem_comp_bond.pdbx_stereo_config 
_chem_comp_bond.pdbx_ordinal 
ALA N   CA   sing N N 1   
ALA N   H    sing N N 2   
ALA N   H2   sing N N 3   
ALA CA  C    sing N N 4   
ALA CA  CB   sing N N 5   
ALA CA  HA   sing N N 6   
ALA C   O    doub N N 7   
ALA C   OXT  sing N N 8   
ALA CB  HB1  sing N N 9   
ALA CB  HB2  sing N N 10  
ALA CB  HB3  sing N N 11  
ALA OXT HXT  sing N N 12  
ARG N   CA   sing N N 13  
ARG N   H    sing N N 14  
ARG N   H2   sing N N 15  
ARG CA  C    sing N N 16  
ARG CA  CB   sing N N 17  
ARG CA  HA   sing N N 18  
ARG C   O    doub N N 19  
ARG C   OXT  sing N N 20  
ARG CB  CG   sing N N 21  
ARG CB  HB2  sing N N 22  
ARG CB  HB3  sing N N 23  
ARG CG  CD   sing N N 24  
ARG CG  HG2  sing N N 25  
ARG CG  HG3  sing N N 26  
ARG CD  NE   sing N N 27  
ARG CD  HD2  sing N N 28  
ARG CD  HD3  sing N N 29  
ARG NE  CZ   sing N N 30  
ARG NE  HE   sing N N 31  
ARG CZ  NH1  sing N N 32  
ARG CZ  NH2  doub N N 33  
ARG NH1 HH11 sing N N 34  
ARG NH1 HH12 sing N N 35  
ARG NH2 HH21 sing N N 36  
ARG NH2 HH22 sing N N 37  
ARG OXT HXT  sing N N 38  
ASN N   CA   sing N N 39  
ASN N   H    sing N N 40  
ASN N   H2   sing N N 41  
ASN CA  C    sing N N 42  
ASN CA  CB   sing N N 43  
ASN CA  HA   sing N N 44  
ASN C   O    doub N N 45  
ASN C   OXT  sing N N 46  
ASN CB  CG   sing N N 47  
ASN CB  HB2  sing N N 48  
ASN CB  HB3  sing N N 49  
ASN CG  OD1  doub N N 50  
ASN CG  ND2  sing N N 51  
ASN ND2 HD21 sing N N 52  
ASN ND2 HD22 sing N N 53  
ASN OXT HXT  sing N N 54  
ASP N   CA   sing N N 55  
ASP N   H    sing N N 56  
ASP N   H2   sing N N 57  
ASP CA  C    sing N N 58  
ASP CA  CB   sing N N 59  
ASP CA  HA   sing N N 60  
ASP C   O    doub N N 61  
ASP C   OXT  sing N N 62  
ASP CB  CG   sing N N 63  
ASP CB  HB2  sing N N 64  
ASP CB  HB3  sing N N 65  
ASP CG  OD1  doub N N 66  
ASP CG  OD2  sing N N 67  
ASP OD2 HD2  sing N N 68  
ASP OXT HXT  sing N N 69  
CYS N   CA   sing N N 70  
CYS N   H    sing N N 71  
CYS N   H2   sing N N 72  
CYS CA  C    sing N N 73  
CYS CA  CB   sing N N 74  
CYS CA  HA   sing N N 75  
CYS C   O    doub N N 76  
CYS C   OXT  sing N N 77  
CYS CB  SG   sing N N 78  
CYS CB  HB2  sing N N 79  
CYS CB  HB3  sing N N 80  
CYS SG  HG   sing N N 81  
CYS OXT HXT  sing N N 82  
GLN N   CA   sing N N 83  
GLN N   H    sing N N 84  
GLN N   H2   sing N N 85  
GLN CA  C    sing N N 86  
GLN CA  CB   sing N N 87  
GLN CA  HA   sing N N 88  
GLN C   O    doub N N 89  
GLN C   OXT  sing N N 90  
GLN CB  CG   sing N N 91  
GLN CB  HB2  sing N N 92  
GLN CB  HB3  sing N N 93  
GLN CG  CD   sing N N 94  
GLN CG  HG2  sing N N 95  
GLN CG  HG3  sing N N 96  
GLN CD  OE1  doub N N 97  
GLN CD  NE2  sing N N 98  
GLN NE2 HE21 sing N N 99  
GLN NE2 HE22 sing N N 100 
GLN OXT HXT  sing N N 101 
GLU N   CA   sing N N 102 
GLU N   H    sing N N 103 
GLU N   H2   sing N N 104 
GLU CA  C    sing N N 105 
GLU CA  CB   sing N N 106 
GLU CA  HA   sing N N 107 
GLU C   O    doub N N 108 
GLU C   OXT  sing N N 109 
GLU CB  CG   sing N N 110 
GLU CB  HB2  sing N N 111 
GLU CB  HB3  sing N N 112 
GLU CG  CD   sing N N 113 
GLU CG  HG2  sing N N 114 
GLU CG  HG3  sing N N 115 
GLU CD  OE1  doub N N 116 
GLU CD  OE2  sing N N 117 
GLU OE2 HE2  sing N N 118 
GLU OXT HXT  sing N N 119 
GLY N   CA   sing N N 120 
GLY N   H    sing N N 121 
GLY N   H2   sing N N 122 
GLY CA  C    sing N N 123 
GLY CA  HA2  sing N N 124 
GLY CA  HA3  sing N N 125 
GLY C   O    doub N N 126 
GLY C   OXT  sing N N 127 
GLY OXT HXT  sing N N 128 
HIS N   CA   sing N N 129 
HIS N   H    sing N N 130 
HIS N   H2   sing N N 131 
HIS CA  C    sing N N 132 
HIS CA  CB   sing N N 133 
HIS CA  HA   sing N N 134 
HIS C   O    doub N N 135 
HIS C   OXT  sing N N 136 
HIS CB  CG   sing N N 137 
HIS CB  HB2  sing N N 138 
HIS CB  HB3  sing N N 139 
HIS CG  ND1  sing Y N 140 
HIS CG  CD2  doub Y N 141 
HIS ND1 CE1  doub Y N 142 
HIS ND1 HD1  sing N N 143 
HIS CD2 NE2  sing Y N 144 
HIS CD2 HD2  sing N N 145 
HIS CE1 NE2  sing Y N 146 
HIS CE1 HE1  sing N N 147 
HIS NE2 HE2  sing N N 148 
HIS OXT HXT  sing N N 149 
HOH O   H1   sing N N 150 
HOH O   H2   sing N N 151 
ILE N   CA   sing N N 152 
ILE N   H    sing N N 153 
ILE N   H2   sing N N 154 
ILE CA  C    sing N N 155 
ILE CA  CB   sing N N 156 
ILE CA  HA   sing N N 157 
ILE C   O    doub N N 158 
ILE C   OXT  sing N N 159 
ILE CB  CG1  sing N N 160 
ILE CB  CG2  sing N N 161 
ILE CB  HB   sing N N 162 
ILE CG1 CD1  sing N N 163 
ILE CG1 HG12 sing N N 164 
ILE CG1 HG13 sing N N 165 
ILE CG2 HG21 sing N N 166 
ILE CG2 HG22 sing N N 167 
ILE CG2 HG23 sing N N 168 
ILE CD1 HD11 sing N N 169 
ILE CD1 HD12 sing N N 170 
ILE CD1 HD13 sing N N 171 
ILE OXT HXT  sing N N 172 
LEU N   CA   sing N N 173 
LEU N   H    sing N N 174 
LEU N   H2   sing N N 175 
LEU CA  C    sing N N 176 
LEU CA  CB   sing N N 177 
LEU CA  HA   sing N N 178 
LEU C   O    doub N N 179 
LEU C   OXT  sing N N 180 
LEU CB  CG   sing N N 181 
LEU CB  HB2  sing N N 182 
LEU CB  HB3  sing N N 183 
LEU CG  CD1  sing N N 184 
LEU CG  CD2  sing N N 185 
LEU CG  HG   sing N N 186 
LEU CD1 HD11 sing N N 187 
LEU CD1 HD12 sing N N 188 
LEU CD1 HD13 sing N N 189 
LEU CD2 HD21 sing N N 190 
LEU CD2 HD22 sing N N 191 
LEU CD2 HD23 sing N N 192 
LEU OXT HXT  sing N N 193 
LYS N   CA   sing N N 194 
LYS N   H    sing N N 195 
LYS N   H2   sing N N 196 
LYS CA  C    sing N N 197 
LYS CA  CB   sing N N 198 
LYS CA  HA   sing N N 199 
LYS C   O    doub N N 200 
LYS C   OXT  sing N N 201 
LYS CB  CG   sing N N 202 
LYS CB  HB2  sing N N 203 
LYS CB  HB3  sing N N 204 
LYS CG  CD   sing N N 205 
LYS CG  HG2  sing N N 206 
LYS CG  HG3  sing N N 207 
LYS CD  CE   sing N N 208 
LYS CD  HD2  sing N N 209 
LYS CD  HD3  sing N N 210 
LYS CE  NZ   sing N N 211 
LYS CE  HE2  sing N N 212 
LYS CE  HE3  sing N N 213 
LYS NZ  HZ1  sing N N 214 
LYS NZ  HZ2  sing N N 215 
LYS NZ  HZ3  sing N N 216 
LYS OXT HXT  sing N N 217 
MET N   CA   sing N N 218 
MET N   H    sing N N 219 
MET N   H2   sing N N 220 
MET CA  C    sing N N 221 
MET CA  CB   sing N N 222 
MET CA  HA   sing N N 223 
MET C   O    doub N N 224 
MET C   OXT  sing N N 225 
MET CB  CG   sing N N 226 
MET CB  HB2  sing N N 227 
MET CB  HB3  sing N N 228 
MET CG  SD   sing N N 229 
MET CG  HG2  sing N N 230 
MET CG  HG3  sing N N 231 
MET SD  CE   sing N N 232 
MET CE  HE1  sing N N 233 
MET CE  HE2  sing N N 234 
MET CE  HE3  sing N N 235 
MET OXT HXT  sing N N 236 
PHE N   CA   sing N N 237 
PHE N   H    sing N N 238 
PHE N   H2   sing N N 239 
PHE CA  C    sing N N 240 
PHE CA  CB   sing N N 241 
PHE CA  HA   sing N N 242 
PHE C   O    doub N N 243 
PHE C   OXT  sing N N 244 
PHE CB  CG   sing N N 245 
PHE CB  HB2  sing N N 246 
PHE CB  HB3  sing N N 247 
PHE CG  CD1  doub Y N 248 
PHE CG  CD2  sing Y N 249 
PHE CD1 CE1  sing Y N 250 
PHE CD1 HD1  sing N N 251 
PHE CD2 CE2  doub Y N 252 
PHE CD2 HD2  sing N N 253 
PHE CE1 CZ   doub Y N 254 
PHE CE1 HE1  sing N N 255 
PHE CE2 CZ   sing Y N 256 
PHE CE2 HE2  sing N N 257 
PHE CZ  HZ   sing N N 258 
PHE OXT HXT  sing N N 259 
PRO N   CA   sing N N 260 
PRO N   CD   sing N N 261 
PRO N   H    sing N N 262 
PRO CA  C    sing N N 263 
PRO CA  CB   sing N N 264 
PRO CA  HA   sing N N 265 
PRO C   O    doub N N 266 
PRO C   OXT  sing N N 267 
PRO CB  CG   sing N N 268 
PRO CB  HB2  sing N N 269 
PRO CB  HB3  sing N N 270 
PRO CG  CD   sing N N 271 
PRO CG  HG2  sing N N 272 
PRO CG  HG3  sing N N 273 
PRO CD  HD2  sing N N 274 
PRO CD  HD3  sing N N 275 
PRO OXT HXT  sing N N 276 
SER N   CA   sing N N 277 
SER N   H    sing N N 278 
SER N   H2   sing N N 279 
SER CA  C    sing N N 280 
SER CA  CB   sing N N 281 
SER CA  HA   sing N N 282 
SER C   O    doub N N 283 
SER C   OXT  sing N N 284 
SER CB  OG   sing N N 285 
SER CB  HB2  sing N N 286 
SER CB  HB3  sing N N 287 
SER OG  HG   sing N N 288 
SER OXT HXT  sing N N 289 
THR N   CA   sing N N 290 
THR N   H    sing N N 291 
THR N   H2   sing N N 292 
THR CA  C    sing N N 293 
THR CA  CB   sing N N 294 
THR CA  HA   sing N N 295 
THR C   O    doub N N 296 
THR C   OXT  sing N N 297 
THR CB  OG1  sing N N 298 
THR CB  CG2  sing N N 299 
THR CB  HB   sing N N 300 
THR OG1 HG1  sing N N 301 
THR CG2 HG21 sing N N 302 
THR CG2 HG22 sing N N 303 
THR CG2 HG23 sing N N 304 
THR OXT HXT  sing N N 305 
TRP N   CA   sing N N 306 
TRP N   H    sing N N 307 
TRP N   H2   sing N N 308 
TRP CA  C    sing N N 309 
TRP CA  CB   sing N N 310 
TRP CA  HA   sing N N 311 
TRP C   O    doub N N 312 
TRP C   OXT  sing N N 313 
TRP CB  CG   sing N N 314 
TRP CB  HB2  sing N N 315 
TRP CB  HB3  sing N N 316 
TRP CG  CD1  doub Y N 317 
TRP CG  CD2  sing Y N 318 
TRP CD1 NE1  sing Y N 319 
TRP CD1 HD1  sing N N 320 
TRP CD2 CE2  doub Y N 321 
TRP CD2 CE3  sing Y N 322 
TRP NE1 CE2  sing Y N 323 
TRP NE1 HE1  sing N N 324 
TRP CE2 CZ2  sing Y N 325 
TRP CE3 CZ3  doub Y N 326 
TRP CE3 HE3  sing N N 327 
TRP CZ2 CH2  doub Y N 328 
TRP CZ2 HZ2  sing N N 329 
TRP CZ3 CH2  sing Y N 330 
TRP CZ3 HZ3  sing N N 331 
TRP CH2 HH2  sing N N 332 
TRP OXT HXT  sing N N 333 
TYR N   CA   sing N N 334 
TYR N   H    sing N N 335 
TYR N   H2   sing N N 336 
TYR CA  C    sing N N 337 
TYR CA  CB   sing N N 338 
TYR CA  HA   sing N N 339 
TYR C   O    doub N N 340 
TYR C   OXT  sing N N 341 
TYR CB  CG   sing N N 342 
TYR CB  HB2  sing N N 343 
TYR CB  HB3  sing N N 344 
TYR CG  CD1  doub Y N 345 
TYR CG  CD2  sing Y N 346 
TYR CD1 CE1  sing Y N 347 
TYR CD1 HD1  sing N N 348 
TYR CD2 CE2  doub Y N 349 
TYR CD2 HD2  sing N N 350 
TYR CE1 CZ   doub Y N 351 
TYR CE1 HE1  sing N N 352 
TYR CE2 CZ   sing Y N 353 
TYR CE2 HE2  sing N N 354 
TYR CZ  OH   sing N N 355 
TYR OH  HH   sing N N 356 
TYR OXT HXT  sing N N 357 
VAL N   CA   sing N N 358 
VAL N   H    sing N N 359 
VAL N   H2   sing N N 360 
VAL CA  C    sing N N 361 
VAL CA  CB   sing N N 362 
VAL CA  HA   sing N N 363 
VAL C   O    doub N N 364 
VAL C   OXT  sing N N 365 
VAL CB  CG1  sing N N 366 
VAL CB  CG2  sing N N 367 
VAL CB  HB   sing N N 368 
VAL CG1 HG11 sing N N 369 
VAL CG1 HG12 sing N N 370 
VAL CG1 HG13 sing N N 371 
VAL CG2 HG21 sing N N 372 
VAL CG2 HG22 sing N N 373 
VAL CG2 HG23 sing N N 374 
VAL OXT HXT  sing N N 375 
# 
_pdbx_entity_nonpoly.entity_id   2 
_pdbx_entity_nonpoly.name        water 
_pdbx_entity_nonpoly.comp_id     HOH 
# 
_pdbx_initial_refinement_model.id               1 
_pdbx_initial_refinement_model.entity_id_list   ? 
_pdbx_initial_refinement_model.type             'experimental model' 
_pdbx_initial_refinement_model.source_name      PDB 
_pdbx_initial_refinement_model.accession_code   6NIW 
_pdbx_initial_refinement_model.details          ? 
# 
_pdbx_struct_assembly_auth_evidence.id                     1 
_pdbx_struct_assembly_auth_evidence.assembly_id            1 
_pdbx_struct_assembly_auth_evidence.experimental_support   'gel filtration' 
_pdbx_struct_assembly_auth_evidence.details                ? 
# 
